data_6Y0C
#
_entry.id   6Y0C
#
_cell.length_a   1.00
_cell.length_b   1.00
_cell.length_c   1.00
_cell.angle_alpha   90.00
_cell.angle_beta   90.00
_cell.angle_gamma   90.00
#
_symmetry.space_group_name_H-M   'P 1'
#
loop_
_entity.id
_entity.type
_entity.pdbx_description
1 polymer 'Polymerase acidic protein'
2 polymer 'RNA-directed RNA polymerase catalytic subunit'
3 polymer 'Polymerase basic protein 2'
4 polymer "RNA (5'-R(*AP*GP*UP*AP*GP*AP*AP*AP*CP*AP*AP*GP*GP*GP*CP*CP*UP*UP*UP*U)-3')"
#
loop_
_entity_poly.entity_id
_entity_poly.type
_entity_poly.pdbx_seq_one_letter_code
_entity_poly.pdbx_strand_id
1 'polypeptide(L)'
;MSKTFAEIAEAFLEPEAVRIAKEAVEEYGDHERKIIQIGIHFQVCCMFCDEYLSTNGSDRFVLIEGRKRGTAVSLQNELC
KSYDLEPLPFLCDIFDREEKQFVEIGITRKADDSYFQSKFGKLGNSCKIFVFSYDGRLDKNCEGPMEEQKLRIFSFLATA
ADFLRKENMFNEIFLPDNEETIIEMKKGKTFLELRDESVPLPFQTYEQMKDYCEKFKGNPRELASKVSQMQSNIKLPIKH
YEQNKFRQIRLPKGPMAPYTHKFLMEEAWMFTKISDPERSRAGEILIDFFKKGNLSAIRPKDKPLQGKYPIHYKNLWNQI
KAAIADRTMVINENDHSEFLGGIGRASKKIPEISLTQDVITTEGLKQSENKLPEPRSFPRWFNAEWMWAIKDSDLTGWVP
MAEYPPADNELEDYAEHLNKTMEGVLQGTNCAREMGKCILTVGALMTECRLFPGKIKVVPIYARSKERKSMQEGLPVPSE
MDCLFGICVKSKSHLNKDDGMYTIITFEFSIREPNLEKHQKYTVFEAGHTTVRMKKGESVIGREVPLYLYCRTTALSKIK
NDWLSKARRCFITTMDTVETICLRESAKAEENLVEKTLNEKQMWIGKKNGELIAQPLREALRVQLVQQFYFCIYNDSQLE
GFCNEQKKILMALEGDKKNKSSFGFNPEGLLEKIEECLINNPMCLFMAQRLNELVIEASKRGAKFFKTD
;
A
2 'polypeptide(L)'
;MEINPYLMFLNNDVTSLISTTYPYTGPPPMSHGSSTKYTLETIKRTYDYSRTSVEKTSKVFNIPRRKFCNCLEDKDELVK
PTGNVDISSLLGLAEMMEKRMGEGFFKHCVMEAETEILKMHFSRLTEGRQTYDWTSERNMPAATALQLTVDAIKETEGPF
KGTTMLEYCNKMIEMLDWKEIKFKKVKTVVRREKDKRSGKEIKTKVPVMGIDSIKHDEFLIRALTINTMAKDGERGKLQR
RAIATPGMIVRPFSKIVETVAQKICEKLKESGLPVGGNEKKAKLKTTVTSLNARMNSDQFAVNITGDNSKWNECQQPEAY
LALLAYITKDSSDLMKDLCSVAPVLFCNKFVKLGQGIRLSNKRKTKEVIIKAEKMGKYKNLMREEYKNLFEPLEKYIQKD
VCFLPGGMLMGMFNMLSTVLGVSTLCYMDEELKAKGCFWTGLQSSDDFVLFAVASNWSNIHWTIRRFNAVCKLIGINMSL
EKSYGSLPELFEFTSMFFDGEFVSNLAMELPAFTTAGVNEGVDFTAAMSIIKTNMINNSLSPSTALMALRICLQEFRATY
RVHPWDSRVKGGRMKIINEFIKTIENKDGLLIADGGKLMNNISTLHIPEEVLKFEKMDEQYRNRVFNPKNPFTNFDKTID
IFRAHGPIRVEENEAVVSTHSFRTRANRTLLNTDMRAMMAEEKRYQMVCDMFKSVFESADINPPIGAMSIGEAIEEKLLE
RAKMKRDIGAIEDSEYEEIKDIIRDAKKARLESR
;
B
3 'polypeptide(L)'
;MSLLLTIAKEYKRLCQDAKAAQMMTVGTVSNYTTFKKWTTSRKEKNPSLRMRWAMSSKFPIIANKRMLEEAQIPKEHNNV
ALWEDTEDVSKRDHVLASASCINYWNFCGPCVNNSEVIKEVYKSRFGRLERRKEIMWKELRFTLVDRQRRRVDTQPVEQR
LRTGEIKDLQMWTLFEDEAPLASKFILDNYGLVKEMRSKFANKPLNKEVVAHMLEKQFNPESRFLPVFGAIRPERMELIH
ALGGETWIQEANTAGISNVDQRKNDIRAVCRKVCLAANASIMNAKSKLVEYIKSTSMRIGETERKLEELILETDDVSPEV
TLCKSALGGQLGKTLSFGPMLLKKISGSGVKVKDTVYIQGVRAVQFEYWSEQEEFYGEYKSATALFSRKERSLEWITIGG
GINEDRKRLLAMCMIFCRDGDYFKDAPATITMADLSTKLGREIPYQYVMMNWIQKSEDNLEALLYSRGIVETNPGKMGSS
MGIDGSKRAIKSLRAVTIQSGKIDMPESKEKIHLELSDNLEAFDSSGRIVATILDLPSDKKVTFQDVSFQHPDLAVLRDE
KTAITKGYEALIKRLGTGDNDIPSLIAKKDYLSLYNLPEVKLMAPLIRPNRKGVYSRVARKLVSTQVTTGHYSLHELIKV
LPFTYFAPKQGMFEGRLFFSNDSFVEPGVNNNVFSWSKADSSKIYCHGIAIRVPLVVGDEHMDTSLALLEGFSVCENDPR
APMVTRQDLIDVGFGQKVRLFVGQGSVRTFKRTASQRAASSDVNKNVKKIKMSNENLYFQGELKTAALAQHDEAVDNKFN
KEQQNAFYEILHLPNLNEEQRNAFIQSLKDDPSQSANLLAEAKKLNDAQAPKVDNKFNKEQQNAFYEILHLPNLNEEQRN
AFIQSLKADPSQSANLLAEAKKLNGAQAPKVDANSAGKST
;
C
4 'polyribonucleotide' AGUAGAAACAAGGGUAUUUUUCUUUACUAGUCUACCCUGCUUUUGCU IN1
#
loop_
_chem_comp.id
_chem_comp.type
_chem_comp.name
_chem_comp.formula
A RNA linking ADENOSINE-5'-MONOPHOSPHATE 'C10 H14 N5 O7 P'
C RNA linking CYTIDINE-5'-MONOPHOSPHATE 'C9 H14 N3 O8 P'
G RNA linking GUANOSINE-5'-MONOPHOSPHATE 'C10 H14 N5 O8 P'
U RNA linking URIDINE-5'-MONOPHOSPHATE 'C9 H13 N2 O9 P'
#
# COMPACT_ATOMS: atom_id res chain seq x y z
N SER A 2 -3.47 -16.27 6.27
CA SER A 2 -2.19 -16.94 6.05
C SER A 2 -1.15 -16.47 7.07
N LYS A 3 -1.62 -15.83 8.13
CA LYS A 3 -0.74 -15.34 9.17
C LYS A 3 -0.24 -16.43 10.09
N THR A 4 -0.91 -17.58 10.13
CA THR A 4 -0.48 -18.70 10.95
C THR A 4 -0.22 -19.91 10.05
N PHE A 5 0.61 -20.82 10.57
CA PHE A 5 1.06 -21.95 9.76
C PHE A 5 -0.12 -22.82 9.31
N ALA A 6 -1.13 -22.96 10.17
CA ALA A 6 -2.25 -23.83 9.83
C ALA A 6 -2.90 -23.42 8.52
N GLU A 7 -3.02 -22.11 8.28
CA GLU A 7 -3.60 -21.67 7.03
C GLU A 7 -2.71 -22.04 5.85
N ILE A 8 -1.40 -21.94 6.03
CA ILE A 8 -0.50 -22.27 4.93
C ILE A 8 -0.58 -23.76 4.62
N ALA A 9 -0.78 -24.58 5.65
CA ALA A 9 -0.91 -26.00 5.42
C ALA A 9 -2.24 -26.33 4.76
N GLU A 10 -3.30 -25.64 5.14
CA GLU A 10 -4.60 -25.86 4.51
C GLU A 10 -4.59 -25.46 3.04
N ALA A 11 -3.59 -24.72 2.59
CA ALA A 11 -3.54 -24.30 1.20
C ALA A 11 -3.45 -25.50 0.27
N PHE A 12 -2.67 -26.51 0.64
CA PHE A 12 -2.56 -27.75 -0.11
C PHE A 12 -3.00 -28.96 0.67
N LEU A 13 -2.60 -29.07 1.93
CA LEU A 13 -3.03 -30.18 2.77
C LEU A 13 -4.50 -30.03 3.13
N GLU A 14 -5.16 -31.17 3.27
CA GLU A 14 -6.54 -31.15 3.71
C GLU A 14 -6.59 -30.71 5.17
N PRO A 15 -7.61 -29.95 5.57
CA PRO A 15 -7.60 -29.38 6.93
C PRO A 15 -7.62 -30.43 8.01
N GLU A 16 -8.16 -31.61 7.70
CA GLU A 16 -8.24 -32.68 8.68
C GLU A 16 -6.83 -33.09 9.13
N ALA A 17 -5.95 -33.34 8.16
CA ALA A 17 -4.58 -33.70 8.50
C ALA A 17 -3.89 -32.58 9.25
N VAL A 18 -4.25 -31.34 8.97
CA VAL A 18 -3.71 -30.22 9.73
C VAL A 18 -4.11 -30.35 11.19
N ARG A 19 -5.40 -30.53 11.45
CA ARG A 19 -5.86 -30.69 12.83
C ARG A 19 -5.16 -31.85 13.50
N ILE A 20 -4.97 -32.94 12.77
CA ILE A 20 -4.32 -34.12 13.34
C ILE A 20 -2.90 -33.79 13.76
N ALA A 21 -2.11 -33.25 12.84
CA ALA A 21 -0.72 -32.93 13.15
C ALA A 21 -0.64 -31.89 14.25
N LYS A 22 -1.61 -30.99 14.34
CA LYS A 22 -1.63 -30.00 15.39
C LYS A 22 -1.81 -30.66 16.75
N GLU A 23 -2.83 -31.52 16.86
CA GLU A 23 -3.03 -32.27 18.09
C GLU A 23 -1.77 -33.05 18.46
N ALA A 24 -1.13 -33.64 17.46
CA ALA A 24 0.07 -34.43 17.71
C ALA A 24 1.18 -33.57 18.28
N VAL A 25 1.39 -32.38 17.69
CA VAL A 25 2.43 -31.49 18.18
C VAL A 25 2.11 -31.06 19.60
N GLU A 26 0.84 -30.76 19.87
CA GLU A 26 0.46 -30.36 21.21
C GLU A 26 0.73 -31.45 22.22
N GLU A 27 0.42 -32.71 21.87
CA GLU A 27 0.68 -33.82 22.76
C GLU A 27 2.17 -33.98 23.01
N TYR A 28 2.97 -33.95 21.95
CA TYR A 28 4.42 -34.02 22.14
C TYR A 28 4.95 -32.75 22.81
N GLY A 29 4.39 -31.60 22.46
CA GLY A 29 4.87 -30.35 22.99
C GLY A 29 5.91 -29.65 22.14
N ASP A 30 6.14 -30.12 20.92
CA ASP A 30 7.13 -29.50 20.05
C ASP A 30 6.57 -28.25 19.39
N HIS A 31 7.47 -27.49 18.77
CA HIS A 31 7.08 -26.31 18.03
C HIS A 31 5.97 -26.65 17.04
N GLU A 32 5.15 -25.64 16.72
CA GLU A 32 4.08 -25.82 15.76
C GLU A 32 4.55 -25.60 14.33
N ARG A 33 5.77 -25.09 14.16
CA ARG A 33 6.36 -24.97 12.83
C ARG A 33 6.36 -26.29 12.08
N LYS A 34 6.26 -27.42 12.78
CA LYS A 34 6.29 -28.73 12.15
C LYS A 34 4.92 -29.23 11.77
N ILE A 35 3.88 -28.40 11.93
CA ILE A 35 2.54 -28.85 11.56
C ILE A 35 2.51 -29.24 10.11
N ILE A 36 3.40 -28.68 9.31
CA ILE A 36 3.42 -28.98 7.90
C ILE A 36 4.05 -30.33 7.65
N GLN A 37 5.22 -30.57 8.22
CA GLN A 37 5.95 -31.78 7.88
C GLN A 37 5.15 -33.00 8.29
N ILE A 38 4.67 -33.02 9.52
CA ILE A 38 3.93 -34.17 9.99
C ILE A 38 2.68 -34.35 9.17
N GLY A 39 1.97 -33.24 8.90
CA GLY A 39 0.80 -33.34 8.07
C GLY A 39 1.09 -34.01 6.76
N ILE A 40 2.21 -33.64 6.13
CA ILE A 40 2.54 -34.22 4.84
C ILE A 40 2.72 -35.71 5.00
N HIS A 41 3.44 -36.12 6.04
CA HIS A 41 3.68 -37.53 6.26
C HIS A 41 2.36 -38.25 6.46
N PHE A 42 1.47 -37.68 7.27
CA PHE A 42 0.21 -38.37 7.50
C PHE A 42 -0.58 -38.48 6.21
N GLN A 43 -0.59 -37.42 5.41
CA GLN A 43 -1.36 -37.49 4.18
C GLN A 43 -0.79 -38.57 3.29
N VAL A 44 0.54 -38.66 3.24
CA VAL A 44 1.16 -39.64 2.36
C VAL A 44 0.70 -41.03 2.76
N CYS A 45 0.63 -41.30 4.06
CA CYS A 45 0.18 -42.63 4.48
C CYS A 45 -1.26 -42.88 4.10
N CYS A 46 -2.15 -41.92 4.33
CA CYS A 46 -3.56 -42.19 4.04
C CYS A 46 -3.76 -42.38 2.54
N MET A 47 -3.19 -41.48 1.76
CA MET A 47 -3.27 -41.62 0.32
C MET A 47 -2.52 -42.86 -0.11
N PHE A 48 -1.44 -43.20 0.58
CA PHE A 48 -0.70 -44.40 0.22
C PHE A 48 -1.62 -45.60 0.33
N CYS A 49 -2.43 -45.66 1.40
CA CYS A 49 -3.28 -46.83 1.63
C CYS A 49 -4.21 -47.06 0.43
N ASP A 50 -4.84 -45.99 -0.06
CA ASP A 50 -5.66 -46.04 -1.27
C ASP A 50 -6.74 -47.11 -1.17
N GLU A 51 -7.37 -47.19 0.00
CA GLU A 51 -8.47 -48.14 0.25
C GLU A 51 -8.22 -49.48 -0.45
N TYR A 52 -7.01 -50.01 -0.26
CA TYR A 52 -6.69 -51.30 -0.87
C TYR A 52 -7.22 -52.44 0.01
N LEU A 53 -7.38 -53.59 -0.62
CA LEU A 53 -7.98 -54.76 0.02
C LEU A 53 -7.08 -55.97 -0.13
N SER A 54 -7.26 -56.92 0.79
CA SER A 54 -6.57 -58.20 0.74
C SER A 54 -7.40 -59.22 -0.03
N THR A 55 -6.87 -60.45 -0.13
CA THR A 55 -7.59 -61.51 -0.83
C THR A 55 -8.96 -61.78 -0.21
N ASN A 56 -9.10 -61.56 1.09
CA ASN A 56 -10.33 -61.88 1.81
C ASN A 56 -11.38 -60.79 1.72
N GLY A 57 -11.26 -59.89 0.75
CA GLY A 57 -12.22 -58.80 0.63
C GLY A 57 -12.23 -57.88 1.82
N SER A 58 -11.18 -57.92 2.63
CA SER A 58 -11.03 -57.09 3.82
C SER A 58 -9.91 -56.09 3.58
N ASP A 59 -9.85 -55.09 4.44
CA ASP A 59 -8.80 -54.09 4.32
C ASP A 59 -7.43 -54.74 4.42
N ARG A 60 -6.47 -54.18 3.70
CA ARG A 60 -5.11 -54.70 3.66
C ARG A 60 -4.19 -53.94 4.61
N PHE A 61 -4.12 -52.63 4.47
CA PHE A 61 -3.23 -51.81 5.27
C PHE A 61 -3.99 -51.28 6.48
N VAL A 62 -3.32 -51.30 7.63
CA VAL A 62 -3.86 -50.77 8.86
C VAL A 62 -2.91 -49.70 9.38
N LEU A 63 -3.42 -48.49 9.53
CA LEU A 63 -2.64 -47.37 10.01
C LEU A 63 -2.34 -47.50 11.49
N ILE A 64 -1.21 -46.92 11.91
CA ILE A 64 -0.86 -46.85 13.31
C ILE A 64 -0.34 -45.46 13.64
N GLU A 65 -0.09 -44.64 12.62
CA GLU A 65 0.61 -43.39 12.81
C GLU A 65 -0.30 -42.32 13.42
N GLY A 66 -1.44 -42.06 12.79
CA GLY A 66 -2.33 -41.01 13.27
C GLY A 66 -2.84 -41.23 14.67
N ARG A 67 -2.85 -42.48 15.13
CA ARG A 67 -3.36 -42.78 16.45
C ARG A 67 -2.42 -42.22 17.51
N LYS A 68 -2.98 -41.98 18.70
CA LYS A 68 -2.19 -41.44 19.79
C LYS A 68 -1.13 -42.44 20.23
N ARG A 69 -0.10 -41.91 20.89
CA ARG A 69 1.04 -42.75 21.26
C ARG A 69 0.63 -43.92 22.13
N GLY A 70 -0.29 -43.69 23.07
CA GLY A 70 -0.68 -44.76 23.97
C GLY A 70 -1.27 -45.95 23.25
N THR A 71 -2.17 -45.70 22.31
CA THR A 71 -2.82 -46.78 21.59
C THR A 71 -1.96 -47.31 20.44
N ALA A 72 -0.91 -46.58 20.06
CA ALA A 72 -0.07 -47.04 18.96
C ALA A 72 0.68 -48.31 19.34
N VAL A 73 1.26 -48.32 20.54
CA VAL A 73 2.04 -49.48 20.93
C VAL A 73 1.12 -50.62 21.30
N SER A 74 -0.13 -50.32 21.64
CA SER A 74 -1.09 -51.36 21.98
C SER A 74 -1.53 -52.09 20.73
N LEU A 75 -1.87 -51.35 19.67
CA LEU A 75 -2.18 -52.01 18.41
C LEU A 75 -0.96 -52.73 17.84
N GLN A 76 0.22 -52.12 17.97
CA GLN A 76 1.42 -52.76 17.45
C GLN A 76 1.63 -54.11 18.12
N ASN A 77 1.56 -54.16 19.45
CA ASN A 77 1.76 -55.42 20.16
C ASN A 77 0.64 -56.41 19.86
N GLU A 78 -0.61 -55.92 19.81
CA GLU A 78 -1.73 -56.79 19.50
C GLU A 78 -1.52 -57.50 18.17
N LEU A 79 -1.08 -56.76 17.14
CA LEU A 79 -0.89 -57.37 15.84
C LEU A 79 0.34 -58.26 15.81
N CYS A 80 1.45 -57.82 16.41
CA CYS A 80 2.63 -58.66 16.46
C CYS A 80 2.33 -59.98 17.15
N LYS A 81 1.38 -59.99 18.09
CA LYS A 81 1.05 -61.22 18.80
C LYS A 81 0.09 -62.08 18.01
N SER A 82 -1.04 -61.50 17.58
CA SER A 82 -2.05 -62.27 16.87
C SER A 82 -1.44 -63.05 15.71
N TYR A 83 -0.81 -62.36 14.77
CA TYR A 83 -0.18 -63.05 13.66
C TYR A 83 1.10 -63.78 14.06
N ASP A 84 1.46 -63.77 15.34
CA ASP A 84 2.63 -64.47 15.84
C ASP A 84 3.90 -63.91 15.19
N LEU A 85 4.13 -62.63 15.43
CA LEU A 85 5.30 -61.92 14.94
C LEU A 85 6.15 -61.44 16.11
N GLU A 86 7.39 -61.13 15.81
CA GLU A 86 8.31 -60.65 16.82
C GLU A 86 8.04 -59.17 17.12
N PRO A 87 8.04 -58.76 18.39
CA PRO A 87 7.80 -57.36 18.70
C PRO A 87 9.01 -56.52 18.30
N LEU A 88 8.73 -55.40 17.66
CA LEU A 88 9.80 -54.51 17.23
C LEU A 88 10.19 -53.53 18.33
N PRO A 89 11.46 -53.12 18.38
CA PRO A 89 11.85 -52.12 19.39
C PRO A 89 11.21 -50.76 19.15
N PHE A 90 11.12 -50.33 17.90
CA PHE A 90 10.65 -49.01 17.55
C PHE A 90 9.25 -49.09 16.95
N LEU A 91 8.65 -47.92 16.76
CA LEU A 91 7.32 -47.79 16.20
C LEU A 91 7.37 -47.68 14.68
N CYS A 92 6.25 -48.01 14.04
CA CYS A 92 6.13 -47.95 12.59
C CYS A 92 4.91 -47.14 12.18
N ASP A 93 4.59 -47.14 10.88
CA ASP A 93 3.51 -46.32 10.34
C ASP A 93 2.35 -47.13 9.78
N ILE A 94 2.60 -48.29 9.16
CA ILE A 94 1.50 -49.06 8.59
C ILE A 94 1.84 -50.54 8.71
N PHE A 95 0.81 -51.37 8.88
CA PHE A 95 1.02 -52.82 9.00
C PHE A 95 0.34 -53.56 7.86
N ASP A 96 1.11 -53.92 6.82
CA ASP A 96 0.58 -54.72 5.74
C ASP A 96 0.15 -56.09 6.24
N ARG A 97 -1.15 -56.36 6.18
CA ARG A 97 -1.67 -57.64 6.66
C ARG A 97 -1.30 -58.77 5.71
N GLU A 98 -1.42 -58.54 4.40
CA GLU A 98 -1.23 -59.61 3.44
C GLU A 98 0.15 -60.23 3.60
N GLU A 99 1.16 -59.38 3.75
CA GLU A 99 2.52 -59.84 3.97
C GLU A 99 2.87 -59.91 5.44
N LYS A 100 1.95 -59.49 6.31
CA LYS A 100 2.12 -59.62 7.76
C LYS A 100 3.41 -58.96 8.20
N GLN A 101 3.64 -57.73 7.74
CA GLN A 101 4.83 -57.01 8.15
C GLN A 101 4.61 -55.51 8.10
N PHE A 102 5.33 -54.80 8.95
CA PHE A 102 5.18 -53.36 9.03
C PHE A 102 5.89 -52.67 7.87
N VAL A 103 5.51 -51.43 7.64
CA VAL A 103 6.10 -50.55 6.64
C VAL A 103 6.20 -49.15 7.23
N GLU A 104 7.43 -48.67 7.41
CA GLU A 104 7.72 -47.29 7.74
C GLU A 104 7.81 -46.49 6.45
N ILE A 105 7.51 -45.20 6.54
CA ILE A 105 7.63 -44.30 5.40
C ILE A 105 8.45 -43.09 5.81
N GLY A 106 9.23 -42.57 4.85
CA GLY A 106 10.04 -41.39 5.10
C GLY A 106 10.09 -40.51 3.87
N ILE A 107 10.50 -39.26 4.10
CA ILE A 107 10.55 -38.25 3.06
C ILE A 107 11.73 -37.31 3.29
N THR A 108 12.69 -37.33 2.36
CA THR A 108 13.92 -36.56 2.48
C THR A 108 14.04 -35.59 1.32
N ARG A 109 14.27 -34.32 1.65
CA ARG A 109 14.38 -33.29 0.64
C ARG A 109 15.63 -33.47 -0.22
N LYS A 110 16.78 -33.69 0.42
CA LYS A 110 18.01 -33.89 -0.32
C LYS A 110 17.95 -35.15 -1.17
N ALA A 111 18.46 -35.06 -2.39
CA ALA A 111 18.57 -36.22 -3.27
C ALA A 111 19.86 -36.99 -2.97
N ASP A 112 19.87 -37.63 -1.80
CA ASP A 112 21.01 -38.41 -1.36
C ASP A 112 20.52 -39.49 -0.39
N ASP A 113 21.31 -40.55 -0.26
CA ASP A 113 20.92 -41.73 0.51
C ASP A 113 21.28 -41.64 1.99
N SER A 114 21.61 -40.45 2.50
CA SER A 114 22.03 -40.35 3.89
C SER A 114 20.92 -40.78 4.84
N TYR A 115 19.73 -40.22 4.64
CA TYR A 115 18.62 -40.51 5.55
C TYR A 115 18.20 -41.97 5.45
N PHE A 116 18.13 -42.49 4.23
CA PHE A 116 17.79 -43.89 4.05
C PHE A 116 18.84 -44.79 4.67
N GLN A 117 20.12 -44.45 4.50
CA GLN A 117 21.17 -45.27 5.08
C GLN A 117 21.07 -45.31 6.59
N SER A 118 20.84 -44.15 7.22
CA SER A 118 20.73 -44.10 8.67
C SER A 118 19.52 -44.91 9.15
N LYS A 119 18.38 -44.75 8.48
CA LYS A 119 17.17 -45.46 8.90
C LYS A 119 17.35 -46.97 8.72
N PHE A 120 17.97 -47.39 7.61
CA PHE A 120 18.20 -48.81 7.39
C PHE A 120 19.12 -49.37 8.46
N GLY A 121 20.16 -48.63 8.81
CA GLY A 121 21.05 -49.08 9.87
C GLY A 121 20.31 -49.23 11.18
N LYS A 122 19.42 -48.29 11.49
CA LYS A 122 18.65 -48.36 12.73
C LYS A 122 17.73 -49.58 12.73
N LEU A 123 17.02 -49.80 11.63
CA LEU A 123 16.06 -50.88 11.54
C LEU A 123 16.58 -52.11 10.81
N GLY A 124 17.81 -52.06 10.31
CA GLY A 124 18.31 -53.19 9.54
C GLY A 124 17.39 -53.54 8.39
N ASN A 125 17.08 -54.83 8.26
CA ASN A 125 16.17 -55.33 7.24
C ASN A 125 14.85 -55.83 7.83
N SER A 126 14.60 -55.53 9.11
CA SER A 126 13.41 -56.05 9.78
C SER A 126 12.15 -55.91 8.94
N CYS A 127 11.86 -54.70 8.47
CA CYS A 127 10.61 -54.42 7.76
C CYS A 127 10.90 -53.62 6.50
N LYS A 128 9.83 -53.24 5.80
CA LYS A 128 9.94 -52.53 4.53
C LYS A 128 9.98 -51.04 4.78
N ILE A 129 10.96 -50.36 4.20
CA ILE A 129 11.12 -48.92 4.31
C ILE A 129 11.14 -48.33 2.92
N PHE A 130 10.42 -47.22 2.76
CA PHE A 130 10.33 -46.52 1.48
C PHE A 130 10.66 -45.05 1.71
N VAL A 131 11.80 -44.61 1.18
CA VAL A 131 12.28 -43.25 1.37
C VAL A 131 12.03 -42.54 0.04
N PHE A 132 10.87 -41.90 -0.05
CA PHE A 132 10.52 -41.07 -1.19
C PHE A 132 11.33 -39.78 -1.16
N SER A 133 11.32 -39.08 -2.29
CA SER A 133 11.95 -37.78 -2.40
C SER A 133 11.06 -36.87 -3.22
N TYR A 134 11.17 -35.56 -2.97
CA TYR A 134 10.31 -34.61 -3.64
C TYR A 134 10.60 -34.54 -5.13
N ASP A 135 11.86 -34.69 -5.52
CA ASP A 135 12.30 -34.53 -6.89
C ASP A 135 12.37 -35.87 -7.64
N GLY A 136 11.54 -36.83 -7.25
CA GLY A 136 11.46 -38.10 -7.95
C GLY A 136 12.65 -39.00 -7.72
N ARG A 137 12.80 -39.46 -6.48
CA ARG A 137 13.80 -40.47 -6.13
C ARG A 137 13.20 -41.39 -5.08
N LEU A 138 13.45 -42.68 -5.24
CA LEU A 138 12.93 -43.69 -4.32
C LEU A 138 14.08 -44.56 -3.83
N ASP A 139 14.16 -44.76 -2.51
CA ASP A 139 15.16 -45.63 -1.92
C ASP A 139 14.47 -46.61 -1.01
N LYS A 140 14.60 -47.91 -1.32
CA LYS A 140 13.91 -48.95 -0.59
C LYS A 140 14.86 -50.10 -0.33
N ASN A 141 14.34 -51.13 0.34
CA ASN A 141 15.09 -52.32 0.68
C ASN A 141 14.35 -53.59 0.26
N CYS A 142 13.41 -53.47 -0.65
CA CYS A 142 12.51 -54.56 -1.00
C CYS A 142 11.82 -54.18 -2.31
N GLU A 143 10.80 -54.96 -2.68
CA GLU A 143 10.08 -54.70 -3.91
C GLU A 143 9.32 -53.38 -3.82
N GLY A 144 9.17 -52.73 -4.97
CA GLY A 144 8.48 -51.46 -5.04
C GLY A 144 6.99 -51.59 -4.85
N PRO A 145 6.33 -50.49 -4.49
CA PRO A 145 4.88 -50.52 -4.26
C PRO A 145 4.11 -50.51 -5.57
N MET A 146 2.78 -50.49 -5.44
CA MET A 146 1.92 -50.43 -6.61
C MET A 146 2.17 -49.14 -7.38
N GLU A 147 2.06 -49.25 -8.70
CA GLU A 147 2.36 -48.10 -9.57
C GLU A 147 1.43 -46.92 -9.29
N GLU A 148 0.14 -47.19 -9.10
CA GLU A 148 -0.81 -46.11 -8.83
C GLU A 148 -0.43 -45.39 -7.55
N GLN A 149 -0.05 -46.16 -6.54
CA GLN A 149 0.35 -45.57 -5.27
C GLN A 149 1.55 -44.67 -5.47
N LYS A 150 2.50 -45.11 -6.29
CA LYS A 150 3.70 -44.32 -6.54
C LYS A 150 3.35 -43.03 -7.24
N LEU A 151 2.42 -43.09 -8.21
CA LEU A 151 2.18 -41.91 -9.00
C LEU A 151 1.36 -40.89 -8.24
N ARG A 152 0.62 -41.36 -7.22
CA ARG A 152 -0.13 -40.44 -6.38
C ARG A 152 0.80 -39.77 -5.39
N ILE A 153 1.76 -40.53 -4.89
CA ILE A 153 2.70 -39.96 -3.94
C ILE A 153 3.56 -38.93 -4.64
N PHE A 154 3.99 -39.23 -5.87
CA PHE A 154 4.93 -38.35 -6.53
C PHE A 154 4.24 -37.10 -7.06
N SER A 155 2.98 -37.20 -7.47
CA SER A 155 2.25 -36.00 -7.84
C SER A 155 2.03 -35.09 -6.63
N PHE A 156 1.57 -35.67 -5.51
CA PHE A 156 1.39 -34.86 -4.31
C PHE A 156 2.68 -34.18 -3.90
N LEU A 157 3.79 -34.93 -3.91
CA LEU A 157 5.06 -34.36 -3.48
C LEU A 157 5.50 -33.24 -4.41
N ALA A 158 5.27 -33.39 -5.71
CA ALA A 158 5.65 -32.34 -6.65
C ALA A 158 4.88 -31.06 -6.37
N THR A 159 3.56 -31.17 -6.24
CA THR A 159 2.76 -29.99 -5.93
C THR A 159 3.22 -29.33 -4.64
N ALA A 160 3.44 -30.15 -3.60
CA ALA A 160 3.85 -29.59 -2.32
C ALA A 160 5.19 -28.87 -2.43
N ALA A 161 6.15 -29.45 -3.15
CA ALA A 161 7.44 -28.79 -3.28
C ALA A 161 7.32 -27.50 -4.08
N ASP A 162 6.40 -27.45 -5.05
CA ASP A 162 6.21 -26.19 -5.76
C ASP A 162 5.63 -25.13 -4.83
N PHE A 163 4.69 -25.53 -3.98
CA PHE A 163 4.03 -24.56 -3.11
C PHE A 163 4.91 -24.16 -1.95
N LEU A 164 5.95 -24.93 -1.65
CA LEU A 164 6.93 -24.49 -0.66
C LEU A 164 7.97 -23.59 -1.31
N ARG A 165 8.58 -24.04 -2.41
CA ARG A 165 9.54 -23.22 -3.12
C ARG A 165 8.97 -21.84 -3.42
N LYS A 166 7.66 -21.76 -3.65
CA LYS A 166 7.04 -20.47 -3.92
C LYS A 166 7.13 -19.54 -2.72
N GLU A 167 6.97 -20.08 -1.51
CA GLU A 167 6.93 -19.27 -0.29
C GLU A 167 8.27 -19.16 0.43
N ASN A 168 9.35 -19.70 -0.12
CA ASN A 168 10.66 -19.66 0.53
C ASN A 168 10.65 -20.43 1.85
N MET A 169 10.02 -21.60 1.84
CA MET A 169 9.98 -22.46 3.03
C MET A 169 10.48 -23.86 2.71
N PHE A 170 11.20 -24.04 1.61
CA PHE A 170 11.79 -25.32 1.25
C PHE A 170 13.25 -25.36 1.73
N ASN A 171 13.39 -25.40 3.05
CA ASN A 171 14.68 -25.44 3.69
C ASN A 171 14.65 -26.40 4.86
N GLU A 172 15.81 -26.58 5.49
CA GLU A 172 15.91 -27.47 6.63
C GLU A 172 15.04 -26.99 7.78
N ILE A 173 14.82 -25.67 7.86
CA ILE A 173 14.04 -25.12 8.96
C ILE A 173 12.68 -25.81 9.05
N PHE A 174 11.92 -25.75 7.97
CA PHE A 174 10.59 -26.35 7.94
C PHE A 174 10.63 -27.83 7.60
N LEU A 175 11.65 -28.28 6.87
CA LEU A 175 11.76 -29.68 6.45
C LEU A 175 13.10 -30.26 6.88
N PRO A 176 13.37 -30.31 8.18
CA PRO A 176 14.62 -30.88 8.66
C PRO A 176 14.56 -32.40 8.71
N ASP A 177 15.74 -33.00 8.84
CA ASP A 177 15.83 -34.43 9.07
C ASP A 177 15.69 -34.70 10.57
N ASN A 178 15.89 -35.96 10.95
CA ASN A 178 15.73 -36.35 12.35
C ASN A 178 16.73 -35.62 13.26
N GLU A 179 17.98 -35.50 12.82
CA GLU A 179 19.01 -34.92 13.67
C GLU A 179 18.90 -33.40 13.75
N GLU A 180 18.86 -32.73 12.59
CA GLU A 180 18.86 -31.28 12.52
C GLU A 180 17.49 -30.71 12.88
N THR A 181 17.08 -31.02 14.11
CA THR A 181 15.77 -30.62 14.64
C THR A 181 15.86 -29.53 15.70
N ILE A 182 17.03 -28.91 15.87
CA ILE A 182 17.23 -27.88 16.89
C ILE A 182 17.77 -26.64 16.17
N ILE A 183 16.86 -25.74 15.80
CA ILE A 183 17.26 -24.46 15.22
C ILE A 183 17.35 -23.44 16.32
N GLU A 184 18.43 -22.65 16.32
CA GLU A 184 18.62 -21.66 17.36
C GLU A 184 19.56 -20.57 16.89
N MET A 185 19.32 -19.37 17.38
CA MET A 185 20.21 -18.24 17.12
C MET A 185 21.62 -18.58 17.58
N LYS A 186 22.61 -18.29 16.73
CA LYS A 186 24.00 -18.66 16.99
C LYS A 186 24.61 -17.69 17.99
N LYS A 187 24.31 -17.93 19.26
CA LYS A 187 24.80 -17.05 20.33
C LYS A 187 26.31 -16.97 20.30
N GLY A 188 26.83 -15.76 20.08
CA GLY A 188 28.25 -15.53 20.03
C GLY A 188 28.80 -14.96 21.33
N LYS A 189 30.12 -15.13 21.51
CA LYS A 189 30.74 -14.71 22.75
C LYS A 189 30.60 -13.22 22.97
N THR A 190 30.81 -12.42 21.92
CA THR A 190 30.80 -10.98 22.06
C THR A 190 29.38 -10.46 22.29
N PHE A 191 28.42 -10.98 21.52
CA PHE A 191 27.04 -10.56 21.68
C PHE A 191 26.56 -10.76 23.11
N LEU A 192 26.89 -11.91 23.70
CA LEU A 192 26.53 -12.14 25.10
C LEU A 192 27.30 -11.21 26.02
N GLU A 193 28.60 -11.03 25.76
CA GLU A 193 29.38 -10.14 26.60
C GLU A 193 28.76 -8.76 26.67
N LEU A 194 28.18 -8.31 25.56
CA LEU A 194 27.52 -7.00 25.55
C LEU A 194 26.17 -7.06 26.23
N ARG A 195 25.34 -8.04 25.87
CA ARG A 195 24.00 -8.13 26.43
C ARG A 195 24.05 -8.17 27.96
N ASP A 196 25.04 -8.87 28.51
CA ASP A 196 25.22 -8.91 29.95
C ASP A 196 25.70 -7.58 30.52
N GLU A 197 25.99 -6.59 29.68
CA GLU A 197 26.43 -5.28 30.14
C GLU A 197 25.39 -4.20 29.94
N SER A 198 24.28 -4.51 29.29
CA SER A 198 23.19 -3.57 29.09
C SER A 198 22.04 -3.79 30.06
N VAL A 199 22.15 -4.78 30.93
CA VAL A 199 21.09 -5.08 31.89
C VAL A 199 21.04 -3.98 32.95
N PRO A 200 19.86 -3.48 33.31
CA PRO A 200 19.81 -2.30 34.19
C PRO A 200 20.52 -2.52 35.51
N LEU A 201 20.71 -1.40 36.22
CA LEU A 201 21.54 -1.37 37.42
C LEU A 201 21.18 -2.39 38.48
N PRO A 202 19.91 -2.58 38.85
CA PRO A 202 19.59 -3.63 39.84
C PRO A 202 20.12 -5.00 39.45
N PHE A 203 19.89 -5.41 38.22
CA PHE A 203 20.34 -6.70 37.73
C PHE A 203 21.76 -6.59 37.21
N GLN A 204 22.43 -7.74 37.11
CA GLN A 204 23.79 -7.79 36.60
C GLN A 204 23.97 -8.84 35.52
N THR A 205 22.93 -9.58 35.18
CA THR A 205 22.97 -10.59 34.12
C THR A 205 21.59 -10.72 33.51
N TYR A 206 21.56 -10.91 32.18
CA TYR A 206 20.28 -11.02 31.50
C TYR A 206 19.39 -12.08 32.12
N GLU A 207 20.00 -13.08 32.77
CA GLU A 207 19.21 -14.14 33.39
C GLU A 207 18.36 -13.59 34.53
N GLN A 208 18.94 -12.75 35.38
CA GLN A 208 18.18 -12.19 36.47
C GLN A 208 17.04 -11.32 35.97
N MET A 209 17.31 -10.50 34.96
CA MET A 209 16.26 -9.65 34.41
C MET A 209 15.14 -10.50 33.82
N LYS A 210 15.49 -11.56 33.09
CA LYS A 210 14.47 -12.41 32.50
C LYS A 210 13.66 -13.13 33.57
N ASP A 211 14.33 -13.61 34.62
CA ASP A 211 13.61 -14.32 35.67
C ASP A 211 12.70 -13.39 36.45
N TYR A 212 13.10 -12.13 36.60
CA TYR A 212 12.26 -11.16 37.29
C TYR A 212 11.10 -10.70 36.43
N CYS A 213 11.28 -10.66 35.11
CA CYS A 213 10.22 -10.17 34.24
C CYS A 213 9.20 -11.26 33.92
N GLU A 214 9.67 -12.50 33.70
CA GLU A 214 8.75 -13.58 33.36
C GLU A 214 7.77 -13.88 34.48
N LYS A 215 8.13 -13.53 35.72
CA LYS A 215 7.30 -13.80 36.88
C LYS A 215 6.73 -12.52 37.49
N PHE A 216 6.93 -11.38 36.84
CA PHE A 216 6.47 -10.12 37.39
C PHE A 216 4.98 -10.16 37.70
N LYS A 217 4.63 -9.73 38.90
CA LYS A 217 3.25 -9.66 39.34
C LYS A 217 2.91 -8.22 39.71
N GLY A 218 1.63 -7.86 39.57
CA GLY A 218 1.17 -6.51 39.79
C GLY A 218 0.87 -6.21 41.24
N ASN A 219 1.40 -5.09 41.74
CA ASN A 219 1.14 -4.59 43.08
C ASN A 219 0.62 -3.16 42.93
N PRO A 220 -0.67 -2.99 42.64
CA PRO A 220 -1.21 -1.64 42.42
C PRO A 220 -1.01 -0.67 43.56
N ARG A 221 -0.86 -1.15 44.80
CA ARG A 221 -0.66 -0.22 45.91
C ARG A 221 0.63 0.56 45.74
N GLU A 222 1.72 -0.13 45.45
CA GLU A 222 3.00 0.54 45.28
C GLU A 222 2.99 1.45 44.07
N LEU A 223 2.39 0.98 42.96
CA LEU A 223 2.35 1.79 41.75
C LEU A 223 1.58 3.08 41.98
N ALA A 224 0.42 2.99 42.63
CA ALA A 224 -0.37 4.18 42.93
C ALA A 224 0.37 5.11 43.89
N SER A 225 1.04 4.54 44.91
CA SER A 225 1.78 5.37 45.84
C SER A 225 2.87 6.15 45.12
N LYS A 226 3.61 5.49 44.24
CA LYS A 226 4.65 6.16 43.49
C LYS A 226 4.06 7.21 42.56
N VAL A 227 2.91 6.90 41.96
CA VAL A 227 2.27 7.86 41.06
C VAL A 227 1.87 9.11 41.83
N SER A 228 1.35 8.95 43.04
CA SER A 228 0.96 10.12 43.83
C SER A 228 2.19 10.91 44.28
N GLN A 229 3.27 10.21 44.60
CA GLN A 229 4.48 10.91 45.02
C GLN A 229 5.07 11.70 43.88
N MET A 230 4.93 11.21 42.65
CA MET A 230 5.37 11.97 41.49
C MET A 230 4.39 13.08 41.13
N GLN A 231 3.11 12.88 41.44
CA GLN A 231 2.10 13.90 41.21
C GLN A 231 2.17 15.03 42.21
N SER A 232 2.89 14.83 43.32
CA SER A 232 3.03 15.88 44.32
C SER A 232 4.31 16.68 44.16
N ASN A 233 5.39 16.06 43.71
CA ASN A 233 6.67 16.74 43.51
C ASN A 233 6.76 17.44 42.16
N ILE A 234 5.66 17.55 41.43
CA ILE A 234 5.63 18.20 40.12
C ILE A 234 4.89 19.54 40.19
N LYS A 235 3.62 19.53 40.57
CA LYS A 235 2.80 20.73 40.66
C LYS A 235 2.60 21.36 39.28
N LEU A 236 2.03 20.55 38.39
CA LEU A 236 1.74 21.00 37.03
C LEU A 236 0.80 22.20 37.04
N PRO A 237 1.18 23.33 36.46
CA PRO A 237 0.28 24.48 36.42
C PRO A 237 -0.83 24.30 35.39
N ILE A 238 -2.02 24.73 35.76
CA ILE A 238 -3.16 24.78 34.84
C ILE A 238 -3.69 26.21 34.85
N LYS A 239 -3.87 26.78 33.67
CA LYS A 239 -4.18 28.20 33.53
C LYS A 239 -5.34 28.39 32.55
N HIS A 240 -6.53 28.66 33.09
CA HIS A 240 -7.64 29.07 32.26
C HIS A 240 -7.35 30.45 31.69
N TYR A 241 -7.45 30.59 30.37
CA TYR A 241 -7.06 31.83 29.72
C TYR A 241 -7.87 33.01 30.22
N GLU A 242 -9.14 32.78 30.55
CA GLU A 242 -10.00 33.89 30.94
C GLU A 242 -9.40 34.67 32.10
N GLN A 243 -8.77 33.96 33.04
CA GLN A 243 -8.11 34.62 34.15
C GLN A 243 -6.71 35.12 33.76
N ASN A 244 -5.96 34.29 33.04
CA ASN A 244 -4.60 34.62 32.60
C ASN A 244 -4.64 34.90 31.10
N LYS A 245 -4.68 36.19 30.75
CA LYS A 245 -4.87 36.62 29.38
C LYS A 245 -3.56 36.63 28.60
N PHE A 246 -3.69 36.61 27.28
CA PHE A 246 -2.53 36.59 26.38
C PHE A 246 -2.03 38.02 26.18
N ARG A 247 -0.84 38.32 26.68
CA ARG A 247 -0.27 39.62 26.44
C ARG A 247 0.06 39.78 24.96
N GLN A 248 0.08 41.01 24.50
CA GLN A 248 0.34 41.28 23.08
C GLN A 248 1.74 40.86 22.69
N ILE A 249 1.87 40.33 21.46
CA ILE A 249 3.16 39.94 20.94
C ILE A 249 4.08 41.14 20.86
N ARG A 250 5.34 40.92 21.22
CA ARG A 250 6.35 41.96 21.19
C ARG A 250 7.12 41.82 19.87
N LEU A 251 7.17 42.88 19.13
CA LEU A 251 7.87 42.85 17.87
C LEU A 251 9.28 43.42 18.02
N PRO A 252 10.21 42.98 17.19
CA PRO A 252 11.58 43.45 17.34
C PRO A 252 11.68 44.93 17.03
N LYS A 253 12.88 45.49 17.17
CA LYS A 253 13.08 46.92 17.00
C LYS A 253 14.30 47.18 16.14
N GLY A 254 14.22 48.23 15.32
CA GLY A 254 15.28 48.58 14.41
C GLY A 254 14.74 49.22 13.16
N PRO A 255 15.50 49.15 12.08
CA PRO A 255 15.07 49.78 10.82
C PRO A 255 14.04 48.94 10.08
N MET A 256 13.33 49.61 9.18
CA MET A 256 12.23 48.99 8.48
C MET A 256 12.70 47.82 7.63
N ALA A 257 11.86 46.80 7.54
CA ALA A 257 12.18 45.65 6.72
C ALA A 257 12.28 46.07 5.26
N PRO A 258 13.30 45.64 4.53
CA PRO A 258 13.47 46.09 3.15
C PRO A 258 12.92 45.14 2.11
N TYR A 259 12.65 45.67 0.91
CA TYR A 259 12.11 44.86 -0.17
C TYR A 259 13.08 43.75 -0.51
N THR A 260 12.56 42.55 -0.76
CA THR A 260 13.39 41.40 -1.04
C THR A 260 12.98 40.60 -2.26
N HIS A 261 11.77 40.78 -2.79
CA HIS A 261 11.36 40.03 -3.96
C HIS A 261 12.21 40.43 -5.15
N LYS A 262 12.46 39.47 -6.05
CA LYS A 262 13.38 39.71 -7.15
C LYS A 262 12.92 40.87 -8.03
N PHE A 263 11.65 40.87 -8.40
CA PHE A 263 11.13 41.77 -9.42
C PHE A 263 10.20 42.80 -8.81
N LEU A 264 10.46 44.07 -9.08
CA LEU A 264 9.61 45.13 -8.58
C LEU A 264 8.18 44.94 -9.08
N MET A 265 7.21 45.20 -8.21
CA MET A 265 5.80 45.05 -8.55
C MET A 265 5.13 46.41 -8.75
N GLU A 266 5.08 47.22 -7.70
CA GLU A 266 4.35 48.48 -7.76
C GLU A 266 5.07 49.48 -8.66
N GLU A 267 6.36 49.69 -8.40
CA GLU A 267 7.11 50.73 -9.09
C GLU A 267 7.28 50.41 -10.57
N ALA A 268 7.50 49.14 -10.90
CA ALA A 268 7.97 48.76 -12.23
C ALA A 268 7.14 49.36 -13.35
N TRP A 269 7.83 49.96 -14.31
CA TRP A 269 7.21 50.57 -15.49
C TRP A 269 7.55 49.71 -16.70
N MET A 270 6.57 49.50 -17.58
CA MET A 270 6.70 48.53 -18.66
C MET A 270 6.53 49.16 -20.04
N PHE A 271 7.13 48.49 -21.03
CA PHE A 271 7.07 48.86 -22.43
C PHE A 271 6.31 47.78 -23.20
N THR A 272 5.35 48.21 -24.02
CA THR A 272 4.51 47.30 -24.79
C THR A 272 4.86 47.31 -26.27
N LYS A 273 4.62 46.17 -26.92
CA LYS A 273 4.78 46.06 -28.37
C LYS A 273 3.83 44.98 -28.90
N ILE A 274 3.25 45.23 -30.07
CA ILE A 274 2.33 44.28 -30.66
C ILE A 274 2.98 42.92 -30.80
N SER A 275 2.21 41.88 -30.47
CA SER A 275 2.72 40.51 -30.48
C SER A 275 3.02 40.05 -31.90
N ASP A 276 4.10 39.30 -32.04
CA ASP A 276 4.45 38.64 -33.30
C ASP A 276 4.52 37.15 -33.06
N PRO A 277 3.57 36.36 -33.56
CA PRO A 277 3.65 34.91 -33.33
C PRO A 277 4.92 34.28 -33.86
N GLU A 278 5.38 34.69 -35.04
CA GLU A 278 6.59 34.11 -35.60
C GLU A 278 7.77 34.30 -34.64
N ARG A 279 8.01 35.54 -34.23
CA ARG A 279 9.06 35.84 -33.26
C ARG A 279 8.46 35.77 -31.87
N SER A 280 8.53 34.58 -31.27
CA SER A 280 7.99 34.36 -29.92
C SER A 280 9.07 34.01 -28.90
N ARG A 281 10.33 33.93 -29.30
CA ARG A 281 11.38 33.57 -28.36
C ARG A 281 11.76 34.77 -27.50
N ALA A 282 12.38 34.47 -26.36
CA ALA A 282 12.82 35.51 -25.44
C ALA A 282 13.74 36.50 -26.15
N GLY A 283 14.84 35.99 -26.71
CA GLY A 283 15.79 36.87 -27.36
C GLY A 283 15.16 37.61 -28.51
N GLU A 284 14.24 36.96 -29.21
CA GLU A 284 13.58 37.59 -30.35
C GLU A 284 12.77 38.80 -29.88
N ILE A 285 12.07 38.66 -28.76
CA ILE A 285 11.31 39.76 -28.19
C ILE A 285 12.23 40.88 -27.74
N LEU A 286 13.33 40.52 -27.07
CA LEU A 286 14.25 41.56 -26.59
C LEU A 286 14.85 42.35 -27.76
N ILE A 287 15.22 41.65 -28.84
CA ILE A 287 15.77 42.32 -29.99
C ILE A 287 14.73 43.24 -30.62
N ASP A 288 13.50 42.73 -30.79
CA ASP A 288 12.45 43.53 -31.40
C ASP A 288 12.20 44.79 -30.59
N PHE A 289 12.20 44.66 -29.27
CA PHE A 289 12.01 45.84 -28.43
C PHE A 289 13.16 46.81 -28.56
N PHE A 290 14.39 46.28 -28.68
CA PHE A 290 15.54 47.16 -28.80
C PHE A 290 15.54 47.91 -30.12
N LYS A 291 14.96 47.31 -31.17
CA LYS A 291 15.09 47.90 -32.50
C LYS A 291 14.31 49.19 -32.65
N LYS A 292 13.21 49.37 -31.92
CA LYS A 292 12.42 50.59 -32.09
C LYS A 292 13.24 51.82 -31.76
N GLY A 293 14.18 51.71 -30.82
CA GLY A 293 15.09 52.79 -30.50
C GLY A 293 14.81 53.47 -29.18
N ASN A 294 13.63 53.25 -28.58
CA ASN A 294 13.39 53.78 -27.25
C ASN A 294 14.37 53.21 -26.24
N LEU A 295 14.66 51.91 -26.36
CA LEU A 295 15.59 51.28 -25.43
C LEU A 295 16.99 51.83 -25.61
N SER A 296 17.38 52.10 -26.85
CA SER A 296 18.74 52.55 -27.10
C SER A 296 18.96 53.99 -26.66
N ALA A 297 17.90 54.69 -26.26
CA ALA A 297 18.06 56.06 -25.79
C ALA A 297 18.65 56.09 -24.39
N ILE A 298 18.32 55.09 -23.58
CA ILE A 298 18.74 55.06 -22.19
C ILE A 298 20.25 55.24 -22.10
N ARG A 299 20.68 56.14 -21.21
CA ARG A 299 22.09 56.45 -21.03
C ARG A 299 22.29 56.90 -19.59
N PRO A 300 22.34 55.97 -18.65
CA PRO A 300 22.39 56.33 -17.24
C PRO A 300 23.51 57.32 -16.93
N LYS A 301 23.27 58.12 -15.89
CA LYS A 301 24.27 59.07 -15.41
C LYS A 301 25.30 58.38 -14.53
N ASP A 302 26.45 59.03 -14.39
CA ASP A 302 27.52 58.46 -13.59
C ASP A 302 27.12 58.36 -12.12
N LYS A 303 26.55 59.42 -11.58
CA LYS A 303 26.21 59.43 -10.16
C LYS A 303 24.84 58.79 -9.94
N PRO A 304 24.75 57.74 -9.13
CA PRO A 304 23.44 57.18 -8.79
C PRO A 304 22.74 57.98 -7.70
N LEU A 305 21.41 57.86 -7.69
CA LEU A 305 20.64 58.47 -6.62
C LEU A 305 21.05 57.90 -5.27
N GLN A 306 21.26 56.59 -5.20
CA GLN A 306 21.69 55.92 -3.98
C GLN A 306 22.34 54.61 -4.36
N GLY A 307 22.78 53.87 -3.35
CA GLY A 307 23.37 52.56 -3.58
C GLY A 307 24.86 52.62 -3.79
N LYS A 308 25.43 51.45 -4.09
CA LYS A 308 26.87 51.30 -4.21
C LYS A 308 27.19 50.54 -5.49
N TYR A 309 28.48 50.49 -5.81
CA TYR A 309 28.98 49.85 -7.01
C TYR A 309 28.23 50.35 -8.25
N PRO A 310 28.30 51.65 -8.54
CA PRO A 310 27.62 52.18 -9.72
C PRO A 310 28.35 51.88 -11.02
N ILE A 311 29.67 52.03 -10.99
CA ILE A 311 30.46 51.90 -12.21
C ILE A 311 30.26 50.55 -12.84
N HIS A 312 30.22 49.50 -12.01
CA HIS A 312 30.06 48.15 -12.53
C HIS A 312 28.73 48.03 -13.25
N TYR A 313 27.66 48.55 -12.65
CA TYR A 313 26.34 48.46 -13.24
C TYR A 313 26.28 49.22 -14.55
N LYS A 314 26.88 50.41 -14.60
CA LYS A 314 26.85 51.20 -15.83
C LYS A 314 27.59 50.47 -16.94
N ASN A 315 28.76 49.90 -16.61
CA ASN A 315 29.53 49.16 -17.61
C ASN A 315 28.74 47.97 -18.10
N LEU A 316 28.09 47.26 -17.19
CA LEU A 316 27.32 46.07 -17.58
C LEU A 316 26.14 46.45 -18.46
N TRP A 317 25.51 47.59 -18.19
CA TRP A 317 24.41 48.03 -19.02
C TRP A 317 24.90 48.31 -20.44
N ASN A 318 26.03 49.00 -20.56
CA ASN A 318 26.58 49.26 -21.89
C ASN A 318 26.94 47.95 -22.59
N GLN A 319 27.54 47.02 -21.86
CA GLN A 319 27.92 45.74 -22.46
C GLN A 319 26.70 44.97 -22.94
N ILE A 320 25.61 45.01 -22.17
CA ILE A 320 24.38 44.35 -22.58
C ILE A 320 23.86 44.95 -23.87
N LYS A 321 23.87 46.29 -23.94
CA LYS A 321 23.37 46.93 -25.15
C LYS A 321 24.22 46.54 -26.36
N ALA A 322 25.54 46.47 -26.17
CA ALA A 322 26.40 46.04 -27.27
C ALA A 322 26.11 44.60 -27.66
N ALA A 323 25.87 43.73 -26.67
CA ALA A 323 25.56 42.34 -26.97
C ALA A 323 24.33 42.27 -27.85
N ILE A 324 23.26 42.94 -27.44
CA ILE A 324 22.02 42.87 -28.21
C ILE A 324 22.25 43.41 -29.61
N ALA A 325 23.02 44.49 -29.71
CA ALA A 325 23.32 45.04 -31.03
C ALA A 325 24.00 43.99 -31.90
N ASP A 326 24.90 43.20 -31.32
CA ASP A 326 25.56 42.12 -32.03
C ASP A 326 24.67 40.89 -32.23
N ARG A 327 23.48 40.85 -31.64
CA ARG A 327 22.58 39.70 -31.76
C ARG A 327 23.25 38.43 -31.25
N THR A 328 24.03 38.59 -30.19
CA THR A 328 24.64 37.46 -29.48
C THR A 328 24.58 37.80 -28.00
N MET A 329 23.75 37.08 -27.26
CA MET A 329 23.48 37.43 -25.87
C MET A 329 24.45 36.70 -24.93
N VAL A 330 25.73 36.95 -25.17
CA VAL A 330 26.79 36.36 -24.38
C VAL A 330 27.72 37.48 -23.92
N ILE A 331 27.94 37.57 -22.63
CA ILE A 331 28.78 38.61 -22.05
C ILE A 331 30.16 38.02 -21.76
N ASN A 332 31.18 38.83 -21.98
CA ASN A 332 32.55 38.42 -21.68
C ASN A 332 32.83 38.61 -20.20
N GLU A 333 33.88 37.95 -19.72
CA GLU A 333 34.26 37.98 -18.31
C GLU A 333 35.28 39.09 -18.09
N ASN A 334 34.84 40.21 -17.55
CA ASN A 334 35.69 41.35 -17.25
C ASN A 334 35.63 41.64 -15.75
N ASP A 335 36.36 42.66 -15.33
CA ASP A 335 36.47 42.95 -13.90
C ASP A 335 35.10 43.25 -13.30
N HIS A 336 34.26 44.02 -14.01
CA HIS A 336 32.96 44.37 -13.47
C HIS A 336 32.07 43.15 -13.35
N SER A 337 31.99 42.35 -14.42
CA SER A 337 31.19 41.14 -14.37
C SER A 337 31.76 40.17 -13.35
N GLU A 338 33.08 40.11 -13.24
CA GLU A 338 33.71 39.21 -12.27
C GLU A 338 33.32 39.61 -10.85
N PHE A 339 33.36 40.91 -10.56
CA PHE A 339 33.05 41.37 -9.21
C PHE A 339 31.58 41.17 -8.88
N LEU A 340 30.68 41.51 -9.81
CA LEU A 340 29.26 41.35 -9.52
C LEU A 340 28.88 39.88 -9.42
N GLY A 341 29.49 39.02 -10.23
CA GLY A 341 29.18 37.61 -10.20
C GLY A 341 30.02 36.81 -9.23
N GLY A 342 31.00 37.44 -8.60
CA GLY A 342 31.83 36.73 -7.65
C GLY A 342 32.46 35.49 -8.24
N ILE A 343 32.95 35.58 -9.47
CA ILE A 343 33.49 34.40 -10.15
C ILE A 343 34.64 33.81 -9.35
N GLY A 344 35.43 34.68 -8.71
CA GLY A 344 36.64 34.23 -8.04
C GLY A 344 36.63 34.54 -6.56
N ARG A 345 35.52 35.05 -6.05
CA ARG A 345 35.42 35.38 -4.63
C ARG A 345 34.86 34.21 -3.83
N ALA A 346 35.49 33.05 -4.04
CA ALA A 346 35.21 31.83 -3.29
C ALA A 346 36.48 31.44 -2.56
N SER A 347 36.40 31.34 -1.24
CA SER A 347 37.60 31.11 -0.44
C SER A 347 38.27 29.81 -0.88
N LYS A 348 39.59 29.85 -0.96
CA LYS A 348 40.38 28.71 -1.40
C LYS A 348 40.76 27.83 -0.23
N LYS A 349 40.48 26.54 -0.35
CA LYS A 349 40.70 25.58 0.72
C LYS A 349 42.18 25.43 1.03
N ILE A 350 42.50 25.37 2.31
CA ILE A 350 43.85 25.17 2.81
C ILE A 350 43.92 23.78 3.43
N PRO A 351 44.89 22.94 3.07
CA PRO A 351 44.99 21.63 3.73
C PRO A 351 45.41 21.77 5.18
N GLU A 352 45.01 20.77 5.97
CA GLU A 352 45.39 20.73 7.38
C GLU A 352 46.77 20.10 7.58
N ILE A 353 47.11 19.11 6.74
CA ILE A 353 48.42 18.48 6.84
C ILE A 353 49.54 19.48 6.57
N SER A 354 49.25 20.52 5.80
CA SER A 354 50.22 21.56 5.48
C SER A 354 50.17 22.71 6.48
N LEU A 355 49.62 22.49 7.67
CA LEU A 355 49.43 23.54 8.64
C LEU A 355 50.45 23.44 9.77
N THR A 356 50.71 24.58 10.40
CA THR A 356 51.60 24.66 11.55
C THR A 356 51.26 25.93 12.31
N GLN A 357 51.64 25.95 13.60
CA GLN A 357 51.42 27.14 14.41
C GLN A 357 51.96 28.39 13.74
N ASP A 358 53.07 28.28 13.01
CA ASP A 358 53.62 29.44 12.31
C ASP A 358 52.64 29.91 11.23
N VAL A 359 52.05 28.97 10.50
CA VAL A 359 51.06 29.33 9.49
C VAL A 359 49.88 30.01 10.14
N ILE A 360 49.45 29.50 11.30
CA ILE A 360 48.36 30.12 12.03
C ILE A 360 48.70 31.56 12.41
N THR A 361 49.94 31.78 12.83
CA THR A 361 50.36 33.14 13.20
C THR A 361 50.38 34.06 11.99
N THR A 362 50.85 33.57 10.84
CA THR A 362 51.02 34.44 9.69
C THR A 362 49.69 35.04 9.26
N GLU A 363 48.63 34.23 9.23
CA GLU A 363 47.29 34.71 8.91
C GLU A 363 46.33 34.24 10.00
N GLY A 364 45.49 35.15 10.47
CA GLY A 364 44.61 34.81 11.57
C GLY A 364 43.78 33.58 11.24
N LEU A 365 43.59 32.72 12.23
CA LEU A 365 42.84 31.48 12.07
C LEU A 365 41.99 31.25 13.30
N LYS A 366 40.66 31.34 13.14
CA LYS A 366 39.73 31.11 14.23
C LYS A 366 38.41 30.64 13.66
N GLN A 367 37.67 29.90 14.48
CA GLN A 367 36.40 29.35 14.04
C GLN A 367 35.47 30.46 13.58
N SER A 368 34.79 30.20 12.46
CA SER A 368 33.94 31.22 11.85
C SER A 368 32.92 31.73 12.85
N GLU A 369 32.90 33.05 13.02
CA GLU A 369 31.99 33.70 13.96
C GLU A 369 30.66 33.90 13.26
N ASN A 370 29.82 32.87 13.31
CA ASN A 370 28.55 32.87 12.60
C ASN A 370 27.79 34.16 12.85
N LYS A 371 27.47 34.86 11.77
CA LYS A 371 26.76 36.14 11.81
C LYS A 371 25.27 35.88 11.62
N LEU A 372 24.59 35.60 12.72
CA LEU A 372 23.15 35.40 12.68
C LEU A 372 22.47 36.66 12.13
N PRO A 373 21.26 36.51 11.60
CA PRO A 373 20.54 37.68 11.07
C PRO A 373 20.28 38.72 12.15
N GLU A 374 19.99 39.93 11.71
CA GLU A 374 19.69 41.05 12.59
C GLU A 374 18.22 41.41 12.54
N PRO A 375 17.69 42.04 13.59
CA PRO A 375 16.25 42.30 13.66
C PRO A 375 15.84 43.58 12.92
N ARG A 376 14.71 43.50 12.23
CA ARG A 376 14.15 44.64 11.53
C ARG A 376 12.71 44.89 11.96
N SER A 377 12.36 46.16 12.12
CA SER A 377 11.06 46.57 12.59
C SER A 377 9.99 46.47 11.51
N PHE A 378 8.74 46.63 11.93
CA PHE A 378 7.60 46.46 11.04
C PHE A 378 7.72 47.37 9.82
N PRO A 379 7.42 46.85 8.62
CA PRO A 379 7.42 47.69 7.41
C PRO A 379 6.12 48.45 7.26
N ARG A 380 6.25 49.76 7.04
CA ARG A 380 5.10 50.63 6.85
C ARG A 380 4.65 50.72 5.40
N TRP A 381 5.36 50.07 4.48
CA TRP A 381 5.07 50.14 3.06
C TRP A 381 4.31 48.94 2.52
N PHE A 382 4.17 47.88 3.30
CA PHE A 382 3.54 46.66 2.80
C PHE A 382 2.08 46.89 2.43
N ASN A 383 1.37 47.69 3.22
CA ASN A 383 -0.04 47.93 2.96
C ASN A 383 -0.23 48.57 1.60
N ALA A 384 0.68 49.47 1.22
CA ALA A 384 0.58 50.11 -0.08
C ALA A 384 0.70 49.10 -1.20
N GLU A 385 1.64 48.17 -1.09
CA GLU A 385 1.76 47.13 -2.11
C GLU A 385 0.51 46.29 -2.19
N TRP A 386 -0.06 45.95 -1.04
CA TRP A 386 -1.30 45.15 -1.07
C TRP A 386 -2.41 45.90 -1.79
N MET A 387 -2.63 47.16 -1.40
CA MET A 387 -3.71 47.92 -2.01
C MET A 387 -3.49 48.07 -3.50
N TRP A 388 -2.24 48.29 -3.92
CA TRP A 388 -1.96 48.41 -5.34
C TRP A 388 -2.23 47.10 -6.06
N ALA A 389 -1.80 45.99 -5.47
CA ALA A 389 -2.01 44.66 -6.05
C ALA A 389 -3.47 44.26 -6.09
N ILE A 390 -4.34 44.99 -5.40
CA ILE A 390 -5.77 44.71 -5.44
C ILE A 390 -6.47 45.60 -6.47
N LYS A 391 -5.74 46.12 -7.45
CA LYS A 391 -6.32 46.93 -8.51
C LYS A 391 -6.03 46.35 -9.88
N ASP A 392 -6.86 46.73 -10.84
CA ASP A 392 -6.74 46.25 -12.20
C ASP A 392 -5.49 46.83 -12.86
N SER A 393 -5.06 46.17 -13.95
CA SER A 393 -3.79 46.48 -14.60
C SER A 393 -3.96 47.09 -15.97
N ASP A 394 -5.17 47.53 -16.33
CA ASP A 394 -5.45 48.07 -17.65
C ASP A 394 -5.27 47.03 -18.75
N LEU A 395 -4.98 45.78 -18.38
CA LEU A 395 -4.89 44.68 -19.32
C LEU A 395 -5.42 43.43 -18.64
N THR A 396 -5.66 42.39 -19.46
CA THR A 396 -6.27 41.16 -18.97
C THR A 396 -5.61 39.95 -19.61
N GLY A 397 -5.76 38.80 -18.96
CA GLY A 397 -5.21 37.56 -19.46
C GLY A 397 -3.71 37.47 -19.30
N TRP A 398 -3.17 38.08 -18.25
CA TRP A 398 -1.73 38.11 -18.07
C TRP A 398 -1.16 36.71 -17.91
N VAL A 399 -1.73 35.93 -17.00
CA VAL A 399 -1.30 34.55 -16.78
C VAL A 399 -1.96 33.69 -17.85
N PRO A 400 -1.26 32.73 -18.46
CA PRO A 400 -1.93 31.84 -19.41
C PRO A 400 -2.93 30.93 -18.74
N MET A 401 -3.71 30.23 -19.57
CA MET A 401 -4.66 29.26 -19.07
C MET A 401 -4.99 28.27 -20.18
N ALA A 402 -5.55 27.14 -19.77
CA ALA A 402 -5.98 26.09 -20.68
C ALA A 402 -7.36 26.44 -21.25
N GLU A 403 -7.94 25.50 -21.98
CA GLU A 403 -9.28 25.65 -22.54
C GLU A 403 -10.25 24.77 -21.78
N TYR A 404 -11.39 25.34 -21.42
CA TYR A 404 -12.36 24.62 -20.62
C TYR A 404 -12.92 23.45 -21.44
N PRO A 405 -13.15 22.30 -20.82
CA PRO A 405 -13.63 21.14 -21.55
C PRO A 405 -15.14 21.15 -21.69
N PRO A 406 -15.69 20.22 -22.46
CA PRO A 406 -17.15 20.12 -22.60
C PRO A 406 -17.85 19.77 -21.30
N ALA A 407 -19.17 19.64 -21.37
CA ALA A 407 -19.98 19.35 -20.20
C ALA A 407 -21.14 18.44 -20.59
N ASP A 408 -21.57 17.63 -19.64
CA ASP A 408 -22.65 16.67 -19.83
C ASP A 408 -23.72 16.75 -18.77
N ASN A 409 -23.35 17.04 -17.52
CA ASN A 409 -24.28 17.07 -16.41
C ASN A 409 -24.33 18.46 -15.81
N GLU A 410 -25.35 18.70 -14.99
CA GLU A 410 -25.53 20.02 -14.40
C GLU A 410 -24.36 20.37 -13.50
N LEU A 411 -23.81 19.39 -12.81
CA LEU A 411 -22.70 19.66 -11.89
C LEU A 411 -21.53 20.26 -12.64
N GLU A 412 -21.23 19.74 -13.83
CA GLU A 412 -20.11 20.25 -14.59
C GLU A 412 -20.38 21.67 -15.04
N ASP A 413 -21.62 21.97 -15.42
CA ASP A 413 -21.98 23.32 -15.80
C ASP A 413 -21.79 24.29 -14.64
N TYR A 414 -22.16 23.87 -13.43
CA TYR A 414 -21.95 24.70 -12.27
C TYR A 414 -20.47 24.94 -12.01
N ALA A 415 -19.66 23.89 -12.13
CA ALA A 415 -18.24 24.04 -11.90
C ALA A 415 -17.61 24.98 -12.93
N GLU A 416 -18.11 24.92 -14.16
CA GLU A 416 -17.53 25.73 -15.22
C GLU A 416 -17.98 27.17 -15.12
N HIS A 417 -19.18 27.39 -14.61
CA HIS A 417 -19.65 28.77 -14.43
C HIS A 417 -18.89 29.44 -13.29
N LEU A 418 -18.71 28.73 -12.18
CA LEU A 418 -17.95 29.31 -11.09
C LEU A 418 -16.50 29.57 -11.50
N ASN A 419 -15.90 28.60 -12.19
CA ASN A 419 -14.51 28.78 -12.61
C ASN A 419 -14.38 29.94 -13.58
N LYS A 420 -15.34 30.08 -14.50
CA LYS A 420 -15.29 31.17 -15.45
C LYS A 420 -15.38 32.51 -14.74
N THR A 421 -16.30 32.63 -13.78
CA THR A 421 -16.46 33.88 -13.06
C THR A 421 -15.18 34.23 -12.32
N MET A 422 -14.61 33.26 -11.62
CA MET A 422 -13.41 33.54 -10.83
C MET A 422 -12.23 33.88 -11.71
N GLU A 423 -12.05 33.14 -12.81
CA GLU A 423 -10.93 33.42 -13.70
C GLU A 423 -11.07 34.79 -14.35
N GLY A 424 -12.29 35.16 -14.74
CA GLY A 424 -12.50 36.48 -15.29
C GLY A 424 -12.19 37.58 -14.29
N VAL A 425 -12.61 37.40 -13.04
CA VAL A 425 -12.34 38.40 -12.02
C VAL A 425 -10.84 38.50 -11.76
N LEU A 426 -10.15 37.37 -11.70
CA LEU A 426 -8.77 37.32 -11.25
C LEU A 426 -7.74 37.63 -12.34
N GLN A 427 -8.14 37.68 -13.61
CA GLN A 427 -7.21 37.90 -14.69
C GLN A 427 -6.90 39.36 -14.96
N GLY A 428 -7.62 40.29 -14.33
CA GLY A 428 -7.44 41.69 -14.62
C GLY A 428 -6.58 42.43 -13.62
N THR A 429 -6.23 41.76 -12.53
CA THR A 429 -5.52 42.40 -11.44
C THR A 429 -4.06 42.61 -11.79
N ASN A 430 -3.31 43.19 -10.85
CA ASN A 430 -1.88 43.39 -11.02
C ASN A 430 -1.08 42.22 -10.47
N CYS A 431 -1.53 41.61 -9.38
CA CYS A 431 -0.85 40.42 -8.86
C CYS A 431 -0.69 39.38 -9.95
N ALA A 432 -1.73 39.18 -10.78
CA ALA A 432 -1.64 38.20 -11.84
C ALA A 432 -0.62 38.59 -12.90
N ARG A 433 -0.42 39.89 -13.10
CA ARG A 433 0.66 40.34 -13.98
C ARG A 433 2.00 39.88 -13.45
N GLU A 434 2.20 39.95 -12.13
CA GLU A 434 3.45 39.48 -11.56
C GLU A 434 3.55 37.97 -11.63
N MET A 435 2.42 37.27 -11.53
CA MET A 435 2.44 35.82 -11.72
C MET A 435 2.95 35.47 -13.11
N GLY A 436 2.42 36.17 -14.12
CA GLY A 436 2.87 35.92 -15.48
C GLY A 436 4.33 36.27 -15.66
N LYS A 437 4.76 37.39 -15.08
CA LYS A 437 6.14 37.81 -15.23
C LYS A 437 7.08 36.79 -14.61
N CYS A 438 6.67 36.18 -13.51
CA CYS A 438 7.51 35.20 -12.85
C CYS A 438 7.54 33.92 -13.65
N ILE A 439 6.37 33.45 -14.08
CA ILE A 439 6.31 32.20 -14.82
C ILE A 439 7.19 32.27 -16.06
N LEU A 440 7.01 33.31 -16.87
CA LEU A 440 7.75 33.37 -18.13
C LEU A 440 9.23 33.65 -17.89
N THR A 441 9.56 34.62 -17.04
CA THR A 441 10.96 34.97 -16.88
C THR A 441 11.74 33.81 -16.28
N VAL A 442 11.19 33.15 -15.27
CA VAL A 442 11.89 32.02 -14.68
C VAL A 442 11.92 30.84 -15.63
N GLY A 443 10.88 30.63 -16.44
CA GLY A 443 10.96 29.58 -17.45
C GLY A 443 12.13 29.80 -18.39
N ALA A 444 12.27 31.03 -18.87
CA ALA A 444 13.39 31.33 -19.76
C ALA A 444 14.72 31.16 -19.06
N LEU A 445 14.82 31.62 -17.82
CA LEU A 445 16.07 31.52 -17.10
C LEU A 445 16.41 30.08 -16.77
N MET A 446 15.38 29.25 -16.55
CA MET A 446 15.56 27.83 -16.33
C MET A 446 16.07 27.14 -17.59
N THR A 447 15.54 27.52 -18.73
CA THR A 447 15.94 26.91 -19.99
C THR A 447 17.26 27.46 -20.50
N GLU A 448 17.73 28.57 -19.95
CA GLU A 448 19.08 29.04 -20.25
C GLU A 448 20.12 28.37 -19.35
N CYS A 449 19.91 28.39 -18.03
CA CYS A 449 20.88 27.77 -17.14
C CYS A 449 21.10 26.30 -17.47
N ARG A 450 20.10 25.65 -18.05
CA ARG A 450 20.24 24.24 -18.42
C ARG A 450 21.14 24.08 -19.64
N LEU A 451 21.06 25.00 -20.59
CA LEU A 451 21.74 24.84 -21.87
C LEU A 451 23.11 25.50 -21.91
N PHE A 452 23.24 26.71 -21.39
CA PHE A 452 24.45 27.52 -21.53
C PHE A 452 25.05 27.89 -20.18
N PRO A 453 25.39 26.90 -19.37
CA PRO A 453 26.17 27.18 -18.17
C PRO A 453 27.63 27.46 -18.50
N GLY A 454 28.24 28.30 -17.69
CA GLY A 454 29.56 28.80 -17.97
C GLY A 454 29.60 29.95 -18.96
N LYS A 455 28.43 30.49 -19.30
CA LYS A 455 28.31 31.63 -20.20
C LYS A 455 27.28 32.57 -19.60
N ILE A 456 27.66 33.83 -19.37
CA ILE A 456 26.78 34.73 -18.66
C ILE A 456 25.73 35.26 -19.63
N LYS A 457 24.70 34.46 -19.85
CA LYS A 457 23.68 34.77 -20.83
C LYS A 457 22.87 36.00 -20.39
N VAL A 458 22.12 36.54 -21.34
CA VAL A 458 21.22 37.66 -21.10
C VAL A 458 19.80 37.19 -21.32
N VAL A 459 18.95 37.38 -20.31
CA VAL A 459 17.56 36.98 -20.37
C VAL A 459 16.68 38.17 -20.03
N PRO A 460 15.59 38.39 -20.75
CA PRO A 460 14.71 39.52 -20.45
C PRO A 460 13.73 39.21 -19.35
N ILE A 461 13.18 40.28 -18.79
CA ILE A 461 12.11 40.22 -17.81
C ILE A 461 10.87 40.74 -18.53
N TYR A 462 9.98 39.82 -18.92
CA TYR A 462 8.93 40.16 -19.85
C TYR A 462 7.64 39.45 -19.46
N ALA A 463 6.63 39.63 -20.31
CA ALA A 463 5.34 38.99 -20.10
C ALA A 463 4.49 39.20 -21.34
N ARG A 464 3.37 38.49 -21.39
CA ARG A 464 2.44 38.57 -22.50
C ARG A 464 1.04 38.81 -21.94
N SER A 465 0.29 39.67 -22.62
CA SER A 465 -1.01 40.09 -22.14
C SER A 465 -1.91 40.38 -23.32
N LYS A 466 -3.12 40.85 -23.02
CA LYS A 466 -4.14 41.08 -24.04
C LYS A 466 -4.93 42.33 -23.69
N GLU A 467 -5.05 43.26 -24.64
CA GLU A 467 -5.82 44.46 -24.42
C GLU A 467 -7.30 44.12 -24.17
N ARG A 468 -7.94 44.91 -23.34
CA ARG A 468 -9.31 44.64 -22.94
C ARG A 468 -10.25 44.76 -24.14
N LYS A 469 -11.47 44.29 -23.94
CA LYS A 469 -12.49 44.28 -24.97
C LYS A 469 -13.47 45.44 -24.78
N PRO A 478 -9.75 42.60 -30.21
CA PRO A 478 -8.57 43.16 -29.56
C PRO A 478 -7.32 42.33 -29.78
N SER A 479 -6.17 42.99 -29.77
CA SER A 479 -4.91 42.34 -30.08
C SER A 479 -4.21 41.85 -28.81
N GLU A 480 -3.06 41.19 -29.00
CA GLU A 480 -2.21 40.76 -27.91
C GLU A 480 -1.07 41.76 -27.75
N MET A 481 -0.26 41.55 -26.72
CA MET A 481 0.78 42.51 -26.39
C MET A 481 1.91 41.82 -25.66
N ASP A 482 3.14 42.21 -25.97
CA ASP A 482 4.33 41.77 -25.25
C ASP A 482 4.84 42.94 -24.42
N CYS A 483 4.97 42.72 -23.11
CA CYS A 483 5.48 43.72 -22.18
C CYS A 483 6.90 43.36 -21.75
N LEU A 484 7.69 44.41 -21.48
CA LEU A 484 9.11 44.29 -21.11
C LEU A 484 9.41 45.09 -19.85
N PHE A 485 9.23 44.45 -18.70
CA PHE A 485 9.45 45.14 -17.43
C PHE A 485 10.92 45.48 -17.22
N GLY A 486 11.83 44.61 -17.60
CA GLY A 486 13.24 44.91 -17.45
C GLY A 486 14.13 43.89 -18.13
N ILE A 487 15.36 43.79 -17.63
CA ILE A 487 16.35 42.85 -18.14
C ILE A 487 17.03 42.11 -16.99
N CYS A 488 17.34 40.84 -17.21
CA CYS A 488 18.13 40.06 -16.28
C CYS A 488 19.36 39.47 -16.95
N VAL A 489 20.31 39.04 -16.11
CA VAL A 489 21.43 38.21 -16.53
C VAL A 489 21.66 37.18 -15.45
N LYS A 490 22.32 36.07 -15.81
CA LYS A 490 22.63 35.01 -14.87
C LYS A 490 24.08 34.58 -14.98
N SER A 491 24.85 34.83 -13.92
CA SER A 491 26.18 34.28 -13.78
C SER A 491 26.15 32.76 -13.87
N LYS A 492 27.33 32.18 -13.99
CA LYS A 492 27.47 30.74 -14.23
C LYS A 492 26.57 29.94 -13.31
N SER A 493 25.62 29.21 -13.91
CA SER A 493 24.71 28.35 -13.16
C SER A 493 25.14 26.89 -13.27
N HIS A 494 26.33 26.60 -12.77
CA HIS A 494 26.86 25.23 -12.81
C HIS A 494 26.30 24.48 -11.62
N LEU A 495 25.07 23.99 -11.78
CA LEU A 495 24.32 23.39 -10.68
C LEU A 495 24.62 21.90 -10.65
N ASN A 496 25.82 21.58 -10.17
CA ASN A 496 26.24 20.19 -10.09
C ASN A 496 25.39 19.41 -9.11
N LYS A 497 24.82 20.10 -8.12
CA LYS A 497 24.13 19.47 -7.01
C LYS A 497 22.77 20.12 -6.81
N ASP A 498 21.88 19.39 -6.13
CA ASP A 498 20.59 19.94 -5.76
C ASP A 498 20.74 21.08 -4.76
N ASP A 499 19.81 22.03 -4.83
CA ASP A 499 19.84 23.23 -4.00
C ASP A 499 21.16 23.98 -4.16
N GLY A 500 21.46 24.32 -5.41
CA GLY A 500 22.73 24.96 -5.69
C GLY A 500 22.73 26.42 -5.29
N MET A 501 23.43 27.24 -6.07
CA MET A 501 23.43 28.68 -5.90
C MET A 501 23.98 29.29 -7.18
N TYR A 502 23.30 30.31 -7.70
CA TYR A 502 23.80 31.00 -8.88
C TYR A 502 23.31 32.43 -8.88
N THR A 503 24.25 33.36 -8.77
CA THR A 503 23.91 34.78 -8.74
C THR A 503 23.33 35.22 -10.06
N ILE A 504 22.34 36.10 -9.99
CA ILE A 504 21.80 36.76 -11.16
C ILE A 504 21.77 38.25 -10.87
N ILE A 505 21.44 39.01 -11.88
CA ILE A 505 21.43 40.46 -11.80
C ILE A 505 20.22 40.98 -12.54
N THR A 506 19.59 42.01 -11.98
CA THR A 506 18.29 42.47 -12.44
C THR A 506 18.30 43.98 -12.59
N PHE A 507 18.04 44.44 -13.81
CA PHE A 507 17.79 45.85 -14.11
C PHE A 507 16.31 46.01 -14.36
N GLU A 508 15.71 47.04 -13.77
CA GLU A 508 14.28 47.25 -13.93
C GLU A 508 13.96 48.73 -13.92
N PHE A 509 12.96 49.11 -14.68
CA PHE A 509 12.66 50.51 -14.89
C PHE A 509 11.67 51.00 -13.85
N SER A 510 11.54 52.32 -13.76
CA SER A 510 10.59 52.93 -12.84
C SER A 510 10.42 54.40 -13.21
N ILE A 511 9.35 54.97 -12.69
CA ILE A 511 9.07 56.40 -12.83
C ILE A 511 8.94 57.07 -11.47
N ARG A 512 9.41 56.39 -10.41
CA ARG A 512 9.20 56.83 -9.05
C ARG A 512 10.52 57.04 -8.32
N GLU A 513 10.51 58.00 -7.40
CA GLU A 513 11.68 58.27 -6.60
C GLU A 513 11.91 57.12 -5.62
N PRO A 514 13.17 56.75 -5.35
CA PRO A 514 13.43 55.62 -4.45
C PRO A 514 13.38 56.02 -2.98
N ASN A 515 12.65 55.23 -2.19
CA ASN A 515 12.73 55.34 -0.75
C ASN A 515 14.05 54.79 -0.24
N LEU A 516 14.59 55.44 0.78
CA LEU A 516 15.84 54.96 1.39
C LEU A 516 15.63 53.68 2.17
N GLU A 517 14.59 53.65 3.01
CA GLU A 517 14.37 52.50 3.89
C GLU A 517 13.91 51.29 3.10
N LYS A 518 12.99 51.49 2.15
CA LYS A 518 12.45 50.39 1.38
C LYS A 518 13.46 49.86 0.37
N HIS A 519 13.91 50.72 -0.54
CA HIS A 519 14.75 50.30 -1.65
C HIS A 519 16.23 50.34 -1.28
N GLN A 520 16.56 49.75 -0.13
CA GLN A 520 17.95 49.68 0.29
C GLN A 520 18.75 48.77 -0.62
N LYS A 521 18.14 47.68 -1.08
CA LYS A 521 18.84 46.72 -1.93
C LYS A 521 19.32 47.37 -3.23
N TYR A 522 18.45 48.12 -3.89
CA TYR A 522 18.68 48.59 -5.24
C TYR A 522 19.67 49.75 -5.29
N THR A 523 20.18 50.01 -6.50
CA THR A 523 21.13 51.07 -6.81
C THR A 523 20.61 51.80 -8.06
N VAL A 524 19.71 52.76 -7.85
CA VAL A 524 19.00 53.41 -8.95
C VAL A 524 19.91 54.34 -9.75
N PHE A 525 19.53 54.56 -11.01
CA PHE A 525 20.22 55.48 -11.91
C PHE A 525 19.17 56.22 -12.73
N GLU A 526 19.04 57.53 -12.52
CA GLU A 526 18.14 58.32 -13.35
C GLU A 526 18.55 58.22 -14.82
N ALA A 527 17.59 57.90 -15.69
CA ALA A 527 17.88 57.60 -17.10
C ALA A 527 16.97 58.38 -18.04
N GLY A 528 17.29 59.65 -18.23
CA GLY A 528 16.61 60.44 -19.25
C GLY A 528 15.14 60.63 -18.99
N HIS A 529 14.34 60.32 -20.01
CA HIS A 529 12.91 60.62 -20.00
C HIS A 529 12.17 59.57 -20.82
N THR A 530 10.86 59.49 -20.59
CA THR A 530 10.00 58.61 -21.37
C THR A 530 8.62 59.22 -21.49
N THR A 531 8.00 59.05 -22.65
CA THR A 531 6.63 59.49 -22.86
C THR A 531 5.64 58.49 -22.26
N VAL A 532 4.37 58.92 -22.23
CA VAL A 532 3.28 58.08 -21.77
C VAL A 532 2.26 57.91 -22.88
N ARG A 543 2.85 62.64 -22.13
CA ARG A 543 3.86 63.66 -21.83
C ARG A 543 5.15 63.01 -21.35
N GLU A 544 6.17 63.83 -21.14
CA GLU A 544 7.48 63.34 -20.76
C GLU A 544 7.55 63.14 -19.26
N VAL A 545 8.32 62.14 -18.85
CA VAL A 545 8.48 61.83 -17.44
C VAL A 545 9.91 61.34 -17.20
N PRO A 546 10.52 61.65 -16.05
CA PRO A 546 11.84 61.10 -15.75
C PRO A 546 11.80 59.58 -15.65
N LEU A 547 12.98 58.99 -15.66
CA LEU A 547 13.15 57.55 -15.59
C LEU A 547 14.06 57.23 -14.41
N TYR A 548 14.07 55.97 -14.00
CA TYR A 548 14.92 55.54 -12.90
C TYR A 548 15.26 54.07 -13.10
N LEU A 549 16.55 53.76 -13.18
CA LEU A 549 17.03 52.43 -13.51
C LEU A 549 17.47 51.71 -12.24
N TYR A 550 16.61 50.82 -11.74
CA TYR A 550 16.81 50.09 -10.49
C TYR A 550 17.68 48.85 -10.75
N CYS A 551 18.93 48.89 -10.29
CA CYS A 551 19.89 47.81 -10.52
C CYS A 551 20.15 47.01 -9.24
N ARG A 552 19.54 45.82 -9.15
CA ARG A 552 19.75 44.92 -8.02
C ARG A 552 20.81 43.87 -8.36
N THR A 553 21.16 43.06 -7.36
CA THR A 553 21.98 41.85 -7.57
C THR A 553 21.57 40.74 -6.59
N THR A 554 20.56 39.96 -6.99
CA THR A 554 19.97 38.94 -6.14
C THR A 554 20.57 37.57 -6.43
N ALA A 555 19.93 36.52 -5.92
CA ALA A 555 20.36 35.14 -6.16
C ALA A 555 19.15 34.22 -6.13
N LEU A 556 19.31 33.07 -6.78
CA LEU A 556 18.23 32.08 -6.89
C LEU A 556 18.81 30.68 -6.80
N SER A 557 17.90 29.68 -6.79
CA SER A 557 18.26 28.28 -6.79
C SER A 557 17.33 27.52 -7.72
N LYS A 558 17.54 26.21 -7.84
CA LYS A 558 16.65 25.38 -8.63
C LYS A 558 15.24 25.36 -8.05
N ILE A 559 15.12 25.17 -6.75
CA ILE A 559 13.83 24.92 -6.15
C ILE A 559 12.97 26.17 -6.24
N LYS A 560 13.56 27.32 -5.91
CA LYS A 560 12.83 28.57 -6.03
C LYS A 560 12.37 28.77 -7.46
N ASN A 561 13.21 28.39 -8.43
CA ASN A 561 12.84 28.49 -9.83
C ASN A 561 11.61 27.66 -10.13
N ASP A 562 11.65 26.37 -9.78
CA ASP A 562 10.52 25.50 -10.11
C ASP A 562 9.24 25.98 -9.44
N TRP A 563 9.33 26.46 -8.21
CA TRP A 563 8.11 26.84 -7.51
C TRP A 563 7.55 28.14 -8.07
N LEU A 564 8.41 29.12 -8.32
CA LEU A 564 7.93 30.33 -8.98
C LEU A 564 7.30 29.99 -10.33
N SER A 565 7.95 29.10 -11.09
CA SER A 565 7.40 28.65 -12.36
C SER A 565 6.14 27.82 -12.19
N LYS A 566 5.76 27.49 -10.96
CA LYS A 566 4.52 26.77 -10.71
C LYS A 566 3.69 27.50 -9.67
N ALA A 567 3.83 28.83 -9.66
CA ALA A 567 3.07 29.70 -8.77
C ALA A 567 1.58 29.71 -9.07
N ARG A 568 1.17 29.17 -10.20
CA ARG A 568 -0.24 29.11 -10.56
C ARG A 568 -1.06 28.31 -9.56
N ARG A 569 -0.38 27.65 -8.61
CA ARG A 569 -1.05 26.87 -7.58
C ARG A 569 -2.06 27.69 -6.79
N CYS A 570 -1.77 28.97 -6.56
CA CYS A 570 -2.63 29.83 -5.75
C CYS A 570 -4.09 29.83 -6.19
N PHE A 571 -4.34 29.69 -7.48
CA PHE A 571 -5.72 29.66 -7.97
C PHE A 571 -6.48 28.52 -7.31
N ILE A 572 -5.85 27.37 -7.19
CA ILE A 572 -6.50 26.20 -6.61
C ILE A 572 -6.95 26.49 -5.19
N THR A 573 -6.04 26.99 -4.36
CA THR A 573 -6.37 27.24 -2.96
C THR A 573 -7.48 28.26 -2.83
N THR A 574 -7.39 29.35 -3.60
CA THR A 574 -8.40 30.39 -3.50
C THR A 574 -9.78 29.86 -3.90
N MET A 575 -9.83 29.11 -5.00
CA MET A 575 -11.10 28.54 -5.42
C MET A 575 -11.62 27.58 -4.37
N ASP A 576 -10.74 26.80 -3.75
CA ASP A 576 -11.20 25.85 -2.76
C ASP A 576 -11.85 26.57 -1.59
N THR A 577 -11.22 27.65 -1.13
CA THR A 577 -11.82 28.39 -0.02
C THR A 577 -13.17 28.98 -0.41
N VAL A 578 -13.26 29.52 -1.62
CA VAL A 578 -14.49 30.18 -2.01
C VAL A 578 -15.62 29.18 -2.16
N GLU A 579 -15.33 28.00 -2.67
CA GLU A 579 -16.41 27.03 -2.85
C GLU A 579 -16.67 26.25 -1.57
N THR A 580 -15.74 26.28 -0.63
CA THR A 580 -15.98 25.75 0.70
C THR A 580 -16.90 26.66 1.49
N ILE A 581 -16.88 27.95 1.18
CA ILE A 581 -17.82 28.84 1.84
C ILE A 581 -19.17 28.79 1.16
N CYS A 582 -19.19 28.72 -0.17
CA CYS A 582 -20.46 28.79 -0.88
C CYS A 582 -21.27 27.50 -0.73
N LEU A 583 -20.62 26.34 -0.81
CA LEU A 583 -21.38 25.10 -0.66
C LEU A 583 -21.92 24.95 0.76
N ARG A 584 -21.12 25.32 1.76
CA ARG A 584 -21.61 25.25 3.13
C ARG A 584 -22.79 26.19 3.34
N GLU A 585 -22.70 27.42 2.86
CA GLU A 585 -23.82 28.33 3.00
C GLU A 585 -25.04 27.84 2.24
N SER A 586 -24.83 27.11 1.14
CA SER A 586 -25.95 26.63 0.34
C SER A 586 -26.62 25.40 0.95
N ALA A 587 -25.87 24.60 1.69
CA ALA A 587 -26.44 23.36 2.23
C ALA A 587 -27.35 23.63 3.41
N LYS A 588 -27.00 24.58 4.27
CA LYS A 588 -27.83 24.90 5.42
C LYS A 588 -29.24 25.30 5.01
N ALA A 589 -29.45 25.68 3.75
CA ALA A 589 -30.75 26.08 3.25
C ALA A 589 -31.29 25.15 2.17
N GLU A 590 -30.50 24.19 1.71
CA GLU A 590 -30.94 23.22 0.70
C GLU A 590 -31.43 23.93 -0.56
N GLU A 591 -30.54 24.77 -1.11
CA GLU A 591 -30.82 25.53 -2.31
C GLU A 591 -29.52 26.09 -2.84
N ASN A 592 -29.48 26.33 -4.15
CA ASN A 592 -28.28 26.86 -4.80
C ASN A 592 -28.12 28.31 -4.42
N LEU A 593 -27.28 28.58 -3.42
CA LEU A 593 -27.00 29.93 -2.96
C LEU A 593 -25.50 30.17 -3.12
N VAL A 594 -25.11 30.58 -4.31
CA VAL A 594 -23.72 30.89 -4.63
C VAL A 594 -23.58 32.31 -5.16
N GLU A 595 -24.34 32.64 -6.21
CA GLU A 595 -24.33 34.00 -6.71
C GLU A 595 -24.75 34.99 -5.62
N LYS A 596 -25.78 34.65 -4.84
CA LYS A 596 -26.17 35.52 -3.75
C LYS A 596 -25.07 35.64 -2.72
N THR A 597 -24.43 34.51 -2.39
CA THR A 597 -23.34 34.55 -1.42
C THR A 597 -22.19 35.39 -1.95
N LEU A 598 -21.86 35.21 -3.21
CA LEU A 598 -20.73 35.92 -3.81
C LEU A 598 -21.00 37.42 -3.86
N ASN A 599 -22.19 37.81 -4.31
CA ASN A 599 -22.51 39.21 -4.47
C ASN A 599 -22.72 39.92 -3.15
N GLU A 600 -23.34 39.24 -2.18
CA GLU A 600 -23.85 39.89 -0.97
C GLU A 600 -22.97 39.67 0.24
N LYS A 601 -22.57 38.43 0.51
CA LYS A 601 -21.91 38.11 1.77
C LYS A 601 -20.72 39.03 1.97
N GLN A 602 -20.76 39.79 3.05
CA GLN A 602 -19.75 40.80 3.33
C GLN A 602 -18.62 40.24 4.17
N MET A 603 -17.39 40.52 3.76
CA MET A 603 -16.18 40.01 4.38
C MET A 603 -15.33 41.20 4.79
N TRP A 604 -15.15 41.37 6.10
CA TRP A 604 -14.29 42.44 6.61
C TRP A 604 -12.91 42.30 6.00
N ILE A 605 -12.39 43.38 5.42
CA ILE A 605 -11.07 43.35 4.79
C ILE A 605 -10.12 44.40 5.31
N GLY A 606 -10.52 45.18 6.30
CA GLY A 606 -9.60 46.11 6.92
C GLY A 606 -10.35 47.12 7.76
N LYS A 607 -9.62 48.12 8.20
CA LYS A 607 -10.20 49.25 8.92
C LYS A 607 -9.80 50.55 8.26
N LYS A 608 -10.71 51.52 8.32
CA LYS A 608 -10.46 52.86 7.84
C LYS A 608 -11.26 53.84 8.70
N ASN A 609 -10.58 54.83 9.25
CA ASN A 609 -11.21 55.82 10.12
C ASN A 609 -11.79 55.16 11.37
N GLY A 610 -11.06 54.17 11.90
CA GLY A 610 -11.48 53.45 13.08
C GLY A 610 -12.67 52.54 12.90
N GLU A 611 -13.18 52.38 11.67
CA GLU A 611 -14.28 51.48 11.40
C GLU A 611 -13.78 50.27 10.64
N LEU A 612 -14.61 49.22 10.61
CA LEU A 612 -14.26 47.96 9.97
C LEU A 612 -14.83 47.98 8.57
N ILE A 613 -13.97 48.00 7.57
CA ILE A 613 -14.44 47.95 6.19
C ILE A 613 -14.80 46.52 5.84
N ALA A 614 -15.74 46.39 4.92
CA ALA A 614 -16.19 45.09 4.45
C ALA A 614 -16.59 45.20 3.00
N GLN A 615 -16.41 44.10 2.27
CA GLN A 615 -16.77 44.07 0.87
C GLN A 615 -17.15 42.65 0.51
N PRO A 616 -17.97 42.47 -0.51
CA PRO A 616 -18.40 41.11 -0.85
C PRO A 616 -17.23 40.17 -1.08
N LEU A 617 -17.54 38.88 -1.17
CA LEU A 617 -16.50 37.88 -1.43
C LEU A 617 -15.85 38.11 -2.78
N ARG A 618 -16.66 38.50 -3.76
CA ARG A 618 -16.18 38.70 -5.11
C ARG A 618 -14.99 39.64 -5.16
N GLU A 619 -14.88 40.54 -4.18
CA GLU A 619 -13.77 41.48 -4.11
C GLU A 619 -12.73 41.11 -3.05
N ALA A 620 -12.99 40.10 -2.22
CA ALA A 620 -11.99 39.62 -1.27
C ALA A 620 -11.24 38.40 -1.80
N LEU A 621 -11.66 37.87 -2.95
CA LEU A 621 -10.82 36.87 -3.61
C LEU A 621 -9.46 37.46 -3.91
N ARG A 622 -9.42 38.76 -4.22
CA ARG A 622 -8.16 39.42 -4.52
C ARG A 622 -7.22 39.38 -3.32
N VAL A 623 -7.76 39.65 -2.13
CA VAL A 623 -6.95 39.60 -0.91
C VAL A 623 -6.44 38.18 -0.68
N GLN A 624 -7.34 37.19 -0.83
CA GLN A 624 -6.92 35.82 -0.63
C GLN A 624 -5.79 35.43 -1.58
N LEU A 625 -5.94 35.80 -2.85
CA LEU A 625 -4.93 35.48 -3.86
C LEU A 625 -3.61 36.15 -3.53
N VAL A 626 -3.66 37.40 -3.08
CA VAL A 626 -2.42 38.08 -2.74
C VAL A 626 -1.75 37.39 -1.56
N GLN A 627 -2.55 36.89 -0.63
CA GLN A 627 -2.01 36.17 0.51
C GLN A 627 -1.26 34.93 0.05
N GLN A 628 -1.88 34.14 -0.82
CA GLN A 628 -1.23 32.92 -1.28
C GLN A 628 0.02 33.23 -2.09
N PHE A 629 -0.04 34.26 -2.94
CA PHE A 629 1.13 34.62 -3.72
C PHE A 629 2.28 35.02 -2.81
N TYR A 630 2.01 35.85 -1.81
CA TYR A 630 3.07 36.26 -0.89
C TYR A 630 3.60 35.08 -0.10
N PHE A 631 2.75 34.10 0.21
CA PHE A 631 3.25 32.90 0.84
C PHE A 631 4.25 32.20 -0.07
N CYS A 632 3.95 32.17 -1.37
CA CYS A 632 4.89 31.58 -2.32
C CYS A 632 6.19 32.37 -2.37
N ILE A 633 6.11 33.69 -2.31
CA ILE A 633 7.28 34.52 -2.54
C ILE A 633 8.23 34.51 -1.34
N TYR A 634 7.73 34.90 -0.18
CA TYR A 634 8.57 35.13 0.99
C TYR A 634 8.74 33.90 1.86
N ASN A 635 8.45 32.71 1.35
CA ASN A 635 8.51 31.52 2.19
C ASN A 635 9.93 31.28 2.68
N ASP A 636 10.04 30.97 3.96
CA ASP A 636 11.31 30.73 4.62
C ASP A 636 11.02 29.90 5.87
N SER A 637 12.08 29.65 6.64
CA SER A 637 11.90 28.92 7.90
C SER A 637 11.11 29.76 8.89
N GLN A 638 11.35 31.06 8.90
CA GLN A 638 10.67 31.94 9.84
C GLN A 638 9.16 31.90 9.67
N LEU A 639 8.69 32.15 8.45
CA LEU A 639 7.26 32.12 8.20
C LEU A 639 6.67 30.76 8.53
N GLU A 640 7.42 29.70 8.24
CA GLU A 640 6.95 28.35 8.57
C GLU A 640 6.71 28.23 10.07
N GLY A 641 7.72 28.56 10.87
CA GLY A 641 7.56 28.47 12.31
C GLY A 641 6.44 29.33 12.82
N PHE A 642 6.33 30.57 12.31
CA PHE A 642 5.27 31.46 12.74
C PHE A 642 3.90 30.85 12.46
N CYS A 643 3.61 30.58 11.19
CA CYS A 643 2.31 30.03 10.84
C CYS A 643 2.06 28.70 11.52
N ASN A 644 3.10 28.03 12.01
CA ASN A 644 2.87 26.80 12.77
C ASN A 644 2.52 27.08 14.22
N GLU A 645 3.01 28.19 14.78
CA GLU A 645 2.78 28.51 16.18
C GLU A 645 1.62 29.47 16.41
N GLN A 646 1.05 30.06 15.36
CA GLN A 646 -0.07 30.97 15.56
C GLN A 646 -1.40 30.23 15.66
N LYS A 647 -1.43 28.95 15.28
CA LYS A 647 -2.69 28.23 15.26
C LYS A 647 -3.30 28.12 16.65
N LYS A 648 -2.45 27.96 17.66
CA LYS A 648 -2.95 27.89 19.03
C LYS A 648 -3.79 29.10 19.38
N ILE A 649 -3.32 30.29 18.97
CA ILE A 649 -4.03 31.52 19.28
C ILE A 649 -5.38 31.56 18.60
N LEU A 650 -5.45 31.12 17.35
CA LEU A 650 -6.73 31.13 16.65
C LEU A 650 -7.71 30.13 17.27
N MET A 651 -7.21 28.98 17.70
CA MET A 651 -8.10 28.03 18.38
C MET A 651 -8.58 28.60 19.69
N ALA A 652 -7.72 29.30 20.42
CA ALA A 652 -8.15 29.99 21.63
C ALA A 652 -9.22 31.02 21.34
N LEU A 653 -9.05 31.75 20.23
CA LEU A 653 -10.07 32.72 19.83
C LEU A 653 -11.41 32.04 19.62
N GLU A 654 -11.41 30.94 18.87
CA GLU A 654 -12.67 30.24 18.64
C GLU A 654 -13.28 29.76 19.95
N GLY A 655 -12.45 29.20 20.83
CA GLY A 655 -12.94 28.80 22.14
C GLY A 655 -13.58 29.96 22.88
N ASP A 656 -13.00 31.15 22.77
CA ASP A 656 -13.57 32.33 23.39
C ASP A 656 -14.92 32.69 22.77
N LYS A 657 -15.02 32.54 21.44
CA LYS A 657 -16.25 32.92 20.76
C LYS A 657 -17.43 32.05 21.21
N LYS A 658 -17.17 30.80 21.58
CA LYS A 658 -18.23 29.87 21.94
C LYS A 658 -18.27 29.61 23.44
N ASN A 659 -17.63 30.46 24.24
CA ASN A 659 -17.72 30.40 25.70
C ASN A 659 -17.17 29.08 26.23
N LYS A 660 -16.29 28.44 25.48
CA LYS A 660 -15.64 27.22 25.93
C LYS A 660 -14.43 27.60 26.77
N SER A 661 -14.46 27.25 28.06
CA SER A 661 -13.44 27.71 28.99
C SER A 661 -12.14 26.98 28.69
N SER A 662 -11.45 27.46 27.66
CA SER A 662 -10.18 26.91 27.27
C SER A 662 -9.14 27.17 28.35
N PHE A 663 -8.02 26.48 28.25
CA PHE A 663 -6.94 26.63 29.22
C PHE A 663 -5.63 26.17 28.60
N GLY A 664 -4.55 26.44 29.32
CA GLY A 664 -3.22 26.14 28.86
C GLY A 664 -2.28 26.03 30.04
N PHE A 665 -1.07 25.59 29.75
CA PHE A 665 -0.06 25.30 30.76
C PHE A 665 1.03 26.36 30.84
N ASN A 666 1.43 26.96 29.71
CA ASN A 666 2.46 27.99 29.71
C ASN A 666 2.41 28.84 28.46
N PRO A 667 1.50 29.81 28.37
CA PRO A 667 1.40 30.63 27.16
C PRO A 667 2.62 31.52 26.94
N GLU A 668 3.23 32.01 28.00
CA GLU A 668 4.38 32.88 27.85
C GLU A 668 5.47 32.24 27.00
N GLY A 669 5.73 30.95 27.24
CA GLY A 669 6.70 30.25 26.42
C GLY A 669 6.29 30.20 24.96
N LEU A 670 4.98 30.09 24.71
CA LEU A 670 4.49 30.08 23.33
C LEU A 670 4.77 31.40 22.65
N LEU A 671 4.42 32.50 23.32
CA LEU A 671 4.70 33.82 22.75
C LEU A 671 6.19 34.01 22.53
N GLU A 672 7.02 33.52 23.45
CA GLU A 672 8.47 33.61 23.27
C GLU A 672 8.90 32.86 22.03
N LYS A 673 8.44 31.62 21.87
CA LYS A 673 8.76 30.85 20.67
C LYS A 673 8.37 31.61 19.42
N ILE A 674 7.20 32.24 19.44
CA ILE A 674 6.74 32.99 18.27
C ILE A 674 7.69 34.16 17.99
N GLU A 675 7.90 35.01 18.99
CA GLU A 675 8.75 36.17 18.77
C GLU A 675 10.17 35.79 18.43
N GLU A 676 10.56 34.53 18.63
CA GLU A 676 11.89 34.11 18.23
C GLU A 676 12.01 34.02 16.71
N CYS A 677 10.92 33.71 16.02
CA CYS A 677 10.94 33.49 14.58
C CYS A 677 10.50 34.72 13.79
N LEU A 678 10.58 35.91 14.39
CA LEU A 678 10.26 37.17 13.71
C LEU A 678 11.56 37.93 13.50
N ILE A 679 12.15 37.77 12.32
CA ILE A 679 13.40 38.45 12.00
C ILE A 679 13.47 38.78 10.52
N ASN A 680 13.61 40.06 10.21
CA ASN A 680 14.00 40.52 8.87
C ASN A 680 13.17 39.87 7.76
N ASN A 681 11.92 39.51 8.03
CA ASN A 681 11.01 39.05 6.98
C ASN A 681 9.71 39.83 7.03
N PRO A 682 9.47 40.73 6.08
CA PRO A 682 8.30 41.62 6.18
C PRO A 682 6.98 40.92 6.43
N MET A 683 6.76 39.79 5.77
CA MET A 683 5.46 39.13 5.85
C MET A 683 5.14 38.71 7.28
N CYS A 684 6.06 37.97 7.90
CA CYS A 684 5.89 37.58 9.29
C CYS A 684 5.48 38.75 10.18
N LEU A 685 6.26 39.83 10.11
CA LEU A 685 6.04 40.98 10.99
C LEU A 685 4.69 41.63 10.74
N PHE A 686 4.35 41.81 9.46
CA PHE A 686 3.07 42.40 9.10
C PHE A 686 1.92 41.54 9.60
N MET A 687 2.02 40.23 9.41
CA MET A 687 0.95 39.33 9.84
C MET A 687 0.83 39.33 11.35
N ALA A 688 1.95 39.44 12.06
CA ALA A 688 1.89 39.51 13.52
C ALA A 688 1.20 40.79 13.99
N GLN A 689 1.53 41.91 13.38
CA GLN A 689 0.87 43.15 13.76
C GLN A 689 -0.63 43.07 13.50
N ARG A 690 -1.01 42.47 12.36
CA ARG A 690 -2.42 42.27 12.06
C ARG A 690 -3.08 41.34 13.07
N LEU A 691 -2.37 40.29 13.50
CA LEU A 691 -2.93 39.38 14.49
C LEU A 691 -3.17 40.09 15.81
N ASN A 692 -2.30 41.02 16.15
CA ASN A 692 -2.49 41.77 17.38
C ASN A 692 -3.69 42.70 17.25
N GLU A 693 -3.80 43.39 16.12
CA GLU A 693 -4.95 44.24 15.89
C GLU A 693 -6.25 43.43 15.91
N LEU A 694 -6.20 42.20 15.41
CA LEU A 694 -7.39 41.34 15.45
C LEU A 694 -7.79 41.03 16.87
N VAL A 695 -6.86 40.53 17.68
CA VAL A 695 -7.21 40.17 19.04
C VAL A 695 -7.69 41.42 19.78
N ILE A 696 -7.14 42.58 19.45
CA ILE A 696 -7.60 43.82 20.07
C ILE A 696 -9.06 44.09 19.71
N GLU A 697 -9.35 44.08 18.41
CA GLU A 697 -10.71 44.37 17.97
C GLU A 697 -11.70 43.35 18.52
N ALA A 698 -11.26 42.11 18.74
CA ALA A 698 -12.15 41.10 19.27
C ALA A 698 -12.32 41.22 20.78
N SER A 699 -11.31 41.75 21.48
CA SER A 699 -11.44 41.97 22.91
C SER A 699 -12.66 42.82 23.24
N LYS A 700 -13.14 43.59 22.27
CA LYS A 700 -14.33 44.40 22.51
C LYS A 700 -15.57 43.52 22.61
N ARG A 701 -15.53 42.36 21.96
CA ARG A 701 -16.66 41.43 21.91
C ARG A 701 -16.26 40.04 22.41
N GLY A 702 -15.15 39.93 23.13
CA GLY A 702 -14.64 38.65 23.57
C GLY A 702 -13.67 38.86 24.72
N ALA A 703 -13.14 37.75 25.22
CA ALA A 703 -12.21 37.79 26.34
C ALA A 703 -10.93 37.05 26.02
N LYS A 704 -10.08 36.86 27.03
CA LYS A 704 -8.84 36.10 26.95
C LYS A 704 -7.72 36.86 26.27
N PHE A 705 -7.76 38.19 26.25
CA PHE A 705 -6.67 38.94 25.62
C PHE A 705 -6.46 40.24 26.36
N PHE A 706 -5.19 40.55 26.59
CA PHE A 706 -4.77 41.73 27.32
C PHE A 706 -4.34 42.83 26.35
N LYS A 707 -4.37 44.07 26.84
CA LYS A 707 -4.00 45.22 26.03
C LYS A 707 -2.64 45.77 26.47
N MET B 1 -6.22 53.15 3.80
CA MET B 1 -6.79 52.02 4.59
C MET B 1 -5.69 51.03 4.99
N GLU B 2 -5.93 50.30 6.07
CA GLU B 2 -5.04 49.25 6.56
C GLU B 2 -5.74 47.91 6.39
N ILE B 3 -5.45 47.23 5.29
CA ILE B 3 -6.07 45.93 5.02
C ILE B 3 -5.57 44.89 6.02
N ASN B 4 -6.50 44.12 6.56
CA ASN B 4 -6.17 43.01 7.48
C ASN B 4 -6.91 41.78 6.99
N PRO B 5 -6.21 40.69 6.66
CA PRO B 5 -6.90 39.49 6.17
C PRO B 5 -7.43 38.59 7.27
N TYR B 6 -6.99 38.76 8.51
CA TYR B 6 -7.48 37.90 9.59
C TYR B 6 -8.90 38.24 10.01
N LEU B 7 -9.41 39.41 9.63
CA LEU B 7 -10.73 39.83 10.11
C LEU B 7 -11.82 38.85 9.75
N MET B 8 -11.59 37.97 8.79
CA MET B 8 -12.58 36.97 8.41
C MET B 8 -12.82 35.95 9.51
N PHE B 9 -11.93 35.88 10.51
CA PHE B 9 -12.09 34.99 11.63
C PHE B 9 -12.98 35.57 12.72
N LEU B 10 -13.28 36.86 12.66
CA LEU B 10 -14.14 37.47 13.67
C LEU B 10 -15.56 36.94 13.60
N ASN B 11 -16.11 36.80 12.41
CA ASN B 11 -17.51 36.44 12.23
C ASN B 11 -17.69 35.21 11.36
N ASN B 12 -16.64 34.39 11.21
CA ASN B 12 -16.76 33.15 10.45
C ASN B 12 -15.95 32.07 11.16
N ASP B 13 -16.44 30.83 11.04
CA ASP B 13 -15.79 29.70 11.68
C ASP B 13 -14.31 29.64 11.34
N VAL B 14 -13.50 29.24 12.32
CA VAL B 14 -12.06 29.23 12.16
C VAL B 14 -11.58 28.03 11.35
N THR B 15 -12.26 26.89 11.46
CA THR B 15 -11.82 25.71 10.71
C THR B 15 -11.98 25.93 9.22
N SER B 16 -13.13 26.49 8.81
CA SER B 16 -13.41 26.63 7.39
C SER B 16 -12.46 27.59 6.69
N LEU B 17 -11.48 28.13 7.41
CA LEU B 17 -10.49 29.00 6.81
C LEU B 17 -9.08 28.68 7.29
N ILE B 18 -8.90 27.66 8.13
CA ILE B 18 -7.58 27.38 8.68
C ILE B 18 -6.60 27.03 7.56
N SER B 19 -7.10 26.48 6.46
CA SER B 19 -6.23 26.15 5.33
C SER B 19 -5.48 27.37 4.83
N THR B 20 -6.06 28.57 4.99
CA THR B 20 -5.42 29.78 4.49
C THR B 20 -4.10 30.06 5.19
N THR B 21 -3.89 29.53 6.38
CA THR B 21 -2.68 29.84 7.13
C THR B 21 -1.48 29.06 6.61
N TYR B 22 -1.67 27.79 6.30
CA TYR B 22 -0.60 26.92 5.82
C TYR B 22 0.10 27.51 4.61
N PRO B 23 1.39 27.86 4.72
CA PRO B 23 2.15 28.33 3.56
C PRO B 23 2.73 27.17 2.74
N TYR B 24 1.89 26.20 2.44
CA TYR B 24 2.30 25.04 1.66
C TYR B 24 2.25 25.30 0.17
N THR B 25 2.07 26.55 -0.22
CA THR B 25 2.09 26.97 -1.61
C THR B 25 3.49 27.39 -2.06
N GLY B 26 4.49 27.30 -1.18
CA GLY B 26 5.82 27.73 -1.51
C GLY B 26 6.91 26.73 -1.19
N PRO B 27 8.11 27.01 -1.67
CA PRO B 27 9.23 26.10 -1.48
C PRO B 27 9.67 26.01 -0.03
N PRO B 28 9.91 24.82 0.49
CA PRO B 28 10.49 24.69 1.81
C PRO B 28 12.01 24.79 1.73
N PRO B 29 12.70 24.96 2.87
CA PRO B 29 14.15 25.08 2.91
C PRO B 29 14.88 23.75 2.73
N SER B 35 25.13 18.20 10.30
CA SER B 35 26.23 19.00 10.85
C SER B 35 26.76 18.35 12.11
N THR B 36 27.39 19.14 12.97
CA THR B 36 27.91 18.63 14.24
C THR B 36 27.33 19.36 15.44
N LYS B 37 27.15 20.68 15.34
CA LYS B 37 26.60 21.41 16.47
C LYS B 37 25.24 20.86 16.88
N TYR B 38 24.37 20.58 15.90
CA TYR B 38 23.07 20.00 16.21
C TYR B 38 23.22 18.65 16.90
N THR B 39 24.10 17.79 16.38
CA THR B 39 24.28 16.48 16.99
C THR B 39 24.86 16.60 18.39
N LEU B 40 25.81 17.50 18.58
CA LEU B 40 26.38 17.67 19.91
C LEU B 40 25.34 18.18 20.89
N GLU B 41 24.50 19.13 20.47
CA GLU B 41 23.41 19.57 21.33
C GLU B 41 22.47 18.43 21.67
N THR B 42 22.18 17.58 20.70
CA THR B 42 21.31 16.43 20.96
C THR B 42 21.93 15.50 21.98
N ILE B 43 23.21 15.19 21.78
CA ILE B 43 23.93 14.32 22.71
C ILE B 43 23.89 14.89 24.11
N LYS B 44 24.16 16.19 24.22
CA LYS B 44 24.20 16.82 25.53
C LYS B 44 22.83 16.80 26.19
N ARG B 45 21.78 17.16 25.45
CA ARG B 45 20.45 17.13 26.04
C ARG B 45 20.08 15.73 26.47
N THR B 46 20.51 14.71 25.73
CA THR B 46 20.19 13.34 26.10
C THR B 46 20.89 12.96 27.38
N TYR B 47 22.18 13.23 27.49
CA TYR B 47 22.90 12.94 28.73
C TYR B 47 22.38 13.76 29.89
N ASP B 48 21.78 14.93 29.63
CA ASP B 48 21.25 15.75 30.71
C ASP B 48 19.91 15.23 31.19
N TYR B 49 19.00 14.90 30.27
CA TYR B 49 17.69 14.39 30.66
C TYR B 49 17.84 13.23 31.64
N SER B 50 18.67 12.25 31.30
CA SER B 50 18.99 11.24 32.29
C SER B 50 19.54 11.97 33.50
N ARG B 51 18.75 12.02 34.56
CA ARG B 51 19.07 12.86 35.71
C ARG B 51 20.15 12.24 36.57
N THR B 52 20.33 10.93 36.46
CA THR B 52 21.26 10.18 37.28
C THR B 52 22.71 10.48 36.90
N SER B 53 23.62 10.09 37.79
CA SER B 53 25.05 10.20 37.56
C SER B 53 25.76 8.86 37.66
N VAL B 54 25.04 7.77 37.90
CA VAL B 54 25.68 6.46 38.01
C VAL B 54 26.33 6.11 36.68
N GLU B 55 27.59 5.70 36.74
CA GLU B 55 28.37 5.36 35.57
C GLU B 55 29.05 4.01 35.81
N LYS B 56 28.81 3.06 34.92
CA LYS B 56 29.56 1.82 34.96
C LYS B 56 30.77 1.95 34.05
N THR B 57 31.57 0.89 33.96
CA THR B 57 32.69 0.85 33.03
C THR B 57 32.65 -0.47 32.26
N SER B 58 32.47 -0.38 30.96
CA SER B 58 32.51 -1.56 30.11
C SER B 58 33.94 -2.05 29.97
N LYS B 59 34.07 -3.33 29.64
CA LYS B 59 35.36 -3.95 29.34
C LYS B 59 35.62 -4.05 27.85
N VAL B 60 34.59 -4.29 27.04
CA VAL B 60 34.77 -4.42 25.60
C VAL B 60 35.31 -3.13 25.03
N PHE B 61 34.69 -2.00 25.40
CA PHE B 61 35.05 -0.70 24.85
C PHE B 61 35.90 0.13 25.81
N ASN B 62 35.82 -0.14 27.12
CA ASN B 62 36.53 0.66 28.10
C ASN B 62 36.04 2.11 28.08
N ILE B 63 34.73 2.28 27.98
CA ILE B 63 34.11 3.60 27.94
C ILE B 63 33.09 3.68 29.09
N PRO B 64 33.12 4.73 29.91
CA PRO B 64 32.09 4.89 30.94
C PRO B 64 30.70 4.86 30.34
N ARG B 65 29.81 4.09 30.98
CA ARG B 65 28.47 3.83 30.46
C ARG B 65 27.43 4.32 31.48
N ARG B 66 26.86 5.50 31.18
CA ARG B 66 25.76 6.04 31.97
C ARG B 66 24.51 5.18 31.83
N LYS B 67 23.88 4.85 32.95
CA LYS B 67 22.73 3.97 32.99
C LYS B 67 21.44 4.78 33.08
N PHE B 68 20.64 4.75 32.02
CA PHE B 68 19.43 5.55 31.91
C PHE B 68 18.19 4.79 32.34
N CYS B 69 18.25 3.93 33.36
CA CYS B 69 17.04 3.24 33.79
C CYS B 69 17.13 2.81 35.24
N ASN B 70 16.11 3.18 36.01
CA ASN B 70 15.96 2.78 37.40
C ASN B 70 17.06 3.36 38.30
N CYS B 71 17.48 4.60 38.01
CA CYS B 71 18.47 5.29 38.83
C CYS B 71 18.10 6.76 38.97
N LEU B 72 16.82 7.06 39.09
CA LEU B 72 16.39 8.46 39.04
C LEU B 72 16.92 9.23 40.25
N GLU B 73 17.47 10.41 39.96
CA GLU B 73 17.92 11.35 40.98
C GLU B 73 17.65 12.75 40.47
N ASP B 74 17.98 13.75 41.28
CA ASP B 74 17.85 15.14 40.88
C ASP B 74 16.42 15.46 40.47
N LYS B 75 15.51 15.33 41.44
CA LYS B 75 14.09 15.51 41.18
C LYS B 75 13.72 16.99 41.25
N ASP B 76 14.47 17.83 40.55
CA ASP B 76 14.22 19.26 40.51
C ASP B 76 13.65 19.65 39.16
N GLU B 77 12.62 20.49 39.18
CA GLU B 77 11.97 20.98 37.97
C GLU B 77 11.56 19.81 37.08
N LEU B 78 10.76 18.92 37.64
CA LEU B 78 10.31 17.74 36.92
C LEU B 78 9.45 18.09 35.73
N VAL B 79 8.84 19.29 35.73
CA VAL B 79 8.08 19.72 34.57
C VAL B 79 8.85 19.47 33.30
N LYS B 80 10.18 19.62 33.36
CA LYS B 80 11.01 19.49 32.20
C LYS B 80 11.15 18.03 31.80
N PRO B 81 11.80 17.75 30.68
CA PRO B 81 11.90 16.36 30.21
C PRO B 81 12.88 15.55 31.04
N THR B 82 12.43 14.39 31.50
CA THR B 82 13.25 13.43 32.22
C THR B 82 13.29 12.14 31.42
N GLY B 83 14.47 11.52 31.38
CA GLY B 83 14.63 10.31 30.59
C GLY B 83 14.89 9.04 31.38
N ASN B 84 14.52 9.02 32.65
CA ASN B 84 14.65 7.83 33.47
C ASN B 84 13.33 7.08 33.53
N VAL B 85 13.43 5.75 33.62
CA VAL B 85 12.28 4.87 33.50
C VAL B 85 12.26 3.92 34.69
N ASP B 86 11.07 3.71 35.24
CA ASP B 86 10.85 2.76 36.32
C ASP B 86 10.24 1.51 35.71
N ILE B 87 11.06 0.48 35.53
CA ILE B 87 10.62 -0.74 34.86
C ILE B 87 9.40 -1.35 35.54
N SER B 88 9.31 -1.22 36.87
CA SER B 88 8.16 -1.76 37.58
C SER B 88 6.87 -1.14 37.08
N SER B 89 6.84 0.18 36.96
CA SER B 89 5.64 0.86 36.50
C SER B 89 5.31 0.47 35.06
N LEU B 90 6.33 0.38 34.22
CA LEU B 90 6.11 0.02 32.83
C LEU B 90 5.51 -1.37 32.73
N LEU B 91 6.03 -2.30 33.52
CA LEU B 91 5.52 -3.66 33.50
C LEU B 91 4.10 -3.73 34.04
N GLY B 92 3.79 -2.92 35.06
CA GLY B 92 2.42 -2.86 35.54
C GLY B 92 1.46 -2.37 34.47
N LEU B 93 1.86 -1.35 33.73
CA LEU B 93 1.03 -0.85 32.64
C LEU B 93 0.86 -1.91 31.56
N ALA B 94 1.92 -2.67 31.29
CA ALA B 94 1.83 -3.76 30.33
C ALA B 94 0.84 -4.81 30.81
N GLU B 95 0.85 -5.09 32.11
CA GLU B 95 -0.10 -6.05 32.67
C GLU B 95 -1.53 -5.54 32.51
N MET B 96 -1.73 -4.24 32.70
CA MET B 96 -3.07 -3.68 32.57
C MET B 96 -3.57 -3.80 31.14
N MET B 97 -2.68 -3.55 30.17
CA MET B 97 -3.08 -3.66 28.78
C MET B 97 -3.37 -5.11 28.42
N GLU B 98 -2.54 -6.03 28.91
CA GLU B 98 -2.78 -7.44 28.65
C GLU B 98 -4.12 -7.86 29.23
N LYS B 99 -4.44 -7.42 30.44
CA LYS B 99 -5.70 -7.80 31.04
C LYS B 99 -6.88 -7.27 30.23
N ARG B 100 -6.81 -6.02 29.79
CA ARG B 100 -7.92 -5.47 29.03
C ARG B 100 -8.09 -6.20 27.70
N MET B 101 -7.00 -6.44 26.98
CA MET B 101 -7.11 -7.10 25.69
C MET B 101 -7.60 -8.54 25.84
N GLY B 102 -7.03 -9.28 26.78
CA GLY B 102 -7.44 -10.66 27.00
C GLY B 102 -6.26 -11.51 27.41
N GLU B 103 -6.59 -12.77 27.70
CA GLU B 103 -5.58 -13.74 28.10
C GLU B 103 -4.73 -14.13 26.89
N GLY B 104 -3.42 -14.23 27.10
CA GLY B 104 -2.52 -14.62 26.04
C GLY B 104 -2.66 -13.71 24.83
N PHE B 105 -2.75 -12.41 25.06
CA PHE B 105 -2.90 -11.47 23.97
C PHE B 105 -1.64 -11.38 23.12
N PHE B 106 -0.47 -11.40 23.77
CA PHE B 106 0.78 -11.17 23.07
C PHE B 106 1.30 -12.41 22.36
N LYS B 107 0.93 -13.60 22.83
CA LYS B 107 1.46 -14.82 22.22
C LYS B 107 0.93 -14.96 20.79
N HIS B 108 -0.35 -14.68 20.57
CA HIS B 108 -0.87 -14.72 19.21
C HIS B 108 -0.12 -13.75 18.31
N CYS B 109 0.21 -12.57 18.83
CA CYS B 109 0.93 -11.59 18.03
C CYS B 109 2.32 -12.07 17.66
N VAL B 110 3.09 -12.52 18.66
CA VAL B 110 4.44 -13.00 18.35
C VAL B 110 4.37 -14.23 17.45
N MET B 111 3.27 -14.97 17.50
CA MET B 111 3.10 -16.09 16.57
C MET B 111 2.90 -15.58 15.15
N GLU B 112 2.09 -14.53 14.99
CA GLU B 112 1.84 -13.98 13.67
C GLU B 112 3.07 -13.29 13.11
N ALA B 113 3.97 -12.85 13.96
CA ALA B 113 5.24 -12.32 13.50
C ALA B 113 6.20 -13.44 13.11
N GLU B 114 6.38 -14.41 14.01
CA GLU B 114 7.26 -15.54 13.72
C GLU B 114 6.83 -16.26 12.45
N THR B 115 5.55 -16.23 12.12
CA THR B 115 5.09 -16.85 10.88
C THR B 115 5.71 -16.20 9.65
N GLU B 116 6.21 -14.97 9.77
CA GLU B 116 6.81 -14.24 8.67
C GLU B 116 8.32 -14.13 8.78
N ILE B 117 8.83 -13.90 9.97
CA ILE B 117 10.27 -13.71 10.15
C ILE B 117 11.04 -14.90 9.59
N LEU B 118 10.46 -16.10 9.68
CA LEU B 118 11.20 -17.28 9.28
C LEU B 118 11.26 -17.44 7.76
N LYS B 119 10.11 -17.32 7.09
CA LYS B 119 10.08 -17.48 5.65
C LYS B 119 10.53 -16.25 4.89
N MET B 120 10.80 -15.13 5.57
CA MET B 120 11.13 -13.91 4.86
C MET B 120 12.45 -14.07 4.11
N HIS B 121 12.48 -13.54 2.89
CA HIS B 121 13.70 -13.54 2.09
C HIS B 121 14.57 -12.37 2.48
N PHE B 122 15.87 -12.58 2.46
CA PHE B 122 16.82 -11.56 2.87
C PHE B 122 16.99 -10.45 1.84
N SER B 123 16.23 -10.51 0.74
CA SER B 123 16.22 -9.46 -0.26
C SER B 123 15.22 -8.36 0.06
N ARG B 124 14.34 -8.59 1.03
CA ARG B 124 13.41 -7.57 1.47
C ARG B 124 14.13 -6.39 2.09
N LEU B 125 15.31 -6.62 2.66
CA LEU B 125 16.09 -5.53 3.24
C LEU B 125 16.37 -4.44 2.22
N THR B 126 16.48 -4.82 0.94
CA THR B 126 16.75 -3.87 -0.12
C THR B 126 15.71 -2.75 -0.17
N GLU B 127 14.45 -3.06 0.15
CA GLU B 127 13.43 -2.03 0.18
C GLU B 127 13.45 -1.36 1.55
N GLY B 128 14.19 -0.26 1.61
CA GLY B 128 14.29 0.56 2.80
C GLY B 128 14.99 1.85 2.45
N ARG B 129 14.89 2.80 3.37
CA ARG B 129 15.62 4.06 3.22
C ARG B 129 17.14 3.82 3.19
N GLN B 130 17.86 4.88 2.87
CA GLN B 130 19.31 4.82 2.79
C GLN B 130 19.93 4.33 4.09
N THR B 131 20.88 3.42 3.97
CA THR B 131 21.54 2.81 5.12
C THR B 131 23.05 3.03 5.03
N TYR B 132 23.63 3.38 6.17
CA TYR B 132 25.07 3.58 6.26
C TYR B 132 25.80 2.33 5.81
N ASP B 133 26.90 2.52 5.09
CA ASP B 133 27.74 1.41 4.62
C ASP B 133 28.98 1.31 5.48
N TRP B 134 29.28 0.10 5.94
CA TRP B 134 30.38 -0.14 6.86
C TRP B 134 31.69 -0.45 6.16
N THR B 135 31.81 -0.08 4.88
CA THR B 135 33.04 -0.29 4.14
C THR B 135 33.62 1.03 3.62
N SER B 136 32.84 1.80 2.89
CA SER B 136 33.24 3.11 2.44
C SER B 136 32.92 4.22 3.45
N GLU B 137 32.11 3.92 4.46
CA GLU B 137 31.72 4.90 5.47
C GLU B 137 30.91 6.04 4.83
N ARG B 138 29.84 5.65 4.15
CA ARG B 138 28.96 6.60 3.51
C ARG B 138 27.56 6.02 3.42
N ASN B 139 26.58 6.93 3.34
CA ASN B 139 25.20 6.51 3.16
C ASN B 139 25.01 6.02 1.73
N MET B 140 24.23 4.96 1.58
CA MET B 140 24.07 4.32 0.28
C MET B 140 22.76 3.58 0.24
N PRO B 141 22.12 3.50 -0.92
CA PRO B 141 20.86 2.75 -1.01
C PRO B 141 21.00 1.34 -0.45
N ALA B 142 19.88 0.75 -0.04
CA ALA B 142 19.95 -0.52 0.68
C ALA B 142 20.54 -1.62 -0.20
N ALA B 143 20.15 -1.66 -1.47
CA ALA B 143 20.56 -2.75 -2.33
C ALA B 143 22.08 -2.81 -2.46
N THR B 144 22.70 -1.66 -2.71
CA THR B 144 24.15 -1.64 -2.90
C THR B 144 24.87 -2.07 -1.63
N ALA B 145 24.38 -1.63 -0.47
CA ALA B 145 25.01 -2.02 0.79
C ALA B 145 24.89 -3.52 1.02
N LEU B 146 23.72 -4.08 0.72
CA LEU B 146 23.52 -5.51 0.90
C LEU B 146 24.45 -6.30 -0.01
N GLN B 147 24.53 -5.90 -1.27
CA GLN B 147 25.41 -6.59 -2.21
C GLN B 147 26.86 -6.46 -1.77
N LEU B 148 27.27 -5.29 -1.29
CA LEU B 148 28.64 -5.09 -0.86
C LEU B 148 28.99 -5.97 0.33
N THR B 149 28.09 -6.06 1.32
CA THR B 149 28.41 -6.85 2.49
C THR B 149 28.34 -8.35 2.18
N VAL B 150 27.52 -8.74 1.21
CA VAL B 150 27.48 -10.15 0.85
C VAL B 150 28.70 -10.52 0.04
N ASP B 151 29.28 -9.56 -0.68
CA ASP B 151 30.52 -9.82 -1.38
C ASP B 151 31.67 -9.89 -0.40
N ALA B 152 31.62 -9.07 0.66
CA ALA B 152 32.63 -9.17 1.69
C ALA B 152 32.58 -10.54 2.37
N ILE B 153 31.38 -10.99 2.74
CA ILE B 153 31.24 -12.33 3.29
C ILE B 153 31.84 -13.36 2.33
N LYS B 154 31.47 -13.27 1.05
CA LYS B 154 31.93 -14.28 0.09
C LYS B 154 33.44 -14.29 -0.02
N GLU B 155 34.05 -13.11 -0.05
CA GLU B 155 35.51 -13.04 -0.12
C GLU B 155 36.15 -13.61 1.14
N THR B 156 35.52 -13.39 2.29
CA THR B 156 36.13 -13.77 3.56
C THR B 156 36.23 -15.27 3.75
N GLU B 157 35.10 -15.94 3.85
CA GLU B 157 35.06 -17.37 4.17
C GLU B 157 34.46 -18.24 3.09
N GLY B 158 33.45 -17.77 2.37
CA GLY B 158 32.80 -18.58 1.37
C GLY B 158 31.42 -18.06 1.03
N PRO B 159 30.96 -18.35 -0.19
CA PRO B 159 29.68 -17.81 -0.65
C PRO B 159 28.55 -18.09 0.33
N PHE B 160 27.70 -17.10 0.52
CA PHE B 160 26.54 -17.20 1.41
C PHE B 160 25.49 -18.08 0.74
N LYS B 161 25.38 -19.33 1.17
CA LYS B 161 24.35 -20.22 0.63
C LYS B 161 22.97 -19.88 1.16
N GLY B 162 22.89 -19.16 2.27
CA GLY B 162 21.60 -18.83 2.85
C GLY B 162 20.71 -18.08 1.89
N THR B 163 19.41 -18.17 2.17
CA THR B 163 18.41 -17.49 1.37
C THR B 163 17.32 -16.84 2.21
N THR B 164 17.45 -16.84 3.54
CA THR B 164 16.37 -16.43 4.43
C THR B 164 16.94 -15.52 5.51
N MET B 165 16.03 -14.90 6.26
CA MET B 165 16.42 -13.89 7.24
C MET B 165 17.22 -14.50 8.38
N LEU B 166 16.76 -15.63 8.92
CA LEU B 166 17.42 -16.24 10.07
C LEU B 166 18.86 -16.61 9.75
N GLU B 167 19.11 -17.15 8.57
CA GLU B 167 20.46 -17.49 8.19
C GLU B 167 21.34 -16.25 8.14
N TYR B 168 20.78 -15.16 7.62
CA TYR B 168 21.53 -13.92 7.55
C TYR B 168 21.87 -13.42 8.94
N CYS B 169 20.92 -13.50 9.87
CA CYS B 169 21.18 -13.03 11.23
C CYS B 169 22.23 -13.89 11.91
N ASN B 170 22.18 -15.20 11.71
CA ASN B 170 23.18 -16.05 12.34
C ASN B 170 24.55 -15.81 11.73
N LYS B 171 24.58 -15.37 10.49
CA LYS B 171 25.88 -15.09 9.88
C LYS B 171 26.41 -13.75 10.36
N MET B 172 25.53 -12.78 10.61
CA MET B 172 25.98 -11.53 11.21
C MET B 172 26.54 -11.78 12.61
N ILE B 173 25.86 -12.63 13.37
CA ILE B 173 26.32 -12.94 14.71
C ILE B 173 27.68 -13.62 14.67
N GLU B 174 27.89 -14.51 13.70
CA GLU B 174 29.21 -15.10 13.52
C GLU B 174 30.24 -14.05 13.10
N MET B 175 29.82 -13.11 12.24
CA MET B 175 30.76 -12.11 11.76
C MET B 175 31.23 -11.20 12.88
N LEU B 176 30.42 -11.05 13.91
CA LEU B 176 30.87 -10.27 15.06
C LEU B 176 32.05 -10.94 15.75
N ASP B 177 32.10 -12.27 15.75
CA ASP B 177 33.20 -12.99 16.39
C ASP B 177 34.48 -12.92 15.56
N TRP B 178 34.37 -12.94 14.24
CA TRP B 178 35.53 -13.08 13.38
C TRP B 178 36.60 -12.03 13.67
N LYS B 179 37.85 -12.49 13.69
CA LYS B 179 38.97 -11.57 13.90
C LYS B 179 39.16 -10.63 12.71
N GLU B 180 39.01 -11.14 11.49
CA GLU B 180 39.28 -10.37 10.29
C GLU B 180 38.14 -10.54 9.30
N ILE B 181 37.90 -9.48 8.53
CA ILE B 181 36.85 -9.45 7.53
C ILE B 181 37.40 -8.74 6.30
N LYS B 182 37.35 -9.41 5.15
CA LYS B 182 37.78 -8.82 3.90
C LYS B 182 36.61 -8.18 3.18
N PHE B 183 36.91 -7.18 2.35
CA PHE B 183 35.91 -6.48 1.57
C PHE B 183 36.61 -5.78 0.42
N LYS B 184 35.93 -5.71 -0.73
CA LYS B 184 36.56 -5.21 -1.94
C LYS B 184 36.73 -3.70 -1.91
N LYS B 185 37.86 -3.24 -2.44
CA LYS B 185 38.14 -1.83 -2.59
C LYS B 185 39.31 -1.68 -3.56
N VAL B 186 39.49 -0.47 -4.07
CA VAL B 186 40.55 -0.21 -5.05
C VAL B 186 41.91 -0.48 -4.44
N ILE B 211 40.85 -3.52 -1.23
CA ILE B 211 40.65 -4.88 -0.71
C ILE B 211 41.29 -4.92 0.67
N ASP B 212 41.15 -3.81 1.39
CA ASP B 212 41.70 -3.69 2.73
C ASP B 212 41.06 -4.69 3.67
N SER B 213 41.78 -4.98 4.75
CA SER B 213 41.30 -5.86 5.81
C SER B 213 41.27 -5.10 7.13
N ILE B 214 40.37 -5.52 8.03
CA ILE B 214 40.13 -4.82 9.29
C ILE B 214 39.96 -5.83 10.42
N LYS B 215 40.54 -5.49 11.57
CA LYS B 215 40.48 -6.34 12.76
C LYS B 215 39.09 -6.31 13.39
N HIS B 216 38.90 -7.19 14.36
CA HIS B 216 37.58 -7.41 14.95
C HIS B 216 37.04 -6.15 15.61
N ASP B 217 37.91 -5.35 16.21
CA ASP B 217 37.42 -4.22 17.01
C ASP B 217 36.91 -3.09 16.12
N GLU B 218 37.60 -2.83 15.01
CA GLU B 218 37.19 -1.75 14.14
C GLU B 218 35.88 -2.09 13.45
N PHE B 219 35.68 -3.34 13.08
CA PHE B 219 34.41 -3.73 12.48
C PHE B 219 33.31 -3.78 13.53
N LEU B 220 33.67 -4.10 14.77
CA LEU B 220 32.69 -4.07 15.85
C LEU B 220 32.16 -2.66 16.04
N ILE B 221 33.05 -1.67 16.01
CA ILE B 221 32.62 -0.28 16.10
C ILE B 221 31.86 0.15 14.85
N ARG B 222 32.33 -0.28 13.69
CA ARG B 222 31.74 0.18 12.44
C ARG B 222 30.35 -0.39 12.19
N ALA B 223 30.03 -1.54 12.79
CA ALA B 223 28.70 -2.10 12.60
C ALA B 223 27.64 -1.28 13.33
N LEU B 224 27.94 -0.87 14.55
CA LEU B 224 26.98 -0.13 15.36
C LEU B 224 26.82 1.31 14.88
N THR B 225 27.88 1.89 14.33
CA THR B 225 27.89 3.27 13.90
C THR B 225 26.63 3.63 13.12
N ILE B 226 25.94 4.68 13.58
CA ILE B 226 24.73 5.17 12.95
C ILE B 226 24.99 6.57 12.43
N ASN B 227 24.87 6.76 11.13
CA ASN B 227 25.10 8.07 10.54
C ASN B 227 23.83 8.90 10.68
N THR B 228 23.80 10.06 10.03
CA THR B 228 22.62 10.90 9.99
C THR B 228 22.43 11.54 8.62
N MET B 229 21.17 11.73 8.27
CA MET B 229 20.78 12.44 7.05
C MET B 229 20.01 13.68 7.48
N ALA B 230 20.27 14.79 6.77
CA ALA B 230 19.74 16.09 7.15
C ALA B 230 18.41 16.43 6.47
N LYS B 231 17.61 15.42 6.12
CA LYS B 231 16.33 15.71 5.47
C LYS B 231 15.41 16.41 6.46
N ALA B 242 16.27 16.15 10.91
CA ALA B 242 17.27 15.11 10.71
C ALA B 242 16.64 13.73 10.81
N ILE B 243 17.45 12.70 10.56
CA ILE B 243 16.98 11.33 10.63
C ILE B 243 18.21 10.43 10.67
N ALA B 244 18.06 9.25 11.25
CA ALA B 244 19.19 8.37 11.46
C ALA B 244 19.45 7.48 10.26
N THR B 245 20.62 6.84 10.25
CA THR B 245 20.97 5.87 9.22
C THR B 245 21.77 4.75 9.87
N PRO B 246 21.10 3.72 10.37
CA PRO B 246 21.79 2.62 11.03
C PRO B 246 22.48 1.68 10.06
N GLY B 247 23.46 0.97 10.59
CA GLY B 247 24.20 0.02 9.80
C GLY B 247 23.34 -1.13 9.31
N MET B 248 23.87 -1.85 8.33
CA MET B 248 23.15 -2.96 7.71
C MET B 248 23.16 -4.20 8.59
N ILE B 249 24.08 -4.27 9.55
CA ILE B 249 24.09 -5.37 10.50
C ILE B 249 22.85 -5.35 11.39
N VAL B 250 22.43 -4.15 11.79
CA VAL B 250 21.30 -3.98 12.70
C VAL B 250 19.93 -3.95 12.04
N ARG B 251 19.85 -3.76 10.73
CA ARG B 251 18.57 -3.61 10.05
C ARG B 251 17.63 -4.81 10.21
N PRO B 252 18.06 -6.05 10.03
CA PRO B 252 17.12 -7.18 10.20
C PRO B 252 16.52 -7.28 11.58
N PHE B 253 17.32 -7.07 12.61
CA PHE B 253 16.80 -7.16 13.97
C PHE B 253 15.75 -6.08 14.20
N SER B 254 16.02 -4.89 13.66
CA SER B 254 15.07 -3.79 13.76
C SER B 254 13.77 -4.18 13.07
N LYS B 255 13.87 -4.84 11.91
CA LYS B 255 12.67 -5.26 11.21
C LYS B 255 11.86 -6.24 12.04
N ILE B 256 12.54 -7.17 12.71
CA ILE B 256 11.84 -8.17 13.51
C ILE B 256 11.10 -7.49 14.67
N VAL B 257 11.78 -6.56 15.34
CA VAL B 257 11.16 -5.86 16.45
C VAL B 257 9.99 -5.03 15.97
N GLU B 258 10.15 -4.34 14.85
CA GLU B 258 9.08 -3.51 14.32
C GLU B 258 7.90 -4.36 13.93
N THR B 259 8.16 -5.53 13.37
CA THR B 259 7.08 -6.43 12.97
C THR B 259 6.27 -6.88 14.17
N VAL B 260 6.95 -7.18 15.29
CA VAL B 260 6.24 -7.52 16.51
C VAL B 260 5.41 -6.34 17.00
N ALA B 261 6.00 -5.14 16.96
CA ALA B 261 5.28 -3.95 17.41
C ALA B 261 4.08 -3.68 16.53
N GLN B 262 4.18 -3.97 15.25
CA GLN B 262 3.10 -3.70 14.33
C GLN B 262 1.96 -4.66 14.54
N LYS B 263 2.28 -5.95 14.65
CA LYS B 263 1.25 -6.94 14.87
C LYS B 263 0.53 -6.67 16.19
N ILE B 264 1.23 -6.08 17.16
CA ILE B 264 0.55 -5.70 18.40
C ILE B 264 -0.33 -4.47 18.17
N CYS B 265 0.25 -3.40 17.64
CA CYS B 265 -0.46 -2.14 17.54
C CYS B 265 -1.73 -2.27 16.71
N GLU B 266 -1.67 -3.03 15.62
CA GLU B 266 -2.85 -3.17 14.77
C GLU B 266 -4.09 -3.62 15.53
N LYS B 267 -3.91 -4.47 16.55
CA LYS B 267 -5.06 -4.91 17.33
C LYS B 267 -5.62 -3.78 18.17
N LEU B 268 -4.76 -2.94 18.73
CA LEU B 268 -5.22 -1.92 19.66
C LEU B 268 -6.11 -0.92 18.94
N LYS B 269 -7.18 -0.50 19.62
CA LYS B 269 -8.14 0.44 19.07
C LYS B 269 -7.88 1.87 19.53
N GLU B 270 -6.88 2.08 20.38
CA GLU B 270 -6.54 3.40 20.89
C GLU B 270 -5.25 3.94 20.29
N SER B 271 -4.91 3.48 19.09
CA SER B 271 -3.71 3.94 18.40
C SER B 271 -4.06 4.23 16.96
N GLY B 272 -3.23 5.05 16.31
CA GLY B 272 -3.48 5.45 14.95
C GLY B 272 -2.25 5.62 14.07
N LEU B 273 -1.14 4.95 14.39
CA LEU B 273 0.06 5.17 13.62
C LEU B 273 0.08 4.36 12.32
N PRO B 274 -0.17 3.05 12.36
CA PRO B 274 -0.18 2.31 11.09
C PRO B 274 -1.29 2.77 10.17
N VAL B 275 -2.44 3.10 10.73
CA VAL B 275 -3.62 3.49 9.95
C VAL B 275 -3.40 4.90 9.43
N GLY B 276 -4.22 5.32 8.46
CA GLY B 276 -4.13 6.68 7.98
C GLY B 276 -5.43 7.17 7.38
N GLY B 277 -5.55 8.49 7.33
CA GLY B 277 -6.69 9.12 6.69
C GLY B 277 -8.00 8.80 7.37
N ASN B 278 -8.89 8.14 6.62
CA ASN B 278 -10.26 7.94 7.09
C ASN B 278 -10.32 7.14 8.37
N GLU B 279 -9.45 6.13 8.50
CA GLU B 279 -9.56 5.19 9.60
C GLU B 279 -9.52 5.89 10.95
N LYS B 280 -8.56 6.81 11.13
CA LYS B 280 -8.41 7.46 12.42
C LYS B 280 -9.55 8.43 12.70
N LYS B 281 -10.08 9.07 11.66
CA LYS B 281 -11.26 9.91 11.84
C LYS B 281 -12.44 9.09 12.33
N ALA B 282 -12.70 7.94 11.71
CA ALA B 282 -13.79 7.08 12.18
C ALA B 282 -13.53 6.63 13.61
N LYS B 283 -12.28 6.30 13.93
CA LYS B 283 -11.93 5.94 15.30
C LYS B 283 -12.33 7.06 16.26
N LEU B 284 -11.94 8.29 15.93
CA LEU B 284 -12.24 9.42 16.80
C LEU B 284 -13.74 9.59 16.96
N LYS B 285 -14.50 9.39 15.89
CA LYS B 285 -15.95 9.55 15.98
C LYS B 285 -16.55 8.52 16.92
N THR B 286 -16.12 7.26 16.79
CA THR B 286 -16.62 6.23 17.70
C THR B 286 -16.21 6.52 19.14
N THR B 287 -14.97 6.99 19.33
CA THR B 287 -14.50 7.31 20.67
C THR B 287 -15.33 8.41 21.30
N VAL B 288 -15.64 9.45 20.54
CA VAL B 288 -16.41 10.56 21.07
C VAL B 288 -17.85 10.12 21.38
N THR B 289 -18.44 9.30 20.52
CA THR B 289 -19.78 8.80 20.83
C THR B 289 -19.77 7.99 22.12
N SER B 290 -18.82 7.07 22.25
CA SER B 290 -18.70 6.28 23.47
C SER B 290 -18.55 7.18 24.69
N LEU B 291 -17.72 8.22 24.57
CA LEU B 291 -17.53 9.14 25.69
C LEU B 291 -18.84 9.81 26.08
N ASN B 292 -19.47 10.48 25.12
CA ASN B 292 -20.71 11.20 25.42
C ASN B 292 -21.80 10.27 25.92
N ALA B 293 -21.69 8.97 25.69
CA ALA B 293 -22.67 8.06 26.25
C ALA B 293 -22.31 7.60 27.66
N ARG B 294 -21.04 7.30 27.91
CA ARG B 294 -20.66 6.76 29.22
C ARG B 294 -20.82 7.80 30.32
N MET B 295 -20.32 9.01 30.09
CA MET B 295 -20.31 10.03 31.13
C MET B 295 -21.70 10.23 31.71
N ASN B 296 -21.76 10.36 33.04
CA ASN B 296 -23.02 10.64 33.71
C ASN B 296 -23.41 12.09 33.51
N SER B 297 -24.65 12.41 33.88
CA SER B 297 -25.15 13.77 33.73
C SER B 297 -24.29 14.75 34.52
N ASP B 298 -23.93 14.38 35.75
CA ASP B 298 -23.09 15.26 36.57
C ASP B 298 -21.72 15.43 35.93
N GLN B 299 -21.15 14.35 35.42
CA GLN B 299 -19.82 14.38 34.83
C GLN B 299 -19.80 15.22 33.56
N PHE B 300 -18.68 15.89 33.32
CA PHE B 300 -18.48 16.71 32.13
C PHE B 300 -17.10 16.45 31.56
N ALA B 301 -17.04 16.25 30.25
CA ALA B 301 -15.82 15.87 29.57
C ALA B 301 -14.94 17.07 29.25
N VAL B 302 -13.68 16.78 28.93
CA VAL B 302 -12.71 17.76 28.46
C VAL B 302 -11.79 17.09 27.45
N ASN B 303 -11.14 17.90 26.61
CA ASN B 303 -10.18 17.41 25.64
C ASN B 303 -8.85 18.13 25.83
N ILE B 304 -7.79 17.46 25.38
CA ILE B 304 -6.44 18.02 25.42
C ILE B 304 -5.67 17.56 24.18
N THR B 305 -5.39 18.49 23.28
CA THR B 305 -4.48 18.27 22.16
C THR B 305 -3.05 18.35 22.67
N GLY B 306 -2.34 17.22 22.66
CA GLY B 306 -0.99 17.14 23.17
C GLY B 306 0.03 16.85 22.10
N ASP B 307 1.24 17.38 22.30
CA ASP B 307 2.36 17.22 21.38
C ASP B 307 3.60 16.96 22.24
N ASN B 308 3.92 15.69 22.43
CA ASN B 308 5.04 15.32 23.28
C ASN B 308 6.33 15.99 22.79
N SER B 309 7.28 16.13 23.70
CA SER B 309 8.55 16.76 23.42
C SER B 309 9.69 15.80 23.69
N LYS B 310 10.74 15.90 22.88
CA LYS B 310 11.94 15.09 23.07
C LYS B 310 11.61 13.61 23.05
N TRP B 311 10.55 13.26 22.32
CA TRP B 311 10.11 11.87 22.19
C TRP B 311 11.28 10.91 22.10
N ASN B 312 12.11 11.11 21.08
CA ASN B 312 13.20 10.19 20.83
C ASN B 312 14.28 10.29 21.89
N GLU B 313 14.62 11.51 22.30
CA GLU B 313 15.72 11.68 23.25
C GLU B 313 15.43 10.99 24.57
N CYS B 314 14.18 10.96 25.00
CA CYS B 314 13.83 10.46 26.32
C CYS B 314 13.45 8.99 26.33
N GLN B 315 13.13 8.40 25.17
CA GLN B 315 12.92 6.96 25.12
C GLN B 315 14.22 6.21 25.28
N GLN B 316 14.17 5.17 26.07
CA GLN B 316 15.30 4.31 26.35
C GLN B 316 15.08 2.94 25.73
N PRO B 317 16.11 2.34 25.12
CA PRO B 317 15.95 0.99 24.58
C PRO B 317 16.05 -0.11 25.63
N GLU B 318 16.44 0.24 26.85
CA GLU B 318 16.50 -0.75 27.92
C GLU B 318 15.11 -1.09 28.43
N ALA B 319 14.25 -0.09 28.55
CA ALA B 319 12.86 -0.35 28.85
C ALA B 319 12.22 -1.18 27.76
N TYR B 320 12.58 -0.91 26.50
CA TYR B 320 12.12 -1.75 25.40
C TYR B 320 12.62 -3.17 25.55
N LEU B 321 13.86 -3.33 26.00
CA LEU B 321 14.43 -4.66 26.18
C LEU B 321 13.63 -5.43 27.23
N ALA B 322 13.41 -4.82 28.38
CA ALA B 322 12.63 -5.46 29.43
C ALA B 322 11.20 -5.76 28.97
N LEU B 323 10.60 -4.84 28.22
CA LEU B 323 9.23 -5.05 27.77
C LEU B 323 9.15 -6.21 26.80
N LEU B 324 10.07 -6.28 25.85
CA LEU B 324 10.08 -7.40 24.92
C LEU B 324 10.38 -8.70 25.64
N ALA B 325 11.14 -8.65 26.73
CA ALA B 325 11.34 -9.84 27.53
C ALA B 325 10.03 -10.29 28.19
N TYR B 326 9.27 -9.33 28.72
CA TYR B 326 8.00 -9.69 29.35
C TYR B 326 7.02 -10.23 28.32
N ILE B 327 6.97 -9.59 27.14
CA ILE B 327 6.09 -10.06 26.08
C ILE B 327 6.54 -11.44 25.61
N THR B 328 7.84 -11.64 25.47
CA THR B 328 8.41 -12.90 25.03
C THR B 328 8.81 -13.72 26.25
N LYS B 329 7.79 -14.12 27.01
CA LYS B 329 7.97 -14.95 28.19
C LYS B 329 7.49 -16.37 28.00
N ASP B 330 6.59 -16.62 27.05
CA ASP B 330 6.09 -17.96 26.79
C ASP B 330 6.47 -18.52 25.44
N SER B 331 6.75 -17.67 24.45
CA SER B 331 7.04 -18.14 23.12
C SER B 331 8.43 -18.77 23.05
N SER B 332 8.69 -19.47 21.94
CA SER B 332 9.95 -20.14 21.68
C SER B 332 11.15 -19.24 22.03
N ASP B 333 12.16 -19.85 22.64
CA ASP B 333 13.38 -19.12 22.98
C ASP B 333 13.98 -18.42 21.77
N LEU B 334 13.61 -18.85 20.57
CA LEU B 334 14.18 -18.25 19.37
C LEU B 334 13.75 -16.80 19.25
N MET B 335 12.44 -16.55 19.40
CA MET B 335 11.97 -15.18 19.28
C MET B 335 12.50 -14.37 20.44
N LYS B 336 12.72 -15.02 21.58
CA LYS B 336 13.22 -14.32 22.76
C LYS B 336 14.59 -13.72 22.47
N ASP B 337 15.49 -14.53 21.91
CA ASP B 337 16.82 -14.02 21.59
C ASP B 337 16.75 -13.04 20.43
N LEU B 338 15.97 -13.37 19.40
CA LEU B 338 15.96 -12.53 18.21
C LEU B 338 15.50 -11.13 18.57
N CYS B 339 14.45 -11.04 19.38
CA CYS B 339 13.97 -9.74 19.82
C CYS B 339 14.98 -9.08 20.74
N SER B 340 15.63 -9.87 21.59
CA SER B 340 16.56 -9.28 22.55
C SER B 340 17.76 -8.66 21.87
N VAL B 341 18.01 -8.99 20.60
CA VAL B 341 19.24 -8.54 19.96
C VAL B 341 19.21 -7.04 19.71
N ALA B 342 18.20 -6.56 19.01
CA ALA B 342 18.19 -5.16 18.57
C ALA B 342 18.31 -4.16 19.71
N PRO B 343 17.63 -4.35 20.84
CA PRO B 343 17.78 -3.39 21.95
C PRO B 343 19.21 -3.22 22.43
N VAL B 344 19.99 -4.28 22.55
CA VAL B 344 21.36 -4.12 23.03
C VAL B 344 22.19 -3.38 21.99
N LEU B 345 21.94 -3.66 20.72
CA LEU B 345 22.67 -2.99 19.66
C LEU B 345 22.40 -1.50 19.70
N PHE B 346 21.15 -1.12 19.91
CA PHE B 346 20.81 0.29 20.03
C PHE B 346 21.31 0.89 21.34
N CYS B 347 21.38 0.09 22.40
CA CYS B 347 21.91 0.54 23.68
C CYS B 347 23.42 0.62 23.66
N ASN B 348 24.05 0.27 22.55
CA ASN B 348 25.50 0.37 22.40
C ASN B 348 25.89 1.18 21.17
N LYS B 349 24.92 1.81 20.52
CA LYS B 349 25.11 2.47 19.24
C LYS B 349 25.97 3.71 19.34
N PHE B 350 27.09 3.70 18.61
CA PHE B 350 27.88 4.90 18.39
C PHE B 350 27.16 5.82 17.42
N VAL B 351 27.53 7.10 17.43
CA VAL B 351 26.96 8.08 16.52
C VAL B 351 28.07 8.90 15.89
N LYS B 352 28.05 8.99 14.56
CA LYS B 352 29.10 9.67 13.82
C LYS B 352 28.85 11.16 13.75
N LEU B 353 29.91 11.94 13.93
CA LEU B 353 29.87 13.38 13.76
C LEU B 353 30.27 13.69 12.33
N GLY B 354 29.50 14.56 11.67
CA GLY B 354 29.66 14.74 10.24
C GLY B 354 30.04 16.13 9.77
N GLN B 355 31.08 16.19 8.95
CA GLN B 355 31.55 17.34 8.18
C GLN B 355 32.34 18.32 9.03
N GLY B 356 32.44 18.12 10.33
CA GLY B 356 33.27 18.94 11.18
C GLY B 356 33.05 20.44 11.08
N ILE B 357 33.95 21.19 11.69
CA ILE B 357 33.88 22.65 11.71
C ILE B 357 34.58 23.23 10.49
N ARG B 358 34.36 24.52 10.24
CA ARG B 358 35.01 25.25 9.17
C ARG B 358 35.74 26.43 9.80
N LEU B 359 36.98 26.64 9.38
CA LEU B 359 37.80 27.75 9.85
C LEU B 359 37.95 28.78 8.76
N SER B 360 38.28 30.01 9.16
CA SER B 360 38.35 31.11 8.21
C SER B 360 39.10 32.26 8.85
N ASN B 361 39.50 33.21 8.00
CA ASN B 361 40.19 34.42 8.41
C ASN B 361 39.19 35.57 8.53
N LYS B 362 39.71 36.75 8.83
CA LYS B 362 38.83 37.91 9.02
C LYS B 362 38.15 38.29 7.71
N ARG B 363 38.95 38.57 6.68
CA ARG B 363 38.39 38.92 5.38
C ARG B 363 37.64 37.77 4.74
N LYS B 364 37.75 36.57 5.29
CA LYS B 364 37.12 35.35 4.75
C LYS B 364 37.72 34.95 3.41
N THR B 365 38.85 35.53 3.02
CA THR B 365 39.50 35.14 1.78
C THR B 365 39.89 33.67 1.83
N LYS B 366 40.72 33.30 2.81
CA LYS B 366 41.10 31.90 2.96
C LYS B 366 39.99 31.13 3.68
N GLU B 367 40.15 29.82 3.72
CA GLU B 367 39.17 28.96 4.38
C GLU B 367 39.73 27.57 4.60
N VAL B 368 39.71 27.11 5.84
CA VAL B 368 40.18 25.78 6.21
C VAL B 368 38.99 24.89 6.50
N ILE B 369 39.14 23.61 6.19
CA ILE B 369 38.13 22.61 6.51
C ILE B 369 38.77 21.57 7.42
N ILE B 370 38.02 21.12 8.41
CA ILE B 370 38.51 20.20 9.42
C ILE B 370 37.42 19.21 9.76
N LYS B 371 37.80 17.94 9.91
CA LYS B 371 36.83 16.89 10.16
C LYS B 371 36.73 16.65 11.66
N ALA B 372 35.74 15.84 12.03
CA ALA B 372 35.46 15.61 13.44
C ALA B 372 36.63 14.95 14.16
N GLU B 373 37.36 14.08 13.46
CA GLU B 373 38.45 13.36 14.13
C GLU B 373 39.49 14.31 14.68
N LYS B 374 39.75 15.41 13.99
CA LYS B 374 40.82 16.33 14.38
C LYS B 374 40.31 17.44 15.29
N MET B 375 39.02 17.42 15.66
CA MET B 375 38.47 18.51 16.46
C MET B 375 39.22 18.66 17.78
N GLY B 376 39.59 17.54 18.39
CA GLY B 376 40.26 17.61 19.68
C GLY B 376 41.56 18.39 19.62
N LYS B 377 42.29 18.23 18.53
CA LYS B 377 43.60 18.89 18.41
C LYS B 377 43.45 20.41 18.51
N TYR B 378 42.60 20.99 17.68
CA TYR B 378 42.43 22.44 17.67
C TYR B 378 41.28 22.85 18.58
N LYS B 379 41.32 22.34 19.81
CA LYS B 379 40.32 22.67 20.80
C LYS B 379 40.34 24.15 21.16
N ASN B 380 41.53 24.77 21.16
CA ASN B 380 41.62 26.19 21.48
C ASN B 380 40.90 27.04 20.45
N LEU B 381 41.00 26.66 19.18
CA LEU B 381 40.48 27.46 18.07
C LEU B 381 38.99 27.18 17.87
N MET B 382 38.19 27.57 18.86
CA MET B 382 36.74 27.46 18.73
C MET B 382 36.08 28.44 19.69
N ARG B 383 34.86 28.82 19.34
CA ARG B 383 34.10 29.72 20.18
C ARG B 383 33.91 29.11 21.56
N GLU B 384 33.67 29.97 22.55
CA GLU B 384 33.54 29.49 23.92
C GLU B 384 32.37 28.53 24.05
N GLU B 385 31.27 28.81 23.37
CA GLU B 385 30.09 27.95 23.46
C GLU B 385 30.39 26.57 22.92
N TYR B 386 31.05 26.50 21.76
CA TYR B 386 31.35 25.22 21.15
C TYR B 386 32.28 24.42 22.03
N LYS B 387 33.28 25.09 22.62
CA LYS B 387 34.19 24.40 23.54
C LYS B 387 33.45 23.88 24.75
N ASN B 388 32.56 24.69 25.34
CA ASN B 388 31.85 24.25 26.52
C ASN B 388 30.99 23.04 26.21
N LEU B 389 30.39 23.01 25.02
CA LEU B 389 29.60 21.86 24.62
C LEU B 389 30.47 20.63 24.38
N PHE B 390 31.63 20.82 23.75
CA PHE B 390 32.46 19.69 23.35
C PHE B 390 33.22 19.06 24.52
N GLU B 391 33.75 19.88 25.43
CA GLU B 391 34.68 19.35 26.42
C GLU B 391 34.09 18.29 27.33
N PRO B 392 32.83 18.37 27.75
CA PRO B 392 32.29 17.32 28.63
C PRO B 392 32.15 15.97 27.95
N LEU B 393 32.03 15.94 26.62
CA LEU B 393 31.83 14.70 25.90
C LEU B 393 33.13 14.06 25.43
N GLU B 394 34.28 14.67 25.69
CA GLU B 394 35.53 14.15 25.17
C GLU B 394 35.76 12.72 25.64
N LYS B 395 35.44 12.43 26.90
CA LYS B 395 35.65 11.08 27.43
C LYS B 395 34.81 10.06 26.67
N TYR B 396 33.55 10.38 26.38
CA TYR B 396 32.74 9.48 25.58
C TYR B 396 33.23 9.44 24.14
N ILE B 397 33.71 10.56 23.62
CA ILE B 397 34.05 10.65 22.21
C ILE B 397 35.13 9.65 21.85
N GLN B 398 34.92 8.95 20.74
CA GLN B 398 35.91 8.13 20.07
C GLN B 398 36.08 8.70 18.67
N LYS B 399 37.10 8.24 17.95
CA LYS B 399 37.40 8.83 16.65
C LYS B 399 36.15 8.98 15.80
N ASP B 400 35.78 10.23 15.52
CA ASP B 400 34.64 10.56 14.67
C ASP B 400 33.37 9.83 15.08
N VAL B 401 33.20 9.66 16.39
CA VAL B 401 32.00 9.05 16.96
C VAL B 401 31.93 9.40 18.45
N CYS B 402 30.72 9.33 18.99
CA CYS B 402 30.47 9.56 20.41
C CYS B 402 29.57 8.43 20.88
N PHE B 403 30.12 7.53 21.68
CA PHE B 403 29.33 6.42 22.18
C PHE B 403 28.16 6.93 23.00
N LEU B 404 26.96 6.50 22.62
CA LEU B 404 25.73 6.89 23.30
C LEU B 404 25.02 5.65 23.81
N PRO B 405 25.04 5.39 25.12
CA PRO B 405 24.48 4.12 25.62
C PRO B 405 22.98 4.01 25.49
N GLY B 406 22.30 5.09 25.15
CA GLY B 406 20.86 5.03 25.04
C GLY B 406 20.33 6.10 24.14
N GLY B 407 19.08 6.46 24.37
CA GLY B 407 18.38 7.35 23.49
C GLY B 407 17.87 6.66 22.23
N MET B 408 16.99 7.35 21.53
CA MET B 408 16.41 6.89 20.29
C MET B 408 16.63 7.95 19.23
N LEU B 409 16.52 7.55 17.97
CA LEU B 409 16.60 8.47 16.85
C LEU B 409 15.33 8.37 16.02
N MET B 410 15.14 9.37 15.16
CA MET B 410 13.90 9.49 14.42
C MET B 410 13.66 8.29 13.51
N GLY B 411 12.41 7.81 13.49
CA GLY B 411 11.98 6.80 12.56
C GLY B 411 12.33 5.37 12.93
N MET B 412 13.22 5.16 13.90
CA MET B 412 13.65 3.80 14.21
C MET B 412 12.54 2.96 14.82
N PHE B 413 11.99 3.40 15.96
CA PHE B 413 11.06 2.59 16.73
C PHE B 413 9.73 3.29 16.94
N ASN B 414 9.10 3.71 15.83
CA ASN B 414 7.87 4.48 15.92
C ASN B 414 6.76 3.68 16.62
N MET B 415 6.55 2.44 16.18
CA MET B 415 5.39 1.69 16.66
C MET B 415 5.57 1.15 18.07
N LEU B 416 6.81 0.94 18.50
CA LEU B 416 7.00 0.42 19.85
C LEU B 416 6.81 1.54 20.87
N SER B 417 7.19 2.75 20.51
CA SER B 417 6.90 3.90 21.35
C SER B 417 5.42 4.20 21.33
N THR B 418 4.77 4.01 20.18
CA THR B 418 3.33 4.20 20.12
C THR B 418 2.59 3.24 21.03
N VAL B 419 3.02 1.97 21.07
CA VAL B 419 2.44 1.00 21.99
C VAL B 419 2.70 1.42 23.43
N LEU B 420 3.95 1.75 23.73
CA LEU B 420 4.31 2.13 25.10
C LEU B 420 3.44 3.29 25.57
N GLY B 421 3.12 4.21 24.65
CA GLY B 421 2.32 5.36 25.03
C GLY B 421 0.83 5.08 25.12
N VAL B 422 0.32 4.20 24.25
CA VAL B 422 -1.06 3.76 24.38
C VAL B 422 -1.27 3.01 25.68
N SER B 423 -0.21 2.43 26.24
CA SER B 423 -0.36 1.74 27.52
C SER B 423 -0.90 2.69 28.59
N THR B 424 -0.49 3.96 28.55
CA THR B 424 -0.87 4.90 29.59
C THR B 424 -2.37 5.15 29.62
N LEU B 425 -3.01 5.21 28.46
CA LEU B 425 -4.43 5.52 28.41
C LEU B 425 -5.26 4.46 29.13
N CYS B 426 -4.83 3.20 29.09
CA CYS B 426 -5.58 2.12 29.73
C CYS B 426 -5.65 2.30 31.25
N TYR B 427 -4.65 2.94 31.84
CA TYR B 427 -4.51 2.96 33.29
C TYR B 427 -5.82 3.29 33.99
N MET B 428 -6.02 2.66 35.16
CA MET B 428 -7.24 2.82 35.94
C MET B 428 -6.93 2.34 37.35
N ASP B 429 -7.26 3.15 38.35
CA ASP B 429 -6.92 2.86 39.73
C ASP B 429 -8.11 3.16 40.63
N GLU B 430 -7.97 2.75 41.89
CA GLU B 430 -9.06 2.89 42.84
C GLU B 430 -9.42 4.35 43.06
N GLU B 431 -8.43 5.23 43.11
CA GLU B 431 -8.67 6.63 43.44
C GLU B 431 -9.61 7.28 42.44
N LEU B 432 -9.37 7.04 41.15
CA LEU B 432 -10.19 7.66 40.12
C LEU B 432 -11.63 7.20 40.22
N LYS B 433 -11.86 5.90 40.39
CA LYS B 433 -13.23 5.42 40.46
C LYS B 433 -13.91 5.91 41.73
N ALA B 434 -13.14 6.05 42.82
CA ALA B 434 -13.68 6.62 44.04
C ALA B 434 -14.14 8.06 43.82
N LYS B 435 -13.37 8.83 43.07
CA LYS B 435 -13.72 10.22 42.80
C LYS B 435 -14.61 10.39 41.57
N GLY B 436 -14.89 9.32 40.84
CA GLY B 436 -15.71 9.42 39.65
C GLY B 436 -15.00 10.15 38.53
N CYS B 437 -13.80 9.69 38.18
CA CYS B 437 -12.97 10.31 37.15
C CYS B 437 -12.37 9.22 36.27
N PHE B 438 -12.32 9.48 34.96
CA PHE B 438 -11.68 8.52 34.08
C PHE B 438 -11.20 9.21 32.81
N TRP B 439 -10.01 8.82 32.34
CA TRP B 439 -9.42 9.38 31.15
C TRP B 439 -9.22 8.30 30.09
N THR B 440 -9.55 8.65 28.84
CA THR B 440 -9.26 7.83 27.68
C THR B 440 -8.56 8.72 26.66
N GLY B 441 -8.19 8.15 25.52
CA GLY B 441 -7.59 8.98 24.50
C GLY B 441 -7.11 8.18 23.31
N LEU B 442 -6.41 8.89 22.42
CA LEU B 442 -5.87 8.32 21.20
C LEU B 442 -4.51 8.93 20.94
N GLN B 443 -3.46 8.12 20.99
CA GLN B 443 -2.10 8.58 20.72
C GLN B 443 -1.53 7.95 19.46
N SER B 444 -0.92 8.78 18.62
CA SER B 444 0.05 8.34 17.64
C SER B 444 1.41 8.90 18.02
N SER B 445 2.41 8.61 17.20
CA SER B 445 3.79 8.90 17.56
C SER B 445 3.95 10.37 17.91
N ASP B 446 4.38 10.63 19.15
CA ASP B 446 4.69 11.97 19.65
C ASP B 446 3.55 12.95 19.44
N ASP B 447 2.32 12.47 19.24
CA ASP B 447 1.18 13.37 19.07
C ASP B 447 -0.06 12.67 19.57
N PHE B 448 -0.74 13.26 20.56
CA PHE B 448 -1.86 12.56 21.16
C PHE B 448 -3.05 13.50 21.37
N VAL B 449 -4.15 12.86 21.77
CA VAL B 449 -5.39 13.51 22.11
C VAL B 449 -5.94 12.84 23.35
N LEU B 450 -6.36 13.63 24.32
CA LEU B 450 -6.79 13.10 25.60
C LEU B 450 -8.22 13.54 25.85
N PHE B 451 -8.99 12.66 26.49
CA PHE B 451 -10.39 12.88 26.82
C PHE B 451 -10.55 12.57 28.30
N ALA B 452 -10.60 13.59 29.12
CA ALA B 452 -10.73 13.43 30.56
C ALA B 452 -12.18 13.63 30.99
N VAL B 453 -12.59 12.93 32.03
CA VAL B 453 -13.94 13.07 32.56
C VAL B 453 -13.88 13.08 34.08
N ALA B 454 -14.73 13.90 34.67
CA ALA B 454 -14.81 14.11 36.11
C ALA B 454 -16.09 14.88 36.38
N SER B 455 -16.30 15.28 37.62
CA SER B 455 -17.51 16.00 38.02
C SER B 455 -17.25 17.45 38.38
N ASN B 456 -15.99 17.87 38.54
CA ASN B 456 -15.65 19.21 38.96
C ASN B 456 -14.27 19.55 38.44
N TRP B 457 -14.02 20.84 38.24
CA TRP B 457 -12.72 21.27 37.71
C TRP B 457 -11.60 20.94 38.69
N SER B 458 -11.87 21.08 39.99
CA SER B 458 -10.86 20.73 40.98
C SER B 458 -10.40 19.29 40.81
N ASN B 459 -11.31 18.43 40.32
CA ASN B 459 -10.97 17.04 40.04
C ASN B 459 -10.39 16.85 38.65
N ILE B 460 -10.81 17.66 37.69
CA ILE B 460 -10.21 17.62 36.35
C ILE B 460 -8.71 17.87 36.44
N HIS B 461 -8.33 18.93 37.17
CA HIS B 461 -6.92 19.26 37.30
C HIS B 461 -6.15 18.12 37.93
N TRP B 462 -6.71 17.52 38.98
CA TRP B 462 -6.06 16.41 39.65
C TRP B 462 -5.91 15.22 38.71
N THR B 463 -6.93 14.95 37.90
CA THR B 463 -6.87 13.86 36.94
C THR B 463 -5.74 14.09 35.93
N ILE B 464 -5.65 15.31 35.41
CA ILE B 464 -4.62 15.62 34.44
C ILE B 464 -3.24 15.49 35.07
N ARG B 465 -3.10 15.93 36.32
CA ARG B 465 -1.82 15.80 37.00
C ARG B 465 -1.45 14.34 37.20
N ARG B 466 -2.44 13.51 37.51
CA ARG B 466 -2.20 12.07 37.66
C ARG B 466 -1.71 11.47 36.34
N PHE B 467 -2.37 11.82 35.24
CA PHE B 467 -1.93 11.34 33.94
C PHE B 467 -0.50 11.78 33.65
N ASN B 468 -0.21 13.05 33.90
CA ASN B 468 1.15 13.55 33.68
C ASN B 468 2.16 12.78 34.50
N ALA B 469 1.82 12.44 35.75
CA ALA B 469 2.74 11.70 36.59
C ALA B 469 3.00 10.31 36.04
N VAL B 470 1.93 9.59 35.71
CA VAL B 470 2.09 8.23 35.20
C VAL B 470 2.89 8.22 33.91
N CYS B 471 2.74 9.26 33.08
CA CYS B 471 3.55 9.32 31.87
C CYS B 471 4.99 9.71 32.18
N LYS B 472 5.20 10.54 33.19
CA LYS B 472 6.56 10.91 33.58
C LYS B 472 7.32 9.71 34.12
N LEU B 473 6.61 8.75 34.69
CA LEU B 473 7.27 7.58 35.25
C LEU B 473 7.93 6.69 34.20
N ILE B 474 7.68 6.92 32.92
CA ILE B 474 8.26 6.07 31.88
C ILE B 474 8.94 6.93 30.82
N GLY B 475 9.45 8.08 31.23
CA GLY B 475 10.15 8.96 30.32
C GLY B 475 9.25 9.83 29.47
N ILE B 476 8.07 9.33 29.11
CA ILE B 476 7.18 10.10 28.25
C ILE B 476 6.85 11.42 28.92
N ASN B 477 7.20 12.52 28.28
CA ASN B 477 6.98 13.84 28.82
C ASN B 477 5.79 14.48 28.12
N MET B 478 5.59 15.77 28.38
CA MET B 478 4.57 16.54 27.68
C MET B 478 5.03 17.98 27.61
N SER B 479 4.87 18.58 26.43
CA SER B 479 5.16 19.99 26.26
C SER B 479 4.03 20.83 26.83
N LEU B 480 4.40 21.92 27.49
CA LEU B 480 3.42 22.78 28.14
C LEU B 480 2.97 23.92 27.26
N GLU B 481 3.75 24.27 26.25
CA GLU B 481 3.43 25.39 25.37
C GLU B 481 2.60 24.96 24.17
N LYS B 482 3.08 23.96 23.44
CA LYS B 482 2.40 23.47 22.26
C LYS B 482 1.17 22.65 22.58
N SER B 483 0.94 22.31 23.84
CA SER B 483 -0.19 21.48 24.26
C SER B 483 -1.25 22.36 24.88
N TYR B 484 -2.52 22.09 24.53
CA TYR B 484 -3.61 22.89 25.06
C TYR B 484 -4.85 22.03 25.19
N GLY B 485 -5.86 22.57 25.86
CA GLY B 485 -7.09 21.84 26.09
C GLY B 485 -8.30 22.74 26.02
N SER B 486 -9.47 22.11 26.05
CA SER B 486 -10.72 22.84 25.95
C SER B 486 -11.90 21.93 26.20
N LEU B 487 -13.06 22.54 26.34
CA LEU B 487 -14.31 21.81 26.45
C LEU B 487 -14.62 21.06 25.14
N PRO B 488 -15.50 20.06 25.22
CA PRO B 488 -15.73 19.14 24.08
C PRO B 488 -15.85 19.75 22.70
N GLU B 489 -15.43 18.95 21.71
CA GLU B 489 -15.60 19.23 20.29
C GLU B 489 -14.70 20.37 19.81
N LEU B 490 -13.46 20.41 20.26
CA LEU B 490 -12.48 21.29 19.66
C LEU B 490 -11.06 20.81 19.87
N PHE B 491 -10.60 19.88 19.04
CA PHE B 491 -9.26 19.34 19.18
C PHE B 491 -8.50 19.34 17.86
N GLU B 492 -7.30 18.76 17.88
CA GLU B 492 -6.42 18.68 16.72
C GLU B 492 -5.54 17.46 16.87
N PHE B 493 -5.33 16.75 15.78
CA PHE B 493 -4.55 15.50 15.84
C PHE B 493 -3.85 15.31 14.50
N THR B 494 -2.53 15.53 14.49
CA THR B 494 -1.70 15.35 13.29
C THR B 494 -2.19 16.24 12.15
N SER B 495 -2.22 17.54 12.42
CA SER B 495 -2.54 18.55 11.41
C SER B 495 -3.97 18.44 10.91
N MET B 496 -4.83 17.73 11.63
CA MET B 496 -6.25 17.61 11.28
C MET B 496 -7.07 18.20 12.42
N PHE B 497 -7.72 19.33 12.15
CA PHE B 497 -8.54 20.01 13.14
C PHE B 497 -9.95 19.47 13.12
N PHE B 498 -10.53 19.32 14.32
CA PHE B 498 -11.81 18.66 14.50
C PHE B 498 -12.78 19.58 15.23
N ASP B 499 -14.01 19.58 14.75
CA ASP B 499 -15.15 20.24 15.38
C ASP B 499 -16.37 19.39 15.03
N GLY B 500 -17.55 19.99 15.10
CA GLY B 500 -18.72 19.30 14.61
C GLY B 500 -18.42 18.56 13.32
N GLU B 501 -17.69 19.21 12.41
CA GLU B 501 -17.16 18.59 11.22
C GLU B 501 -15.65 18.39 11.38
N PHE B 502 -14.97 17.96 10.31
CA PHE B 502 -13.52 17.82 10.30
C PHE B 502 -13.02 18.36 8.97
N VAL B 503 -12.43 19.55 9.01
CA VAL B 503 -11.97 20.22 7.80
C VAL B 503 -10.74 19.52 7.25
N SER B 504 -10.84 19.01 6.02
CA SER B 504 -9.66 18.47 5.36
C SER B 504 -8.65 19.58 5.13
N ASN B 505 -7.40 19.33 5.49
CA ASN B 505 -6.38 20.37 5.41
C ASN B 505 -6.16 20.84 3.98
N LEU B 506 -6.06 19.90 3.05
CA LEU B 506 -5.84 20.15 1.62
C LEU B 506 -4.46 20.73 1.34
N ALA B 507 -3.97 21.64 2.19
CA ALA B 507 -2.62 22.17 2.02
C ALA B 507 -1.61 21.04 1.90
N MET B 508 -1.74 20.03 2.75
CA MET B 508 -0.80 18.92 2.76
C MET B 508 -0.72 18.25 1.40
N GLU B 509 -1.84 18.18 0.67
CA GLU B 509 -1.89 17.50 -0.62
C GLU B 509 -1.61 18.40 -1.80
N LEU B 510 -1.33 19.69 -1.57
CA LEU B 510 -1.07 20.58 -2.70
C LEU B 510 0.18 20.21 -3.49
N PRO B 511 1.30 19.84 -2.87
CA PRO B 511 2.47 19.45 -3.68
C PRO B 511 2.21 18.26 -4.60
N ALA B 512 1.28 17.39 -4.25
CA ALA B 512 0.99 16.23 -5.07
C ALA B 512 0.47 16.60 -6.45
N PHE B 513 -0.08 17.81 -6.61
CA PHE B 513 -0.62 18.25 -7.90
C PHE B 513 0.49 18.70 -8.85
N THR B 514 1.40 17.77 -9.12
CA THR B 514 2.49 18.02 -10.04
C THR B 514 2.70 16.79 -10.92
N THR B 515 3.17 17.04 -12.14
CA THR B 515 3.51 15.97 -13.07
C THR B 515 4.78 15.27 -12.60
N ALA B 516 4.68 13.97 -12.32
CA ALA B 516 5.86 13.24 -11.85
C ALA B 516 7.05 13.47 -12.78
N GLY B 517 6.83 13.40 -14.08
CA GLY B 517 7.91 13.52 -15.03
C GLY B 517 8.52 12.18 -15.39
N VAL B 518 7.68 11.25 -15.81
CA VAL B 518 8.11 9.95 -16.31
C VAL B 518 8.00 9.88 -17.83
N ASN B 519 6.83 10.22 -18.37
CA ASN B 519 6.60 10.22 -19.80
C ASN B 519 5.26 10.89 -20.07
N GLU B 520 4.88 10.93 -21.34
CA GLU B 520 3.68 11.66 -21.74
C GLU B 520 2.41 10.93 -21.34
N GLY B 521 2.34 9.63 -21.60
CA GLY B 521 1.13 8.88 -21.26
C GLY B 521 0.86 8.80 -19.77
N VAL B 522 1.91 8.52 -18.99
CA VAL B 522 1.76 8.28 -17.57
C VAL B 522 1.33 9.55 -16.84
N ASP B 523 1.89 10.70 -17.23
CA ASP B 523 1.80 11.89 -16.40
C ASP B 523 0.37 12.37 -16.23
N PHE B 524 -0.36 12.51 -17.33
CA PHE B 524 -1.70 13.07 -17.25
C PHE B 524 -2.65 12.14 -16.51
N THR B 525 -2.56 10.84 -16.78
CA THR B 525 -3.40 9.89 -16.08
C THR B 525 -3.09 9.87 -14.59
N ALA B 526 -1.81 9.92 -14.23
CA ALA B 526 -1.45 9.94 -12.82
C ALA B 526 -2.00 11.18 -12.13
N ALA B 527 -1.91 12.34 -12.79
CA ALA B 527 -2.46 13.56 -12.22
C ALA B 527 -3.96 13.42 -11.99
N MET B 528 -4.67 12.89 -12.99
CA MET B 528 -6.11 12.73 -12.85
C MET B 528 -6.45 11.78 -11.71
N SER B 529 -5.69 10.69 -11.57
CA SER B 529 -5.95 9.75 -10.49
C SER B 529 -5.70 10.40 -9.13
N ILE B 530 -4.66 11.22 -9.03
CA ILE B 530 -4.41 11.94 -7.79
C ILE B 530 -5.58 12.85 -7.46
N ILE B 531 -6.12 13.52 -8.48
CA ILE B 531 -7.27 14.39 -8.26
C ILE B 531 -8.47 13.59 -7.79
N LYS B 532 -8.67 12.42 -8.38
CA LYS B 532 -9.78 11.57 -7.98
C LYS B 532 -9.65 11.14 -6.52
N THR B 533 -8.45 10.72 -6.12
CA THR B 533 -8.25 10.29 -4.73
C THR B 533 -8.48 11.45 -3.78
N ASN B 534 -7.92 12.62 -4.09
CA ASN B 534 -8.12 13.77 -3.24
C ASN B 534 -9.59 14.15 -3.16
N MET B 535 -10.34 13.90 -4.24
CA MET B 535 -11.77 14.18 -4.24
C MET B 535 -12.50 13.23 -3.30
N ILE B 536 -12.13 11.95 -3.34
CA ILE B 536 -12.84 10.96 -2.54
C ILE B 536 -12.53 11.16 -1.06
N ASN B 537 -11.27 11.42 -0.72
CA ASN B 537 -10.84 11.42 0.68
C ASN B 537 -10.82 12.82 1.28
N ASN B 538 -10.11 13.75 0.64
CA ASN B 538 -9.99 15.11 1.15
C ASN B 538 -11.20 15.98 0.81
N SER B 539 -12.28 15.37 0.33
CA SER B 539 -13.52 16.08 0.01
C SER B 539 -13.23 17.33 -0.82
N LEU B 540 -12.38 17.16 -1.82
CA LEU B 540 -12.09 18.23 -2.75
C LEU B 540 -13.32 18.59 -3.57
N SER B 541 -13.53 19.89 -3.76
CA SER B 541 -14.70 20.37 -4.47
C SER B 541 -14.55 20.11 -5.97
N PRO B 542 -15.65 20.17 -6.72
CA PRO B 542 -15.55 19.96 -8.17
C PRO B 542 -14.81 21.05 -8.90
N SER B 543 -15.03 22.31 -8.54
CA SER B 543 -14.41 23.40 -9.29
C SER B 543 -12.93 23.47 -9.00
N THR B 544 -12.54 23.18 -7.76
CA THR B 544 -11.13 23.07 -7.44
C THR B 544 -10.49 21.95 -8.26
N ALA B 545 -11.23 20.86 -8.46
CA ALA B 545 -10.73 19.76 -9.27
C ALA B 545 -10.53 20.20 -10.72
N LEU B 546 -11.50 20.93 -11.27
CA LEU B 546 -11.39 21.39 -12.64
C LEU B 546 -10.21 22.35 -12.80
N MET B 547 -10.02 23.25 -11.84
CA MET B 547 -8.91 24.18 -11.92
C MET B 547 -7.58 23.45 -11.85
N ALA B 548 -7.47 22.48 -10.96
CA ALA B 548 -6.22 21.73 -10.86
C ALA B 548 -5.99 20.93 -12.12
N LEU B 549 -7.05 20.40 -12.73
CA LEU B 549 -6.91 19.66 -13.96
C LEU B 549 -6.39 20.54 -15.09
N ARG B 550 -6.93 21.75 -15.19
CA ARG B 550 -6.45 22.68 -16.21
C ARG B 550 -5.02 23.09 -15.96
N ILE B 551 -4.68 23.31 -14.69
CA ILE B 551 -3.31 23.69 -14.35
C ILE B 551 -2.34 22.58 -14.71
N CYS B 552 -2.72 21.34 -14.44
CA CYS B 552 -1.83 20.22 -14.75
C CYS B 552 -1.72 20.03 -16.25
N LEU B 553 -2.81 20.25 -16.97
CA LEU B 553 -2.77 20.11 -18.42
C LEU B 553 -1.88 21.19 -19.04
N GLN B 554 -1.87 22.39 -18.45
CA GLN B 554 -1.06 23.46 -19.02
C GLN B 554 0.40 23.26 -18.68
N GLU B 555 0.71 22.74 -17.49
CA GLU B 555 2.09 22.42 -17.18
C GLU B 555 2.59 21.25 -18.02
N PHE B 556 1.72 20.28 -18.32
CA PHE B 556 2.08 19.20 -19.22
C PHE B 556 2.38 19.72 -20.62
N ARG B 557 1.49 20.59 -21.14
CA ARG B 557 1.75 21.17 -22.45
C ARG B 557 3.04 21.96 -22.46
N ALA B 558 3.39 22.61 -21.35
CA ALA B 558 4.59 23.44 -21.33
C ALA B 558 5.86 22.63 -21.24
N THR B 559 5.87 21.57 -20.42
CA THR B 559 7.12 20.84 -20.22
C THR B 559 7.58 20.15 -21.50
N TYR B 560 6.70 19.40 -22.14
CA TYR B 560 7.04 18.66 -23.34
C TYR B 560 7.05 19.53 -24.59
N ARG B 561 6.97 20.84 -24.44
CA ARG B 561 7.03 21.78 -25.54
C ARG B 561 6.00 21.44 -26.63
N VAL B 562 4.78 21.18 -26.21
CA VAL B 562 3.68 20.86 -27.10
C VAL B 562 2.62 21.94 -26.90
N HIS B 563 1.88 22.24 -27.96
CA HIS B 563 0.79 23.21 -27.81
C HIS B 563 -0.32 22.82 -28.77
N PRO B 564 -1.57 23.23 -28.49
CA PRO B 564 -2.68 22.95 -29.40
C PRO B 564 -2.40 23.28 -30.85
N TRP B 565 -3.15 22.65 -31.75
CA TRP B 565 -2.99 22.94 -33.17
C TRP B 565 -3.43 24.35 -33.52
N ASP B 566 -4.52 24.83 -32.91
CA ASP B 566 -5.04 26.14 -33.25
C ASP B 566 -4.24 27.27 -32.61
N SER B 567 -3.45 26.98 -31.58
CA SER B 567 -2.60 27.98 -30.98
C SER B 567 -1.54 28.43 -31.97
N ARG B 568 -0.80 29.47 -31.61
CA ARG B 568 0.23 30.04 -32.47
C ARG B 568 1.60 30.05 -31.81
N VAL B 569 1.91 29.00 -31.05
CA VAL B 569 3.22 28.86 -30.44
C VAL B 569 4.14 28.24 -31.47
N LYS B 570 4.65 29.05 -32.40
CA LYS B 570 5.48 28.52 -33.46
C LYS B 570 6.64 27.70 -32.92
N GLY B 571 6.92 26.62 -33.62
CA GLY B 571 8.03 25.74 -33.31
C GLY B 571 8.13 24.74 -34.43
N GLY B 572 9.28 24.07 -34.53
CA GLY B 572 9.39 23.04 -35.54
C GLY B 572 8.34 21.98 -35.31
N ARG B 573 8.18 21.54 -34.06
CA ARG B 573 7.17 20.55 -33.77
C ARG B 573 5.81 21.07 -34.19
N MET B 574 5.48 22.28 -33.76
CA MET B 574 4.18 22.85 -34.03
C MET B 574 3.95 23.00 -35.53
N LYS B 575 4.95 23.48 -36.27
CA LYS B 575 4.77 23.69 -37.72
C LYS B 575 4.52 22.37 -38.42
N ILE B 576 5.31 21.35 -38.09
CA ILE B 576 5.12 20.05 -38.73
C ILE B 576 3.72 19.57 -38.39
N ILE B 577 3.33 19.75 -37.14
CA ILE B 577 2.04 19.28 -36.66
C ILE B 577 0.95 19.94 -37.49
N ASN B 578 1.05 21.27 -37.65
CA ASN B 578 0.03 22.05 -38.33
C ASN B 578 -0.14 21.60 -39.77
N GLU B 579 0.96 21.43 -40.51
CA GLU B 579 0.76 21.04 -41.90
C GLU B 579 0.14 19.66 -41.98
N PHE B 580 0.64 18.73 -41.19
CA PHE B 580 0.19 17.34 -41.22
C PHE B 580 -1.20 17.20 -40.59
N ILE B 581 -1.62 18.17 -39.78
CA ILE B 581 -2.96 18.17 -39.20
C ILE B 581 -4.01 18.38 -40.27
N LYS B 582 -3.64 19.01 -41.38
CA LYS B 582 -4.56 19.03 -42.51
C LYS B 582 -4.85 17.60 -42.94
N THR B 583 -3.81 16.76 -42.93
CA THR B 583 -3.99 15.36 -43.26
C THR B 583 -4.80 14.62 -42.20
N ILE B 584 -4.58 14.96 -40.93
CA ILE B 584 -5.36 14.38 -39.83
C ILE B 584 -6.78 14.92 -39.86
N GLU B 585 -7.71 14.10 -40.34
CA GLU B 585 -9.07 14.55 -40.58
C GLU B 585 -9.84 14.87 -39.30
N ASN B 586 -9.72 14.02 -38.28
CA ASN B 586 -10.49 14.20 -37.05
C ASN B 586 -9.72 15.05 -36.06
N LYS B 587 -10.15 16.30 -35.89
CA LYS B 587 -9.52 17.19 -34.93
C LYS B 587 -9.78 16.73 -33.50
N ASP B 588 -10.97 16.20 -33.23
CA ASP B 588 -11.35 15.84 -31.87
C ASP B 588 -10.47 14.74 -31.31
N GLY B 589 -10.10 13.77 -32.14
CA GLY B 589 -9.42 12.61 -31.63
C GLY B 589 -7.96 12.82 -31.32
N LEU B 590 -7.42 13.97 -31.70
CA LEU B 590 -6.00 14.22 -31.53
C LEU B 590 -5.58 14.11 -30.08
N LEU B 591 -4.44 13.47 -29.87
CA LEU B 591 -3.92 13.30 -28.53
C LEU B 591 -3.36 14.61 -28.03
N ILE B 592 -3.38 14.77 -26.71
CA ILE B 592 -2.98 16.05 -26.13
C ILE B 592 -1.53 16.35 -26.47
N ALA B 593 -0.68 15.32 -26.44
CA ALA B 593 0.71 15.52 -26.82
C ALA B 593 0.84 15.84 -28.30
N ASP B 594 -0.07 15.32 -29.13
CA ASP B 594 -0.06 15.63 -30.56
C ASP B 594 -1.16 16.64 -30.87
N GLY B 595 -0.92 17.87 -30.42
CA GLY B 595 -1.79 18.98 -30.73
C GLY B 595 -3.25 18.65 -30.53
N GLY B 596 -3.56 18.08 -29.36
CA GLY B 596 -4.91 17.68 -29.04
C GLY B 596 -5.64 18.71 -28.19
N LYS B 597 -6.85 18.33 -27.80
CA LYS B 597 -7.67 19.16 -26.95
C LYS B 597 -8.16 18.34 -25.76
N LEU B 598 -8.50 19.04 -24.69
CA LEU B 598 -8.93 18.39 -23.46
C LEU B 598 -10.35 17.87 -23.58
N MET B 599 -10.51 16.56 -23.48
CA MET B 599 -11.82 15.91 -23.40
C MET B 599 -11.78 15.03 -22.17
N ASN B 600 -11.90 15.66 -21.00
CA ASN B 600 -11.89 14.97 -19.72
C ASN B 600 -12.52 15.92 -18.71
N ASN B 601 -13.24 15.36 -17.75
CA ASN B 601 -13.98 16.20 -16.82
C ASN B 601 -14.10 15.48 -15.49
N ILE B 602 -14.96 16.01 -14.62
CA ILE B 602 -15.15 15.44 -13.29
C ILE B 602 -15.69 14.02 -13.39
N SER B 603 -16.62 13.79 -14.31
CA SER B 603 -17.24 12.48 -14.46
C SER B 603 -16.42 11.51 -15.30
N THR B 604 -15.24 11.90 -15.77
CA THR B 604 -14.42 11.05 -16.61
C THR B 604 -12.97 11.09 -16.18
N LEU B 605 -12.73 11.21 -14.88
CA LEU B 605 -11.37 11.18 -14.37
C LEU B 605 -10.84 9.76 -14.23
N HIS B 606 -11.73 8.77 -14.17
CA HIS B 606 -11.34 7.37 -14.04
C HIS B 606 -11.20 6.69 -15.39
N ILE B 607 -10.93 7.46 -16.44
CA ILE B 607 -10.80 6.94 -17.80
C ILE B 607 -9.68 7.71 -18.49
N PRO B 608 -8.59 7.05 -18.90
CA PRO B 608 -7.53 7.77 -19.59
C PRO B 608 -8.02 8.35 -20.92
N GLU B 609 -7.32 9.37 -21.39
CA GLU B 609 -7.73 10.04 -22.62
C GLU B 609 -7.66 9.10 -23.81
N GLU B 610 -6.63 8.25 -23.85
CA GLU B 610 -6.48 7.33 -24.97
C GLU B 610 -7.71 6.47 -25.19
N VAL B 611 -8.53 6.27 -24.16
CA VAL B 611 -9.70 5.42 -24.26
C VAL B 611 -10.91 6.19 -24.76
N LEU B 612 -11.11 7.41 -24.25
CA LEU B 612 -12.25 8.19 -24.67
C LEU B 612 -12.16 8.58 -26.14
N LYS B 613 -10.96 8.85 -26.61
CA LYS B 613 -10.73 9.30 -27.97
C LYS B 613 -10.54 8.18 -28.97
N PHE B 614 -10.66 6.92 -28.53
CA PHE B 614 -10.33 5.80 -29.39
C PHE B 614 -11.21 5.77 -30.63
N GLU B 615 -12.52 5.97 -30.44
CA GLU B 615 -13.44 5.85 -31.56
C GLU B 615 -13.13 6.89 -32.64
N LYS B 616 -12.90 8.14 -32.24
CA LYS B 616 -12.70 9.19 -33.22
C LYS B 616 -11.35 9.08 -33.93
N MET B 617 -10.31 8.70 -33.20
CA MET B 617 -8.96 8.65 -33.74
C MET B 617 -8.89 8.09 -35.15
N ASP B 618 -8.36 8.89 -36.07
CA ASP B 618 -8.28 8.50 -37.47
C ASP B 618 -7.66 7.11 -37.58
N GLU B 619 -8.12 6.35 -38.57
CA GLU B 619 -7.68 4.96 -38.68
C GLU B 619 -6.16 4.88 -38.85
N GLN B 620 -5.60 5.70 -39.75
CA GLN B 620 -4.17 5.68 -39.96
C GLN B 620 -3.45 6.21 -38.73
N TYR B 621 -3.97 7.28 -38.15
CA TYR B 621 -3.36 7.86 -36.96
C TYR B 621 -3.41 6.86 -35.81
N ARG B 622 -4.55 6.19 -35.65
CA ARG B 622 -4.67 5.22 -34.56
C ARG B 622 -3.70 4.08 -34.78
N ASN B 623 -3.59 3.61 -36.02
CA ASN B 623 -2.73 2.47 -36.33
C ASN B 623 -1.27 2.80 -36.05
N ARG B 624 -0.82 3.99 -36.47
CA ARG B 624 0.55 4.39 -36.21
C ARG B 624 0.79 4.63 -34.71
N VAL B 625 -0.18 5.22 -34.04
CA VAL B 625 -0.03 5.58 -32.63
C VAL B 625 0.14 4.34 -31.76
N PHE B 626 -0.57 3.26 -32.08
CA PHE B 626 -0.55 2.05 -31.26
C PHE B 626 0.14 0.88 -31.96
N ASN B 627 0.96 1.15 -32.96
CA ASN B 627 1.72 0.08 -33.58
C ASN B 627 2.62 -0.52 -32.51
N PRO B 628 2.55 -1.83 -32.26
CA PRO B 628 3.32 -2.40 -31.14
C PRO B 628 4.83 -2.29 -31.28
N LYS B 629 5.37 -2.50 -32.47
CA LYS B 629 6.80 -2.47 -32.68
C LYS B 629 7.20 -1.09 -33.19
N ASN B 630 7.93 -0.36 -32.36
CA ASN B 630 8.42 0.96 -32.71
C ASN B 630 9.69 1.22 -31.93
N PRO B 631 10.53 2.15 -32.38
CA PRO B 631 11.82 2.34 -31.71
C PRO B 631 11.67 2.74 -30.25
N PHE B 632 10.75 3.65 -29.97
CA PHE B 632 10.57 4.13 -28.60
C PHE B 632 9.95 3.07 -27.71
N THR B 633 8.95 2.38 -28.21
CA THR B 633 8.26 1.36 -27.43
C THR B 633 9.18 0.18 -27.16
N ASN B 653 0.60 0.97 -12.06
CA ASN B 653 0.74 1.45 -13.43
C ASN B 653 -0.55 1.28 -14.21
N GLU B 654 -1.57 2.08 -13.86
CA GLU B 654 -2.83 2.06 -14.57
C GLU B 654 -2.72 3.07 -15.71
N ALA B 655 -2.15 2.61 -16.81
CA ALA B 655 -1.83 3.49 -17.93
C ALA B 655 -1.76 2.67 -19.21
N VAL B 656 -1.92 3.35 -20.32
CA VAL B 656 -1.78 2.74 -21.64
C VAL B 656 -0.35 2.93 -22.11
N VAL B 657 0.15 1.92 -22.83
CA VAL B 657 1.50 1.91 -23.37
C VAL B 657 1.38 2.32 -24.84
N SER B 658 1.90 3.49 -25.17
CA SER B 658 1.90 3.99 -26.54
C SER B 658 3.32 4.41 -26.91
N THR B 659 3.45 4.96 -28.13
CA THR B 659 4.74 5.43 -28.60
C THR B 659 5.31 6.49 -27.68
N HIS B 660 4.44 7.37 -27.19
CA HIS B 660 4.86 8.48 -26.34
C HIS B 660 5.75 8.03 -25.19
N SER B 661 5.68 6.77 -24.79
CA SER B 661 6.60 6.25 -23.79
C SER B 661 8.01 6.12 -24.37
N PHE B 662 8.99 6.75 -23.73
CA PHE B 662 10.36 6.73 -24.23
C PHE B 662 11.33 6.63 -23.06
N ARG B 663 12.44 5.93 -23.30
CA ARG B 663 13.46 5.71 -22.28
C ARG B 663 14.44 6.87 -22.19
N THR B 664 14.20 7.97 -22.91
CA THR B 664 15.10 9.11 -22.89
C THR B 664 16.57 8.69 -22.94
N MET B 675 33.84 5.47 -9.26
CA MET B 675 32.80 4.61 -8.73
C MET B 675 32.45 3.52 -9.74
N ARG B 676 33.43 3.15 -10.55
CA ARG B 676 33.19 2.26 -11.69
C ARG B 676 33.33 0.79 -11.32
N ALA B 677 34.22 0.46 -10.37
CA ALA B 677 34.37 -0.92 -9.95
C ALA B 677 33.02 -1.52 -9.62
N MET B 678 32.13 -0.71 -9.04
CA MET B 678 30.78 -1.18 -8.73
C MET B 678 29.99 -1.36 -10.01
N MET B 679 30.15 -0.43 -10.95
CA MET B 679 29.49 -0.57 -12.24
C MET B 679 29.85 -1.89 -12.90
N ALA B 680 31.07 -2.40 -12.68
CA ALA B 680 31.46 -3.67 -13.27
C ALA B 680 30.60 -4.80 -12.74
N GLU B 681 30.43 -4.86 -11.42
CA GLU B 681 29.59 -5.90 -10.84
C GLU B 681 28.15 -5.73 -11.30
N GLU B 682 27.68 -4.47 -11.35
CA GLU B 682 26.34 -4.20 -11.83
C GLU B 682 26.14 -4.68 -13.25
N LYS B 683 27.13 -4.46 -14.12
CA LYS B 683 26.99 -4.94 -15.48
C LYS B 683 27.03 -6.45 -15.53
N ARG B 684 27.80 -7.09 -14.66
CA ARG B 684 27.82 -8.55 -14.64
C ARG B 684 26.43 -9.09 -14.31
N TYR B 685 25.84 -8.61 -13.21
CA TYR B 685 24.50 -9.06 -12.86
C TYR B 685 23.48 -8.67 -13.91
N GLN B 686 23.64 -7.48 -14.49
CA GLN B 686 22.73 -7.02 -15.52
C GLN B 686 22.75 -7.96 -16.72
N MET B 687 23.94 -8.36 -17.15
CA MET B 687 24.05 -9.27 -18.30
C MET B 687 23.41 -10.61 -17.97
N VAL B 688 23.70 -11.14 -16.78
CA VAL B 688 23.16 -12.45 -16.42
C VAL B 688 21.63 -12.41 -16.43
N CYS B 689 21.06 -11.42 -15.75
CA CYS B 689 19.62 -11.30 -15.70
C CYS B 689 19.05 -11.05 -17.10
N ASP B 690 19.71 -10.20 -17.87
CA ASP B 690 19.24 -9.84 -19.19
C ASP B 690 19.09 -11.08 -20.06
N MET B 691 20.10 -11.93 -20.08
CA MET B 691 20.01 -13.08 -20.97
C MET B 691 19.17 -14.21 -20.39
N PHE B 692 19.03 -14.28 -19.06
CA PHE B 692 18.06 -15.21 -18.50
C PHE B 692 16.65 -14.81 -18.90
N LYS B 693 16.38 -13.51 -18.94
CA LYS B 693 15.12 -13.02 -19.46
C LYS B 693 15.02 -13.25 -20.96
N SER B 694 16.15 -13.16 -21.67
CA SER B 694 16.14 -13.42 -23.10
C SER B 694 15.63 -14.82 -23.39
N VAL B 695 16.11 -15.80 -22.62
CA VAL B 695 15.57 -17.15 -22.74
C VAL B 695 14.16 -17.21 -22.18
N PHE B 696 14.01 -16.96 -20.89
CA PHE B 696 12.73 -17.07 -20.20
C PHE B 696 12.01 -15.74 -20.21
N GLU B 697 10.87 -15.69 -20.89
CA GLU B 697 10.10 -14.46 -21.07
C GLU B 697 9.21 -14.15 -19.88
N SER B 698 9.15 -15.01 -18.87
CA SER B 698 8.33 -14.81 -17.68
C SER B 698 9.19 -14.83 -16.43
N ALA B 699 10.34 -14.16 -16.51
CA ALA B 699 11.26 -14.13 -15.38
C ALA B 699 10.90 -13.06 -14.37
N ASP B 700 10.31 -11.96 -14.81
CA ASP B 700 10.02 -10.85 -13.91
C ASP B 700 8.70 -11.01 -13.19
N ILE B 701 7.62 -11.32 -13.92
CA ILE B 701 6.32 -11.43 -13.29
C ILE B 701 6.35 -12.51 -12.21
N ASN B 702 6.70 -13.74 -12.58
CA ASN B 702 6.65 -14.86 -11.66
C ASN B 702 8.08 -15.24 -11.26
N PRO B 703 8.48 -15.00 -10.02
CA PRO B 703 9.84 -15.34 -9.61
C PRO B 703 10.19 -16.77 -9.95
N PRO B 704 11.33 -17.01 -10.60
CA PRO B 704 11.74 -18.38 -10.88
C PRO B 704 11.90 -19.20 -9.60
N ILE B 705 11.72 -20.52 -9.76
CA ILE B 705 11.94 -21.45 -8.66
C ILE B 705 12.36 -22.78 -9.25
N GLY B 706 13.24 -23.48 -8.54
CA GLY B 706 13.61 -24.81 -8.94
C GLY B 706 14.79 -25.31 -8.15
N ALA B 707 15.39 -26.39 -8.67
CA ALA B 707 16.59 -26.96 -8.12
C ALA B 707 17.77 -26.84 -9.06
N MET B 708 17.53 -26.48 -10.32
CA MET B 708 18.60 -26.34 -11.29
C MET B 708 19.27 -24.98 -11.12
N SER B 709 20.53 -24.92 -11.51
CA SER B 709 21.22 -23.64 -11.55
C SER B 709 20.86 -22.92 -12.85
N ILE B 710 21.28 -21.66 -12.93
CA ILE B 710 20.95 -20.86 -14.11
C ILE B 710 21.53 -21.51 -15.36
N GLY B 711 22.79 -21.95 -15.28
CA GLY B 711 23.43 -22.56 -16.42
C GLY B 711 22.67 -23.78 -16.93
N GLU B 712 22.22 -24.63 -16.02
CA GLU B 712 21.54 -25.85 -16.42
C GLU B 712 20.22 -25.53 -17.12
N ALA B 713 19.49 -24.55 -16.60
CA ALA B 713 18.23 -24.16 -17.21
C ALA B 713 18.46 -23.62 -18.61
N ILE B 714 19.44 -22.74 -18.77
CA ILE B 714 19.74 -22.22 -20.09
C ILE B 714 20.13 -23.33 -21.03
N GLU B 715 20.97 -24.25 -20.56
CA GLU B 715 21.44 -25.33 -21.40
C GLU B 715 20.27 -26.14 -21.94
N GLU B 716 19.39 -26.58 -21.05
CA GLU B 716 18.31 -27.48 -21.46
C GLU B 716 17.28 -26.75 -22.31
N LYS B 717 16.90 -25.54 -21.91
CA LYS B 717 15.91 -24.81 -22.70
C LYS B 717 16.44 -24.48 -24.09
N LEU B 718 17.69 -24.07 -24.18
CA LEU B 718 18.26 -23.75 -25.48
C LEU B 718 18.29 -24.99 -26.36
N LEU B 719 18.70 -26.13 -25.80
CA LEU B 719 18.72 -27.35 -26.59
C LEU B 719 17.33 -27.72 -27.06
N GLU B 720 16.32 -27.55 -26.20
CA GLU B 720 14.96 -27.88 -26.59
C GLU B 720 14.47 -26.96 -27.70
N ARG B 721 14.79 -25.66 -27.60
CA ARG B 721 14.39 -24.73 -28.64
C ARG B 721 15.07 -25.08 -29.97
N ALA B 722 16.34 -25.43 -29.92
CA ALA B 722 17.06 -25.80 -31.14
C ALA B 722 16.46 -27.04 -31.75
N LYS B 723 16.10 -28.02 -30.93
CA LYS B 723 15.47 -29.23 -31.45
C LYS B 723 14.12 -28.92 -32.06
N MET B 724 13.33 -28.07 -31.41
CA MET B 724 12.02 -27.73 -31.95
C MET B 724 12.15 -27.03 -33.30
N LYS B 725 13.16 -26.18 -33.45
CA LYS B 725 13.27 -25.44 -34.70
C LYS B 725 13.99 -26.23 -35.79
N ARG B 726 14.77 -27.24 -35.43
CA ARG B 726 15.28 -28.14 -36.45
C ARG B 726 14.22 -29.12 -36.91
N ASP B 727 13.31 -29.49 -36.01
CA ASP B 727 12.24 -30.42 -36.37
C ASP B 727 11.37 -29.84 -37.46
N ILE B 728 10.89 -28.61 -37.26
CA ILE B 728 9.96 -27.96 -38.17
C ILE B 728 10.49 -26.65 -38.70
N GLY B 729 11.09 -25.83 -37.82
CA GLY B 729 11.45 -24.48 -38.19
C GLY B 729 12.67 -24.45 -39.11
N ALA B 730 13.06 -23.21 -39.44
CA ALA B 730 14.07 -22.99 -40.46
C ALA B 730 15.44 -23.08 -39.81
N ILE B 731 15.91 -24.31 -39.62
CA ILE B 731 17.25 -24.58 -39.13
C ILE B 731 17.71 -25.87 -39.78
N GLU B 732 19.02 -25.96 -40.03
CA GLU B 732 19.61 -27.12 -40.67
C GLU B 732 20.36 -27.97 -39.65
N ASP B 733 20.45 -29.26 -39.94
CA ASP B 733 21.15 -30.17 -39.03
C ASP B 733 22.55 -29.67 -38.72
N SER B 734 23.21 -29.06 -39.71
CA SER B 734 24.53 -28.47 -39.47
C SER B 734 24.45 -27.39 -38.41
N GLU B 735 23.47 -26.48 -38.53
CA GLU B 735 23.33 -25.41 -37.57
C GLU B 735 22.98 -25.96 -36.18
N TYR B 736 22.08 -26.94 -36.14
CA TYR B 736 21.70 -27.53 -34.86
C TYR B 736 22.90 -28.17 -34.18
N GLU B 737 23.70 -28.91 -34.95
CA GLU B 737 24.89 -29.54 -34.39
C GLU B 737 25.91 -28.51 -33.93
N GLU B 738 26.08 -27.44 -34.71
CA GLU B 738 27.02 -26.39 -34.31
C GLU B 738 26.61 -25.76 -32.99
N ILE B 739 25.33 -25.41 -32.86
CA ILE B 739 24.86 -24.79 -31.63
C ILE B 739 25.02 -25.76 -30.46
N LYS B 740 24.64 -27.02 -30.65
CA LYS B 740 24.74 -27.98 -29.56
C LYS B 740 26.18 -28.18 -29.14
N ASP B 741 27.11 -28.24 -30.11
CA ASP B 741 28.52 -28.36 -29.78
C ASP B 741 29.00 -27.14 -28.99
N ILE B 742 28.56 -25.95 -29.40
CA ILE B 742 28.92 -24.74 -28.67
C ILE B 742 28.43 -24.84 -27.24
N ILE B 743 27.20 -25.31 -27.06
CA ILE B 743 26.63 -25.43 -25.72
C ILE B 743 27.46 -26.41 -24.89
N ARG B 744 27.85 -27.53 -25.49
CA ARG B 744 28.63 -28.51 -24.75
C ARG B 744 29.96 -27.91 -24.32
N ASP B 745 30.59 -27.16 -25.22
CA ASP B 745 31.86 -26.52 -24.89
C ASP B 745 31.69 -25.52 -23.77
N ALA B 746 30.60 -24.74 -23.82
CA ALA B 746 30.34 -23.76 -22.78
C ALA B 746 30.12 -24.42 -21.43
N LYS B 747 29.36 -25.51 -21.41
CA LYS B 747 29.15 -26.24 -20.17
C LYS B 747 30.46 -26.76 -19.60
N LYS B 748 31.27 -27.39 -20.46
CA LYS B 748 32.55 -27.91 -19.98
C LYS B 748 33.42 -26.80 -19.43
N ALA B 749 33.49 -25.67 -20.15
CA ALA B 749 34.30 -24.56 -19.69
C ALA B 749 33.80 -24.04 -18.35
N ARG B 750 32.49 -23.87 -18.21
CA ARG B 750 31.94 -23.37 -16.96
C ARG B 750 32.29 -24.28 -15.79
N LEU B 751 32.06 -25.59 -15.95
CA LEU B 751 32.32 -26.50 -14.85
C LEU B 751 33.81 -26.60 -14.52
N GLU B 752 34.66 -26.72 -15.54
CA GLU B 752 36.08 -26.87 -15.32
C GLU B 752 36.70 -25.61 -14.72
N SER B 753 36.22 -24.44 -15.16
CA SER B 753 36.87 -23.18 -14.78
C SER B 753 36.89 -23.00 -13.27
N ARG B 754 35.76 -23.24 -12.60
CA ARG B 754 35.67 -22.96 -11.18
C ARG B 754 34.48 -23.69 -10.57
N MET C 1 16.69 -18.69 -34.57
CA MET C 1 17.50 -18.74 -35.80
C MET C 1 18.91 -18.22 -35.51
N SER C 2 19.50 -17.49 -36.45
CA SER C 2 20.79 -16.85 -36.20
C SER C 2 20.81 -16.15 -34.84
N LEU C 3 19.68 -15.55 -34.45
CA LEU C 3 19.57 -14.98 -33.11
C LEU C 3 19.85 -16.04 -32.05
N LEU C 4 19.33 -17.25 -32.25
CA LEU C 4 19.62 -18.35 -31.34
C LEU C 4 21.12 -18.57 -31.23
N LEU C 5 21.81 -18.62 -32.36
CA LEU C 5 23.25 -18.78 -32.36
C LEU C 5 23.93 -17.65 -31.62
N THR C 6 23.41 -16.43 -31.75
CA THR C 6 23.98 -15.30 -31.01
C THR C 6 23.79 -15.47 -29.52
N ILE C 7 22.62 -15.94 -29.12
CA ILE C 7 22.36 -16.17 -27.70
C ILE C 7 23.33 -17.21 -27.17
N ALA C 8 23.56 -18.27 -27.94
CA ALA C 8 24.47 -19.32 -27.51
C ALA C 8 25.89 -18.80 -27.41
N LYS C 9 26.33 -18.00 -28.38
CA LYS C 9 27.65 -17.40 -28.30
C LYS C 9 27.78 -16.49 -27.09
N GLU C 10 26.72 -15.75 -26.77
CA GLU C 10 26.74 -14.88 -25.60
C GLU C 10 26.88 -15.71 -24.33
N TYR C 11 26.09 -16.78 -24.23
CA TYR C 11 26.21 -17.68 -23.08
C TYR C 11 27.63 -18.24 -22.97
N LYS C 12 28.22 -18.63 -24.09
CA LYS C 12 29.58 -19.13 -24.10
C LYS C 12 30.55 -18.07 -23.58
N ARG C 13 30.40 -16.84 -24.07
CA ARG C 13 31.27 -15.76 -23.64
C ARG C 13 31.16 -15.51 -22.15
N LEU C 14 29.92 -15.54 -21.63
CA LEU C 14 29.73 -15.33 -20.20
C LEU C 14 30.35 -16.46 -19.39
N CYS C 15 30.17 -17.70 -19.85
CA CYS C 15 30.71 -18.83 -19.10
C CYS C 15 32.23 -18.85 -19.18
N GLN C 16 32.80 -18.26 -20.22
CA GLN C 16 34.26 -18.17 -20.30
C GLN C 16 34.78 -17.32 -19.16
N ASP C 17 34.00 -16.31 -18.75
CA ASP C 17 34.34 -15.55 -17.56
C ASP C 17 34.33 -16.47 -16.34
N ALA C 18 34.94 -15.99 -15.27
CA ALA C 18 35.07 -16.78 -14.05
C ALA C 18 34.00 -16.45 -13.02
N LYS C 19 33.77 -15.17 -12.74
CA LYS C 19 32.82 -14.79 -11.71
C LYS C 19 31.39 -15.13 -12.12
N ALA C 20 31.00 -14.73 -13.33
CA ALA C 20 29.67 -15.04 -13.82
C ALA C 20 29.42 -16.55 -13.81
N ALA C 21 30.45 -17.32 -14.18
CA ALA C 21 30.31 -18.77 -14.17
C ALA C 21 30.03 -19.26 -12.77
N GLN C 22 30.78 -18.75 -11.79
CA GLN C 22 30.56 -19.14 -10.40
C GLN C 22 29.13 -18.85 -9.98
N MET C 23 28.66 -17.61 -10.20
CA MET C 23 27.34 -17.27 -9.70
C MET C 23 26.24 -18.04 -10.42
N MET C 24 26.43 -18.35 -11.71
CA MET C 24 25.44 -19.15 -12.41
C MET C 24 25.43 -20.58 -11.90
N THR C 25 26.60 -21.15 -11.67
CA THR C 25 26.68 -22.56 -11.27
C THR C 25 26.06 -22.77 -9.90
N VAL C 26 26.38 -21.91 -8.96
CA VAL C 26 25.98 -22.11 -7.57
C VAL C 26 24.53 -21.71 -7.37
N GLY C 27 23.86 -22.42 -6.47
CA GLY C 27 22.51 -22.10 -6.07
C GLY C 27 21.46 -22.46 -7.10
N THR C 28 20.26 -21.96 -6.86
CA THR C 28 19.11 -22.22 -7.69
C THR C 28 18.80 -21.00 -8.57
N VAL C 29 17.68 -21.07 -9.27
CA VAL C 29 17.32 -20.00 -10.20
C VAL C 29 16.74 -18.80 -9.48
N SER C 30 16.17 -18.99 -8.29
CA SER C 30 15.56 -17.87 -7.58
C SER C 30 16.53 -16.72 -7.42
N ASN C 31 17.83 -17.02 -7.38
CA ASN C 31 18.83 -15.97 -7.23
C ASN C 31 18.62 -14.85 -8.24
N TYR C 32 18.09 -15.17 -9.41
CA TYR C 32 17.79 -14.14 -10.41
C TYR C 32 17.04 -12.98 -9.79
N THR C 33 15.92 -13.28 -9.13
CA THR C 33 15.15 -12.23 -8.48
C THR C 33 16.04 -11.36 -7.61
N THR C 34 16.84 -11.99 -6.76
CA THR C 34 17.76 -11.24 -5.92
C THR C 34 18.65 -10.35 -6.76
N PHE C 35 19.34 -10.94 -7.73
CA PHE C 35 20.23 -10.15 -8.59
C PHE C 35 19.48 -9.03 -9.28
N LYS C 36 18.18 -9.21 -9.51
CA LYS C 36 17.41 -8.21 -10.25
C LYS C 36 17.35 -6.90 -9.51
N LYS C 37 17.73 -6.90 -8.24
CA LYS C 37 17.72 -5.73 -7.40
C LYS C 37 19.10 -5.13 -7.26
N TRP C 38 20.13 -5.97 -7.17
CA TRP C 38 21.48 -5.43 -7.03
C TRP C 38 21.87 -4.58 -8.24
N THR C 39 21.11 -4.67 -9.33
CA THR C 39 21.39 -3.92 -10.54
C THR C 39 20.30 -2.87 -10.76
N THR C 40 20.66 -1.83 -11.50
CA THR C 40 19.73 -0.79 -11.91
C THR C 40 18.96 -0.26 -10.71
N SER C 41 19.70 0.24 -9.74
CA SER C 41 19.13 0.82 -8.53
C SER C 41 19.45 2.30 -8.57
N ARG C 42 18.45 3.11 -8.92
CA ARG C 42 18.63 4.55 -8.93
C ARG C 42 17.30 5.27 -9.05
N LYS C 43 17.02 6.17 -8.12
CA LYS C 43 15.81 6.98 -8.11
C LYS C 43 16.19 8.44 -8.06
N GLU C 44 15.18 9.30 -8.08
CA GLU C 44 15.40 10.74 -8.05
C GLU C 44 14.29 11.39 -7.24
N LYS C 45 14.66 12.41 -6.47
CA LYS C 45 13.71 13.02 -5.54
C LYS C 45 12.58 13.72 -6.30
N ASN C 46 12.92 14.71 -7.13
CA ASN C 46 11.92 15.45 -7.89
C ASN C 46 11.99 15.07 -9.36
N PRO C 47 11.22 14.07 -9.80
CA PRO C 47 11.32 13.66 -11.20
C PRO C 47 10.78 14.71 -12.16
N SER C 48 9.77 15.48 -11.76
CA SER C 48 9.20 16.50 -12.63
C SER C 48 10.27 17.47 -13.10
N LEU C 49 11.03 18.03 -12.15
CA LEU C 49 12.07 18.97 -12.49
C LEU C 49 13.10 18.32 -13.40
N ARG C 50 13.44 17.06 -13.11
CA ARG C 50 14.44 16.36 -13.91
C ARG C 50 13.95 16.23 -15.35
N MET C 51 12.67 15.91 -15.52
CA MET C 51 12.12 15.76 -16.87
C MET C 51 12.15 17.08 -17.61
N ARG C 52 11.78 18.18 -16.93
CA ARG C 52 11.84 19.48 -17.60
C ARG C 52 13.28 19.80 -17.96
N TRP C 53 14.21 19.50 -17.06
CA TRP C 53 15.62 19.75 -17.30
C TRP C 53 16.07 19.02 -18.56
N ALA C 54 15.79 17.71 -18.60
CA ALA C 54 16.25 16.86 -19.71
C ALA C 54 15.57 17.19 -21.03
N MET C 55 14.28 17.50 -21.02
CA MET C 55 13.57 17.70 -22.27
C MET C 55 14.20 18.83 -23.06
N SER C 56 14.69 19.85 -22.36
CA SER C 56 15.29 20.98 -23.04
C SER C 56 16.49 20.52 -23.85
N SER C 57 17.16 19.45 -23.39
CA SER C 57 18.41 19.04 -23.98
C SER C 57 18.28 18.93 -25.50
N LYS C 58 19.42 19.14 -26.15
CA LYS C 58 19.53 18.99 -27.60
C LYS C 58 18.89 17.70 -28.13
N PHE C 59 19.14 16.56 -27.48
CA PHE C 59 18.62 15.27 -27.93
C PHE C 59 18.13 14.44 -26.75
N PRO C 60 16.94 14.74 -26.25
CA PRO C 60 16.44 14.04 -25.06
C PRO C 60 16.11 12.57 -25.27
N ILE C 61 15.47 12.20 -26.38
CA ILE C 61 14.94 10.85 -26.51
C ILE C 61 16.05 9.85 -26.83
N ILE C 62 15.73 8.57 -26.60
CA ILE C 62 16.57 7.43 -26.95
C ILE C 62 15.76 6.50 -27.85
N ALA C 63 16.33 6.10 -28.98
CA ALA C 63 15.65 5.22 -29.92
C ALA C 63 16.63 4.19 -30.49
N ASN C 64 16.14 2.97 -30.65
CA ASN C 64 16.97 1.90 -31.22
C ASN C 64 17.30 2.22 -32.67
N LYS C 65 18.55 1.95 -33.05
CA LYS C 65 18.99 2.23 -34.41
C LYS C 65 18.30 1.32 -35.43
N ARG C 66 18.11 0.06 -35.09
CA ARG C 66 17.59 -0.87 -36.08
C ARG C 66 16.14 -0.54 -36.43
N MET C 67 15.41 0.04 -35.48
CA MET C 67 14.02 0.37 -35.73
C MET C 67 13.94 1.56 -36.66
N LEU C 68 14.79 2.56 -36.42
CA LEU C 68 14.80 3.75 -37.26
C LEU C 68 15.20 3.39 -38.68
N GLU C 69 16.24 2.56 -38.82
CA GLU C 69 16.70 2.17 -40.15
C GLU C 69 15.62 1.37 -40.87
N GLU C 70 14.97 0.45 -40.15
CA GLU C 70 13.90 -0.35 -40.76
C GLU C 70 12.76 0.53 -41.21
N ALA C 71 12.43 1.56 -40.42
CA ALA C 71 11.34 2.45 -40.77
C ALA C 71 11.61 3.20 -42.08
N GLN C 72 12.85 3.59 -42.30
CA GLN C 72 13.23 4.38 -43.48
C GLN C 72 12.51 5.72 -43.51
N ILE C 73 12.35 6.33 -42.34
CA ILE C 73 11.76 7.66 -42.21
C ILE C 73 12.84 8.73 -42.37
N PRO C 74 12.60 9.78 -43.18
CA PRO C 74 13.63 10.79 -43.43
C PRO C 74 14.44 11.18 -42.21
N LYS C 75 15.74 11.41 -42.41
CA LYS C 75 16.60 11.82 -41.30
C LYS C 75 16.23 13.21 -40.78
N GLU C 76 15.97 14.15 -41.70
CA GLU C 76 15.56 15.49 -41.33
C GLU C 76 14.66 16.01 -42.45
N HIS C 77 13.34 15.86 -42.28
CA HIS C 77 12.42 16.18 -43.36
C HIS C 77 12.50 17.65 -43.73
N ASN C 78 12.59 18.55 -42.73
CA ASN C 78 12.68 19.98 -42.96
C ASN C 78 13.68 20.61 -41.98
N ASN C 79 14.95 20.21 -42.12
CA ASN C 79 16.04 20.76 -41.31
C ASN C 79 15.77 20.63 -39.82
N VAL C 80 15.26 19.47 -39.42
CA VAL C 80 14.95 19.18 -38.02
C VAL C 80 15.75 17.94 -37.62
N ALA C 81 16.42 18.02 -36.48
CA ALA C 81 17.34 16.96 -36.05
C ALA C 81 16.58 15.83 -35.38
N LEU C 82 15.96 14.99 -36.21
CA LEU C 82 15.22 13.85 -35.67
C LEU C 82 16.18 12.88 -34.98
N TRP C 83 17.39 12.72 -35.53
CA TRP C 83 18.43 11.93 -34.89
C TRP C 83 19.76 12.24 -35.54
N GLU C 84 20.83 12.12 -34.74
CA GLU C 84 22.17 12.32 -35.25
C GLU C 84 22.48 11.39 -36.42
N ASP C 85 22.14 10.12 -36.28
CA ASP C 85 22.40 9.13 -37.32
C ASP C 85 21.88 7.77 -36.91
N ALA C 97 17.69 11.08 -30.24
CA ALA C 97 16.69 11.59 -31.17
C ALA C 97 15.74 12.58 -30.49
N SER C 98 15.22 13.53 -31.26
CA SER C 98 14.30 14.51 -30.71
C SER C 98 12.92 13.93 -30.48
N ALA C 99 12.14 14.61 -29.64
CA ALA C 99 10.75 14.24 -29.42
C ALA C 99 9.91 14.45 -30.66
N SER C 100 10.24 15.47 -31.46
CA SER C 100 9.45 15.76 -32.65
C SER C 100 9.35 14.56 -33.56
N CYS C 101 10.33 13.66 -33.52
CA CYS C 101 10.30 12.52 -34.40
C CYS C 101 9.01 11.73 -34.21
N ILE C 102 8.61 11.54 -32.96
CA ILE C 102 7.41 10.76 -32.68
C ILE C 102 6.20 11.35 -33.41
N ASN C 103 6.13 12.68 -33.49
CA ASN C 103 5.01 13.28 -34.20
C ASN C 103 5.02 12.86 -35.65
N TYR C 104 6.20 12.85 -36.27
CA TYR C 104 6.25 12.48 -37.67
C TYR C 104 5.71 11.07 -37.84
N TRP C 105 6.10 10.18 -36.93
CA TRP C 105 5.64 8.81 -37.01
C TRP C 105 4.12 8.76 -36.88
N ASN C 106 3.58 9.48 -35.91
CA ASN C 106 2.16 9.40 -35.65
C ASN C 106 1.35 9.93 -36.83
N PHE C 107 1.74 11.06 -37.39
CA PHE C 107 1.00 11.66 -38.49
C PHE C 107 1.14 10.87 -39.79
N CYS C 108 2.34 10.36 -40.06
CA CYS C 108 2.56 9.52 -41.23
C CYS C 108 3.75 8.62 -40.96
N GLY C 109 3.58 7.33 -41.21
CA GLY C 109 4.61 6.38 -40.93
C GLY C 109 4.10 4.97 -41.05
N PRO C 110 4.89 4.01 -40.56
CA PRO C 110 4.50 2.60 -40.68
C PRO C 110 3.26 2.32 -39.86
N CYS C 111 2.25 1.73 -40.49
CA CYS C 111 0.97 1.48 -39.85
C CYS C 111 0.81 0.01 -39.51
N VAL C 112 0.40 -0.27 -38.28
CA VAL C 112 0.11 -1.62 -37.85
C VAL C 112 -1.09 -2.15 -38.61
N ASN C 113 -1.13 -3.46 -38.82
CA ASN C 113 -2.20 -4.02 -39.65
C ASN C 113 -3.57 -3.74 -39.04
N ASN C 114 -3.71 -3.94 -37.74
CA ASN C 114 -4.95 -3.62 -37.03
C ASN C 114 -4.63 -3.29 -35.59
N SER C 115 -5.44 -2.40 -35.01
CA SER C 115 -5.30 -2.03 -33.61
C SER C 115 -6.55 -2.33 -32.80
N GLU C 116 -7.35 -3.29 -33.26
CA GLU C 116 -8.58 -3.65 -32.56
C GLU C 116 -8.36 -4.62 -31.41
N VAL C 117 -7.12 -5.06 -31.20
CA VAL C 117 -6.80 -5.92 -30.06
C VAL C 117 -6.73 -5.13 -28.76
N ILE C 118 -6.50 -3.82 -28.84
CA ILE C 118 -6.38 -3.02 -27.63
C ILE C 118 -7.66 -3.06 -26.81
N LYS C 119 -8.80 -3.25 -27.47
CA LYS C 119 -10.06 -3.30 -26.74
C LYS C 119 -10.15 -4.50 -25.82
N GLU C 120 -9.43 -5.59 -26.14
CA GLU C 120 -9.39 -6.74 -25.25
C GLU C 120 -8.35 -6.58 -24.16
N VAL C 121 -7.21 -5.95 -24.48
CA VAL C 121 -6.15 -5.81 -23.49
C VAL C 121 -6.63 -5.00 -22.29
N TYR C 122 -7.36 -3.93 -22.55
CA TYR C 122 -7.80 -2.99 -21.52
C TYR C 122 -9.31 -3.09 -21.32
N LYS C 123 -9.82 -4.33 -21.32
CA LYS C 123 -11.25 -4.56 -21.20
C LYS C 123 -11.84 -3.87 -19.99
N SER C 124 -11.07 -3.69 -18.93
CA SER C 124 -11.58 -3.04 -17.73
C SER C 124 -11.96 -1.59 -18.00
N ARG C 125 -11.06 -0.83 -18.62
CA ARG C 125 -11.33 0.58 -18.83
C ARG C 125 -12.39 0.81 -19.90
N PHE C 126 -12.40 0.01 -20.95
CA PHE C 126 -13.49 0.12 -21.91
C PHE C 126 -14.81 -0.26 -21.27
N GLY C 127 -14.80 -1.22 -20.33
CA GLY C 127 -15.99 -1.49 -19.57
C GLY C 127 -16.42 -0.30 -18.73
N ARG C 128 -15.45 0.40 -18.15
CA ARG C 128 -15.77 1.60 -17.38
C ARG C 128 -16.46 2.62 -18.24
N LEU C 129 -15.91 2.87 -19.43
CA LEU C 129 -16.49 3.85 -20.33
C LEU C 129 -17.86 3.42 -20.81
N GLU C 130 -18.03 2.13 -21.08
CA GLU C 130 -19.30 1.63 -21.57
C GLU C 130 -20.36 1.75 -20.49
N ARG C 131 -19.99 1.47 -19.23
CA ARG C 131 -20.93 1.63 -18.13
C ARG C 131 -21.29 3.09 -17.93
N ARG C 132 -20.30 3.97 -17.99
CA ARG C 132 -20.54 5.40 -17.78
C ARG C 132 -21.42 5.99 -18.86
N LYS C 133 -21.37 5.47 -20.08
CA LYS C 133 -22.19 6.06 -21.13
C LYS C 133 -23.68 5.83 -20.93
N GLU C 134 -24.07 4.92 -20.04
CA GLU C 134 -25.47 4.57 -19.86
C GLU C 134 -26.06 5.17 -18.59
N ILE C 135 -25.40 6.16 -18.01
CA ILE C 135 -25.90 6.79 -16.79
C ILE C 135 -26.71 8.02 -17.14
N MET C 136 -27.99 8.01 -16.78
CA MET C 136 -28.87 9.15 -16.96
C MET C 136 -28.79 10.04 -15.72
N TRP C 137 -28.11 11.17 -15.87
CA TRP C 137 -27.95 12.11 -14.76
C TRP C 137 -29.25 12.87 -14.56
N LYS C 138 -29.73 12.90 -13.31
CA LYS C 138 -31.04 13.51 -13.01
C LYS C 138 -30.94 14.97 -12.58
N GLU C 139 -30.34 15.24 -11.43
CA GLU C 139 -30.40 16.60 -10.90
C GLU C 139 -29.48 16.84 -9.71
N LEU C 140 -28.62 17.85 -9.81
CA LEU C 140 -27.80 18.27 -8.69
C LEU C 140 -28.69 18.88 -7.61
N ARG C 141 -28.48 18.45 -6.36
CA ARG C 141 -29.10 19.07 -5.21
C ARG C 141 -28.01 19.35 -4.17
N PHE C 142 -28.41 20.00 -3.09
CA PHE C 142 -27.50 20.44 -2.04
C PHE C 142 -28.08 20.07 -0.69
N THR C 143 -27.27 19.41 0.13
CA THR C 143 -27.70 19.01 1.47
C THR C 143 -26.52 18.35 2.15
N LEU C 144 -26.58 18.29 3.49
CA LEU C 144 -25.51 17.71 4.27
C LEU C 144 -25.68 16.20 4.22
N VAL C 145 -24.91 15.54 3.36
CA VAL C 145 -25.06 14.11 3.15
C VAL C 145 -24.46 13.36 4.34
N ASP C 146 -25.15 12.30 4.75
CA ASP C 146 -24.66 11.43 5.81
C ASP C 146 -23.81 10.34 5.17
N ARG C 147 -22.53 10.33 5.51
CA ARG C 147 -21.56 9.43 4.91
C ARG C 147 -21.03 8.49 5.98
N GLN C 148 -20.98 7.21 5.65
CA GLN C 148 -20.44 6.20 6.56
C GLN C 148 -19.14 5.65 5.99
N ARG C 149 -18.11 5.64 6.81
CA ARG C 149 -16.81 5.09 6.42
C ARG C 149 -16.84 3.58 6.56
N ARG C 150 -16.84 2.88 5.43
CA ARG C 150 -16.89 1.42 5.41
C ARG C 150 -16.05 0.89 4.27
N ARG C 151 -15.57 -0.34 4.47
CA ARG C 151 -14.88 -1.07 3.41
C ARG C 151 -15.85 -1.47 2.31
N VAL C 152 -15.45 -1.26 1.06
CA VAL C 152 -16.25 -1.64 -0.10
C VAL C 152 -15.33 -2.09 -1.21
N ASP C 153 -15.91 -2.50 -2.33
CA ASP C 153 -15.16 -2.82 -3.54
C ASP C 153 -15.51 -1.83 -4.64
N THR C 154 -14.50 -1.41 -5.40
CA THR C 154 -14.66 -0.32 -6.36
C THR C 154 -14.40 -0.77 -7.79
N GLN C 155 -14.51 -2.05 -8.09
CA GLN C 155 -14.39 -2.49 -9.47
C GLN C 155 -15.29 -3.68 -9.74
N PRO C 156 -16.27 -3.55 -10.63
CA PRO C 156 -17.06 -4.72 -11.01
C PRO C 156 -16.17 -5.73 -11.71
N VAL C 157 -16.15 -6.94 -11.17
CA VAL C 157 -15.28 -8.00 -11.66
C VAL C 157 -16.06 -9.29 -11.69
N GLU C 158 -15.83 -10.08 -12.73
CA GLU C 158 -16.41 -11.40 -12.88
C GLU C 158 -15.35 -12.45 -12.59
N GLN C 159 -15.74 -13.51 -11.89
CA GLN C 159 -14.84 -14.61 -11.57
C GLN C 159 -13.59 -14.10 -10.85
N ARG C 160 -13.83 -13.48 -9.69
CA ARG C 160 -12.74 -12.98 -8.86
C ARG C 160 -11.92 -14.14 -8.29
N LEU C 161 -10.60 -14.04 -8.42
CA LEU C 161 -9.68 -15.09 -8.04
C LEU C 161 -8.59 -14.52 -7.12
N ARG C 162 -7.74 -15.42 -6.63
CA ARG C 162 -6.63 -15.07 -5.77
C ARG C 162 -5.37 -14.84 -6.62
N THR C 163 -4.33 -14.34 -5.97
CA THR C 163 -3.09 -14.05 -6.69
C THR C 163 -2.45 -15.31 -7.25
N GLY C 164 -2.51 -16.43 -6.52
CA GLY C 164 -1.92 -17.65 -7.03
C GLY C 164 -2.58 -18.13 -8.31
N GLU C 165 -3.91 -18.10 -8.33
CA GLU C 165 -4.63 -18.50 -9.52
C GLU C 165 -4.34 -17.54 -10.65
N ILE C 166 -4.25 -16.25 -10.33
CA ILE C 166 -4.00 -15.26 -11.37
C ILE C 166 -2.65 -15.51 -12.00
N LYS C 167 -1.65 -15.83 -11.16
CA LYS C 167 -0.31 -16.06 -11.65
C LYS C 167 -0.30 -17.25 -12.59
N ASP C 168 -1.03 -18.30 -12.22
CA ASP C 168 -1.09 -19.47 -13.09
C ASP C 168 -1.83 -19.14 -14.37
N LEU C 169 -2.87 -18.31 -14.29
CA LEU C 169 -3.60 -17.92 -15.48
C LEU C 169 -2.69 -17.18 -16.46
N GLN C 170 -1.87 -16.28 -15.96
CA GLN C 170 -0.97 -15.55 -16.84
C GLN C 170 0.04 -16.49 -17.47
N MET C 171 0.63 -17.38 -16.66
CA MET C 171 1.65 -18.26 -17.20
C MET C 171 1.06 -19.19 -18.25
N TRP C 172 -0.14 -19.71 -17.99
CA TRP C 172 -0.78 -20.67 -18.88
C TRP C 172 -1.54 -20.02 -20.02
N THR C 173 -1.58 -18.69 -20.07
CA THR C 173 -2.18 -17.99 -21.19
C THR C 173 -1.17 -17.26 -22.07
N LEU C 174 0.05 -17.06 -21.59
CA LEU C 174 1.06 -16.36 -22.38
C LEU C 174 2.30 -17.21 -22.59
N PHE C 175 2.92 -17.69 -21.52
CA PHE C 175 4.16 -18.46 -21.54
C PHE C 175 3.83 -19.92 -21.22
N GLU C 176 3.45 -20.68 -22.24
CA GLU C 176 3.14 -22.09 -22.01
C GLU C 176 4.42 -22.93 -22.00
N ASP C 177 5.38 -22.59 -22.85
CA ASP C 177 6.64 -23.32 -22.88
C ASP C 177 7.34 -23.30 -21.53
N GLU C 178 7.04 -22.30 -20.69
CA GLU C 178 7.61 -22.17 -19.36
C GLU C 178 6.51 -22.27 -18.32
N ALA C 179 5.45 -22.99 -18.65
CA ALA C 179 4.35 -23.17 -17.73
C ALA C 179 4.75 -24.11 -16.60
N PRO C 180 4.28 -23.86 -15.38
CA PRO C 180 4.53 -24.79 -14.28
C PRO C 180 3.61 -26.00 -14.38
N LEU C 181 3.91 -27.00 -13.55
CA LEU C 181 3.13 -28.21 -13.53
C LEU C 181 1.65 -27.89 -13.35
N ALA C 182 0.81 -28.64 -14.06
CA ALA C 182 -0.63 -28.32 -14.11
C ALA C 182 -1.23 -28.32 -12.70
N SER C 183 -1.92 -27.24 -12.39
CA SER C 183 -2.56 -27.09 -11.09
C SER C 183 -3.99 -27.62 -11.15
N LYS C 184 -4.62 -27.68 -9.98
CA LYS C 184 -6.02 -28.08 -9.89
C LYS C 184 -6.92 -27.06 -10.56
N PHE C 185 -6.65 -25.78 -10.34
CA PHE C 185 -7.50 -24.72 -10.88
C PHE C 185 -7.50 -24.75 -12.40
N ILE C 186 -6.33 -24.93 -13.01
CA ILE C 186 -6.23 -24.89 -14.46
C ILE C 186 -7.05 -26.01 -15.07
N LEU C 187 -7.01 -27.20 -14.46
CA LEU C 187 -7.82 -28.30 -14.95
C LEU C 187 -9.30 -28.00 -14.77
N ASP C 188 -9.67 -27.45 -13.61
CA ASP C 188 -11.07 -27.18 -13.35
C ASP C 188 -11.59 -26.07 -14.27
N ASN C 189 -10.88 -24.96 -14.35
CA ASN C 189 -11.31 -23.80 -15.12
C ASN C 189 -10.55 -23.74 -16.44
N TYR C 190 -10.94 -24.63 -17.36
CA TYR C 190 -10.30 -24.68 -18.65
C TYR C 190 -10.99 -23.82 -19.71
N GLY C 191 -12.25 -23.44 -19.48
CA GLY C 191 -12.92 -22.58 -20.44
C GLY C 191 -12.41 -21.16 -20.38
N LEU C 192 -12.05 -20.70 -19.18
CA LEU C 192 -11.52 -19.36 -19.03
C LEU C 192 -10.12 -19.27 -19.61
N VAL C 193 -9.31 -20.29 -19.34
CA VAL C 193 -7.96 -20.32 -19.88
C VAL C 193 -8.01 -20.38 -21.40
N LYS C 194 -8.92 -21.17 -21.96
CA LYS C 194 -9.03 -21.23 -23.41
C LYS C 194 -9.46 -19.88 -23.98
N GLU C 195 -10.44 -19.23 -23.35
CA GLU C 195 -10.91 -17.96 -23.87
C GLU C 195 -9.81 -16.92 -23.85
N MET C 196 -9.04 -16.85 -22.76
CA MET C 196 -7.95 -15.90 -22.69
C MET C 196 -6.84 -16.25 -23.67
N ARG C 197 -6.57 -17.54 -23.83
CA ARG C 197 -5.47 -17.97 -24.71
C ARG C 197 -5.75 -17.59 -26.15
N SER C 198 -6.99 -17.78 -26.60
CA SER C 198 -7.29 -17.55 -28.01
C SER C 198 -7.03 -16.11 -28.42
N LYS C 199 -7.44 -15.16 -27.59
CA LYS C 199 -7.33 -13.75 -27.95
C LYS C 199 -5.87 -13.30 -28.04
N PHE C 200 -5.02 -13.82 -27.16
CA PHE C 200 -3.65 -13.35 -27.01
C PHE C 200 -2.63 -14.39 -27.44
N ALA C 201 -2.89 -15.08 -28.54
CA ALA C 201 -1.97 -16.10 -29.05
C ALA C 201 -1.59 -15.76 -30.48
N ASN C 202 -0.30 -15.90 -30.79
CA ASN C 202 0.23 -15.59 -32.11
C ASN C 202 -0.03 -14.13 -32.48
N LYS C 203 0.28 -13.24 -31.55
CA LYS C 203 0.05 -11.83 -31.71
C LYS C 203 1.32 -11.05 -31.36
N PRO C 204 1.56 -9.94 -32.04
CA PRO C 204 2.68 -9.06 -31.67
C PRO C 204 2.26 -8.19 -30.50
N LEU C 205 2.78 -8.50 -29.31
CA LEU C 205 2.35 -7.78 -28.13
C LEU C 205 3.47 -7.75 -27.12
N ASN C 206 3.46 -6.73 -26.26
CA ASN C 206 4.34 -6.71 -25.10
C ASN C 206 3.69 -7.56 -24.01
N LYS C 207 4.24 -8.74 -23.77
CA LYS C 207 3.57 -9.72 -22.94
C LYS C 207 3.43 -9.23 -21.49
N GLU C 208 4.45 -8.55 -20.98
CA GLU C 208 4.41 -8.09 -19.60
C GLU C 208 3.22 -7.17 -19.37
N VAL C 209 2.97 -6.27 -20.32
CA VAL C 209 1.87 -5.33 -20.19
C VAL C 209 0.54 -6.07 -20.10
N VAL C 210 0.37 -7.08 -20.95
CA VAL C 210 -0.87 -7.83 -20.96
C VAL C 210 -1.04 -8.56 -19.64
N ALA C 211 0.05 -9.11 -19.11
CA ALA C 211 -0.04 -9.83 -17.84
C ALA C 211 -0.46 -8.90 -16.72
N HIS C 212 0.15 -7.71 -16.67
CA HIS C 212 -0.19 -6.74 -15.65
C HIS C 212 -1.65 -6.34 -15.74
N MET C 213 -2.14 -6.12 -16.96
CA MET C 213 -3.54 -5.76 -17.15
C MET C 213 -4.48 -6.90 -16.79
N LEU C 214 -4.10 -8.16 -17.00
CA LEU C 214 -4.98 -9.23 -16.54
C LEU C 214 -5.00 -9.32 -15.02
N GLU C 215 -3.87 -8.99 -14.39
CA GLU C 215 -3.85 -8.92 -12.94
C GLU C 215 -4.83 -7.87 -12.45
N LYS C 216 -4.80 -6.69 -13.05
CA LYS C 216 -5.78 -5.67 -12.67
C LYS C 216 -7.20 -6.09 -13.03
N GLN C 217 -7.35 -6.86 -14.10
CA GLN C 217 -8.68 -7.31 -14.51
C GLN C 217 -9.34 -8.15 -13.44
N PHE C 218 -8.56 -9.00 -12.77
CA PHE C 218 -9.16 -9.95 -11.84
C PHE C 218 -9.03 -9.54 -10.38
N ASN C 219 -8.69 -8.29 -10.10
CA ASN C 219 -8.52 -7.84 -8.72
C ASN C 219 -9.59 -6.81 -8.37
N PRO C 220 -10.54 -7.12 -7.49
CA PRO C 220 -11.52 -6.11 -7.05
C PRO C 220 -10.88 -5.17 -6.04
N GLU C 221 -10.71 -3.92 -6.44
CA GLU C 221 -10.03 -2.95 -5.60
C GLU C 221 -10.92 -2.62 -4.41
N SER C 222 -10.55 -3.13 -3.24
CA SER C 222 -11.30 -2.90 -2.01
C SER C 222 -10.66 -1.75 -1.25
N ARG C 223 -11.49 -0.78 -0.86
CA ARG C 223 -11.02 0.43 -0.19
C ARG C 223 -11.96 0.77 0.96
N PHE C 224 -11.43 1.48 1.94
CA PHE C 224 -12.20 1.95 3.10
C PHE C 224 -12.52 3.41 2.88
N LEU C 225 -13.76 3.68 2.49
CA LEU C 225 -14.17 4.98 2.00
C LEU C 225 -15.44 5.45 2.68
N PRO C 226 -15.71 6.76 2.65
CA PRO C 226 -17.05 7.23 2.98
C PRO C 226 -18.02 6.90 1.86
N VAL C 227 -19.26 6.58 2.25
CA VAL C 227 -20.24 6.06 1.33
C VAL C 227 -21.61 6.56 1.72
N PHE C 228 -22.47 6.70 0.73
CA PHE C 228 -23.86 7.06 0.94
C PHE C 228 -24.70 6.34 -0.10
N GLY C 229 -25.90 5.96 0.29
CA GLY C 229 -26.78 5.29 -0.62
C GLY C 229 -26.42 3.82 -0.78
N ALA C 230 -26.90 3.24 -1.88
CA ALA C 230 -26.63 1.84 -2.15
C ALA C 230 -25.14 1.59 -2.24
N ILE C 231 -24.76 0.32 -2.16
CA ILE C 231 -23.37 -0.09 -2.23
C ILE C 231 -23.26 -1.07 -3.38
N ARG C 232 -22.66 -0.62 -4.48
CA ARG C 232 -22.47 -1.42 -5.67
C ARG C 232 -21.18 -0.95 -6.32
N PRO C 233 -20.36 -1.88 -6.83
CA PRO C 233 -19.11 -1.45 -7.47
C PRO C 233 -19.34 -0.48 -8.61
N GLU C 234 -20.44 -0.62 -9.34
CA GLU C 234 -20.68 0.27 -10.47
C GLU C 234 -20.74 1.73 -10.05
N ARG C 235 -21.19 2.01 -8.83
CA ARG C 235 -21.24 3.38 -8.34
C ARG C 235 -19.91 3.78 -7.70
N MET C 236 -19.37 2.92 -6.84
CA MET C 236 -18.17 3.26 -6.10
C MET C 236 -17.00 3.59 -7.02
N GLU C 237 -17.03 3.13 -8.27
CA GLU C 237 -15.93 3.46 -9.18
C GLU C 237 -15.98 4.92 -9.61
N LEU C 238 -17.13 5.58 -9.48
CA LEU C 238 -17.28 6.98 -9.84
C LEU C 238 -17.98 7.77 -8.75
N ILE C 239 -18.02 7.24 -7.53
CA ILE C 239 -18.68 7.92 -6.42
C ILE C 239 -18.28 9.39 -6.36
N HIS C 240 -17.05 9.70 -6.74
CA HIS C 240 -16.58 11.08 -6.72
C HIS C 240 -17.46 12.02 -7.53
N ALA C 241 -18.25 11.50 -8.45
CA ALA C 241 -19.11 12.31 -9.32
C ALA C 241 -20.58 12.02 -9.08
N LEU C 242 -20.92 11.62 -7.87
CA LEU C 242 -22.30 11.41 -7.46
C LEU C 242 -22.70 12.24 -6.26
N GLY C 243 -21.76 12.54 -5.37
CA GLY C 243 -22.06 13.32 -4.20
C GLY C 243 -20.88 13.48 -3.29
N GLY C 244 -20.86 14.58 -2.55
CA GLY C 244 -19.83 14.82 -1.56
C GLY C 244 -20.46 15.07 -0.21
N GLU C 245 -19.79 15.84 0.63
CA GLU C 245 -20.33 16.12 1.96
C GLU C 245 -21.50 17.10 1.90
N THR C 246 -21.63 17.86 0.81
CA THR C 246 -22.61 18.94 0.75
C THR C 246 -23.50 18.92 -0.48
N TRP C 247 -23.29 18.00 -1.42
CA TRP C 247 -24.04 18.01 -2.66
C TRP C 247 -24.26 16.59 -3.14
N ILE C 248 -25.26 16.43 -4.00
CA ILE C 248 -25.63 15.11 -4.52
C ILE C 248 -26.10 15.26 -5.96
N GLN C 249 -25.47 14.53 -6.87
CA GLN C 249 -25.84 14.51 -8.28
C GLN C 249 -26.60 13.23 -8.54
N GLU C 250 -27.93 13.32 -8.40
CA GLU C 250 -28.79 12.15 -8.59
C GLU C 250 -28.48 11.46 -9.90
N ALA C 251 -28.62 10.14 -9.92
CA ALA C 251 -28.38 9.35 -11.11
C ALA C 251 -28.87 7.93 -10.86
N ASN C 252 -29.43 7.32 -11.91
CA ASN C 252 -29.96 5.96 -11.84
C ASN C 252 -28.91 5.02 -12.39
N THR C 253 -28.39 4.15 -11.52
CA THR C 253 -27.33 3.21 -11.87
C THR C 253 -27.72 1.78 -11.55
N ALA C 254 -29.02 1.50 -11.52
CA ALA C 254 -29.49 0.17 -11.12
C ALA C 254 -29.06 -0.89 -12.13
N GLY C 255 -29.31 -0.65 -13.41
CA GLY C 255 -29.10 -1.66 -14.44
C GLY C 255 -27.74 -1.60 -15.11
N ILE C 256 -26.67 -1.72 -14.33
CA ILE C 256 -25.32 -1.81 -14.87
C ILE C 256 -24.58 -2.92 -14.14
N SER C 257 -24.05 -3.88 -14.90
CA SER C 257 -23.21 -4.95 -14.39
C SER C 257 -23.79 -5.54 -13.10
N ASN C 258 -25.01 -6.06 -13.22
CA ASN C 258 -25.68 -6.67 -12.08
C ASN C 258 -24.77 -7.70 -11.43
N VAL C 259 -24.31 -7.39 -10.22
CA VAL C 259 -23.49 -8.30 -9.43
C VAL C 259 -24.21 -8.81 -8.19
N ASP C 260 -25.37 -8.25 -7.85
CA ASP C 260 -26.08 -8.67 -6.64
C ASP C 260 -26.93 -9.91 -6.85
N GLN C 261 -27.33 -10.19 -8.09
CA GLN C 261 -28.21 -11.33 -8.32
C GLN C 261 -27.46 -12.65 -8.16
N ARG C 262 -26.16 -12.66 -8.46
CA ARG C 262 -25.41 -13.90 -8.35
C ARG C 262 -24.99 -14.13 -6.90
N LYS C 263 -24.64 -13.07 -6.19
CA LYS C 263 -24.40 -13.18 -4.76
C LYS C 263 -25.65 -13.66 -4.04
N ASN C 264 -26.81 -13.09 -4.41
CA ASN C 264 -28.07 -13.50 -3.82
C ASN C 264 -28.36 -14.97 -4.09
N ASP C 265 -28.13 -15.41 -5.33
CA ASP C 265 -28.37 -16.81 -5.66
C ASP C 265 -27.42 -17.72 -4.88
N ILE C 266 -26.16 -17.30 -4.73
CA ILE C 266 -25.21 -18.10 -3.97
C ILE C 266 -25.68 -18.24 -2.52
N ARG C 267 -26.14 -17.15 -1.92
CA ARG C 267 -26.63 -17.24 -0.55
C ARG C 267 -27.86 -18.13 -0.47
N ALA C 268 -28.74 -18.04 -1.46
CA ALA C 268 -29.93 -18.88 -1.45
C ALA C 268 -29.55 -20.35 -1.53
N VAL C 269 -28.57 -20.68 -2.38
CA VAL C 269 -28.13 -22.07 -2.51
C VAL C 269 -27.49 -22.56 -1.22
N CYS C 270 -26.67 -21.72 -0.59
CA CYS C 270 -26.07 -22.13 0.68
C CYS C 270 -27.15 -22.33 1.74
N ARG C 271 -28.17 -21.49 1.75
CA ARG C 271 -29.27 -21.67 2.68
C ARG C 271 -29.98 -22.99 2.42
N LYS C 272 -30.22 -23.32 1.15
CA LYS C 272 -30.92 -24.54 0.80
C LYS C 272 -30.13 -25.76 1.23
N VAL C 273 -28.83 -25.77 0.96
CA VAL C 273 -28.02 -26.94 1.30
C VAL C 273 -27.88 -27.06 2.81
N CYS C 274 -27.70 -25.93 3.51
CA CYS C 274 -27.58 -25.98 4.96
C CYS C 274 -28.87 -26.47 5.61
N LEU C 275 -30.00 -26.14 5.02
CA LEU C 275 -31.28 -26.59 5.58
C LEU C 275 -31.55 -28.05 5.24
N ALA C 276 -31.12 -28.50 4.07
CA ALA C 276 -31.18 -29.91 3.75
C ALA C 276 -30.36 -30.72 4.75
N ALA C 277 -29.11 -30.33 4.97
CA ALA C 277 -28.17 -31.16 5.72
C ALA C 277 -28.32 -31.02 7.22
N ASN C 278 -29.45 -30.52 7.71
CA ASN C 278 -29.74 -30.55 9.13
C ASN C 278 -30.54 -31.77 9.54
N ALA C 279 -31.03 -32.54 8.58
CA ALA C 279 -31.82 -33.73 8.88
C ALA C 279 -30.99 -34.78 9.58
N SER C 280 -29.75 -34.97 9.13
CA SER C 280 -28.89 -36.04 9.65
C SER C 280 -28.28 -35.56 10.95
N ILE C 281 -28.79 -36.05 12.07
CA ILE C 281 -28.28 -35.64 13.37
C ILE C 281 -26.84 -36.13 13.52
N MET C 282 -26.60 -37.40 13.19
CA MET C 282 -25.29 -37.99 13.40
C MET C 282 -24.26 -37.45 12.41
N ASN C 283 -24.66 -37.26 11.16
CA ASN C 283 -23.72 -36.95 10.08
C ASN C 283 -24.18 -35.75 9.27
N ALA C 284 -24.54 -34.67 9.95
CA ALA C 284 -24.91 -33.44 9.24
C ALA C 284 -23.72 -32.85 8.52
N LYS C 285 -22.55 -32.84 9.17
CA LYS C 285 -21.37 -32.18 8.59
C LYS C 285 -20.91 -32.85 7.31
N SER C 286 -20.78 -34.19 7.34
CA SER C 286 -20.31 -34.91 6.18
C SER C 286 -21.30 -34.78 5.02
N LYS C 287 -22.59 -34.89 5.32
CA LYS C 287 -23.59 -34.71 4.28
C LYS C 287 -23.51 -33.32 3.68
N LEU C 288 -23.26 -32.31 4.52
CA LEU C 288 -23.17 -30.95 4.01
C LEU C 288 -22.00 -30.82 3.05
N VAL C 289 -20.84 -31.37 3.43
CA VAL C 289 -19.66 -31.26 2.56
C VAL C 289 -19.91 -31.99 1.25
N GLU C 290 -20.48 -33.20 1.32
CA GLU C 290 -20.76 -33.93 0.09
C GLU C 290 -21.74 -33.17 -0.79
N TYR C 291 -22.74 -32.54 -0.16
CA TYR C 291 -23.73 -31.78 -0.91
C TYR C 291 -23.08 -30.59 -1.61
N ILE C 292 -22.18 -29.92 -0.92
CA ILE C 292 -21.50 -28.76 -1.50
C ILE C 292 -20.64 -29.19 -2.67
N LYS C 293 -19.86 -30.27 -2.51
CA LYS C 293 -18.92 -30.64 -3.56
C LYS C 293 -19.64 -31.07 -4.82
N SER C 294 -20.77 -31.75 -4.69
CA SER C 294 -21.50 -32.26 -5.85
C SER C 294 -22.53 -31.25 -6.33
N THR C 295 -22.10 -30.00 -6.45
CA THR C 295 -22.97 -28.93 -6.94
C THR C 295 -22.13 -27.86 -7.60
N SER C 296 -22.72 -27.22 -8.61
CA SER C 296 -22.06 -26.15 -9.35
C SER C 296 -23.12 -25.18 -9.85
N MET C 297 -22.67 -24.08 -10.43
CA MET C 297 -23.57 -23.06 -10.95
C MET C 297 -22.88 -22.30 -12.07
N ARG C 298 -23.69 -21.78 -12.99
CA ARG C 298 -23.16 -21.08 -14.14
C ARG C 298 -23.04 -19.59 -13.83
N ILE C 299 -21.90 -19.02 -14.21
CA ILE C 299 -21.61 -17.61 -14.06
C ILE C 299 -21.33 -17.09 -15.47
N GLY C 300 -22.24 -16.27 -15.98
CA GLY C 300 -22.08 -15.75 -17.32
C GLY C 300 -22.03 -16.86 -18.34
N GLU C 301 -20.83 -17.12 -18.85
CA GLU C 301 -20.58 -18.19 -19.81
C GLU C 301 -20.04 -19.45 -19.16
N THR C 302 -19.19 -19.30 -18.14
CA THR C 302 -18.49 -20.45 -17.56
C THR C 302 -19.36 -21.09 -16.49
N GLU C 303 -19.07 -22.35 -16.18
CA GLU C 303 -19.70 -23.04 -15.06
C GLU C 303 -18.65 -23.30 -13.99
N ARG C 304 -18.92 -22.84 -12.76
CA ARG C 304 -17.98 -22.92 -11.67
C ARG C 304 -18.49 -23.81 -10.54
N LYS C 305 -17.54 -24.41 -9.84
CA LYS C 305 -17.85 -25.25 -8.68
C LYS C 305 -18.17 -24.37 -7.48
N LEU C 306 -19.20 -24.76 -6.73
CA LEU C 306 -19.67 -23.94 -5.63
C LEU C 306 -18.59 -23.70 -4.58
N GLU C 307 -17.72 -24.69 -4.35
CA GLU C 307 -16.71 -24.56 -3.31
C GLU C 307 -15.77 -23.40 -3.60
N GLU C 308 -15.32 -23.29 -4.85
CA GLU C 308 -14.40 -22.21 -5.19
C GLU C 308 -15.09 -20.86 -5.09
N LEU C 309 -16.34 -20.79 -5.53
CA LEU C 309 -17.08 -19.54 -5.43
C LEU C 309 -17.19 -19.11 -3.98
N ILE C 310 -17.50 -20.05 -3.09
CA ILE C 310 -17.63 -19.72 -1.68
C ILE C 310 -16.30 -19.24 -1.12
N LEU C 311 -15.20 -19.88 -1.53
CA LEU C 311 -13.90 -19.45 -1.05
C LEU C 311 -13.59 -18.03 -1.52
N GLU C 312 -13.96 -17.70 -2.75
CA GLU C 312 -13.64 -16.38 -3.28
C GLU C 312 -14.51 -15.29 -2.66
N THR C 313 -15.78 -15.61 -2.37
CA THR C 313 -16.74 -14.59 -1.96
C THR C 313 -16.34 -13.96 -0.62
N ASP C 314 -16.93 -12.78 -0.36
CA ASP C 314 -16.72 -12.05 0.88
C ASP C 314 -18.04 -11.70 1.55
N ASP C 315 -19.10 -12.44 1.24
CA ASP C 315 -20.42 -12.23 1.87
C ASP C 315 -20.36 -12.67 3.32
N VAL C 316 -20.41 -11.71 4.23
CA VAL C 316 -20.39 -12.02 5.66
C VAL C 316 -21.80 -12.34 6.12
N SER C 317 -22.23 -13.57 5.86
CA SER C 317 -23.57 -14.05 6.15
C SER C 317 -23.47 -15.43 6.77
N PRO C 318 -24.38 -15.79 7.66
CA PRO C 318 -24.23 -17.07 8.36
C PRO C 318 -24.17 -18.26 7.43
N GLU C 319 -24.89 -18.21 6.30
CA GLU C 319 -24.83 -19.32 5.34
C GLU C 319 -23.41 -19.49 4.83
N VAL C 320 -22.83 -18.40 4.33
CA VAL C 320 -21.49 -18.48 3.77
C VAL C 320 -20.50 -18.77 4.87
N THR C 321 -20.73 -18.21 6.06
CA THR C 321 -19.78 -18.42 7.15
C THR C 321 -19.72 -19.89 7.49
N LEU C 322 -20.89 -20.54 7.59
CA LEU C 322 -20.93 -21.95 7.91
C LEU C 322 -20.26 -22.78 6.83
N CYS C 323 -20.55 -22.47 5.57
CA CYS C 323 -19.95 -23.25 4.49
C CYS C 323 -18.43 -23.08 4.46
N LYS C 324 -17.96 -21.85 4.65
CA LYS C 324 -16.53 -21.58 4.70
C LYS C 324 -15.88 -22.33 5.85
N SER C 325 -16.57 -22.41 6.99
CA SER C 325 -16.05 -23.19 8.11
C SER C 325 -15.96 -24.67 7.74
N ALA C 326 -17.02 -25.19 7.12
CA ALA C 326 -17.06 -26.62 6.82
C ALA C 326 -15.94 -27.00 5.88
N LEU C 327 -15.73 -26.21 4.83
CA LEU C 327 -14.63 -26.48 3.92
C LEU C 327 -13.28 -26.20 4.55
N GLY C 328 -13.25 -25.34 5.57
CA GLY C 328 -12.02 -24.95 6.23
C GLY C 328 -11.52 -23.57 5.88
N GLY C 329 -12.26 -22.84 5.06
CA GLY C 329 -11.86 -21.49 4.70
C GLY C 329 -11.87 -20.56 5.90
N GLN C 330 -10.84 -19.72 6.00
CA GLN C 330 -10.81 -18.70 7.02
C GLN C 330 -11.70 -17.53 6.61
N LEU C 331 -12.24 -16.83 7.61
CA LEU C 331 -13.25 -15.82 7.38
C LEU C 331 -13.08 -14.67 8.36
N GLY C 332 -13.84 -13.61 8.12
CA GLY C 332 -13.69 -12.40 8.88
C GLY C 332 -14.14 -12.52 10.32
N LYS C 333 -13.69 -11.57 11.13
CA LYS C 333 -14.05 -11.50 12.55
C LYS C 333 -15.38 -10.77 12.66
N THR C 334 -16.44 -11.47 12.26
CA THR C 334 -17.77 -10.90 12.17
C THR C 334 -18.79 -11.85 12.76
N LEU C 335 -19.47 -11.42 13.82
CA LEU C 335 -20.50 -12.19 14.48
C LEU C 335 -21.85 -11.95 13.83
N SER C 336 -22.84 -12.70 14.28
CA SER C 336 -24.20 -12.55 13.76
C SER C 336 -25.21 -12.96 14.83
N PHE C 337 -26.41 -12.42 14.71
CA PHE C 337 -27.53 -12.76 15.59
C PHE C 337 -28.83 -12.51 14.82
N GLY C 338 -29.30 -13.53 14.13
CA GLY C 338 -30.46 -13.40 13.29
C GLY C 338 -30.16 -12.67 12.01
N PRO C 339 -31.08 -11.83 11.56
CA PRO C 339 -30.79 -10.98 10.41
C PRO C 339 -30.13 -9.67 10.84
N MET C 340 -29.18 -9.77 11.76
CA MET C 340 -28.49 -8.64 12.33
C MET C 340 -26.99 -8.86 12.19
N LEU C 341 -26.23 -7.76 12.27
CA LEU C 341 -24.77 -7.84 12.20
C LEU C 341 -24.15 -7.22 13.43
N LEU C 342 -22.98 -7.75 13.81
CA LEU C 342 -22.27 -7.33 15.00
C LEU C 342 -20.77 -7.30 14.74
N LYS C 343 -20.07 -6.51 15.55
CA LYS C 343 -18.61 -6.46 15.47
C LYS C 343 -18.04 -6.02 16.81
N LYS C 344 -17.31 -6.91 17.47
CA LYS C 344 -16.76 -6.65 18.80
C LYS C 344 -15.61 -5.66 18.71
N ILE C 345 -15.82 -4.44 19.22
CA ILE C 345 -14.75 -3.45 19.23
C ILE C 345 -13.73 -3.76 20.33
N SER C 346 -14.20 -4.15 21.51
CA SER C 346 -13.33 -4.32 22.66
C SER C 346 -14.00 -5.22 23.68
N GLY C 347 -13.28 -5.51 24.76
CA GLY C 347 -13.82 -6.25 25.89
C GLY C 347 -13.43 -7.71 25.89
N SER C 348 -14.05 -8.44 26.82
CA SER C 348 -13.76 -9.84 27.07
C SER C 348 -14.91 -10.43 27.86
N GLY C 349 -14.72 -11.63 28.41
CA GLY C 349 -15.75 -12.24 29.22
C GLY C 349 -15.58 -13.74 29.32
N VAL C 350 -16.56 -14.37 29.97
CA VAL C 350 -16.53 -15.79 30.26
C VAL C 350 -17.94 -16.24 30.62
N LYS C 351 -18.29 -17.44 30.15
CA LYS C 351 -19.66 -17.96 30.29
C LYS C 351 -20.07 -18.10 31.75
N VAL C 352 -21.33 -17.78 32.04
CA VAL C 352 -21.88 -17.91 33.39
C VAL C 352 -23.36 -18.29 33.33
N LYS C 353 -23.68 -19.49 33.81
CA LYS C 353 -25.03 -20.02 33.72
C LYS C 353 -25.98 -19.35 34.71
N ASP C 354 -27.25 -19.22 34.30
CA ASP C 354 -28.32 -18.74 35.15
C ASP C 354 -29.63 -19.39 34.73
N THR C 355 -30.49 -19.65 35.71
CA THR C 355 -31.77 -20.28 35.48
C THR C 355 -32.82 -19.25 35.09
N VAL C 356 -33.83 -19.71 34.33
CA VAL C 356 -35.00 -18.91 34.00
C VAL C 356 -36.22 -19.81 34.06
N TYR C 357 -37.22 -19.40 34.83
CA TYR C 357 -38.46 -20.14 35.01
C TYR C 357 -39.45 -19.77 33.90
N ILE C 358 -39.86 -20.76 33.12
CA ILE C 358 -40.70 -20.49 31.95
C ILE C 358 -42.13 -20.21 32.37
N GLN C 359 -42.67 -21.04 33.25
CA GLN C 359 -44.05 -20.91 33.73
C GLN C 359 -44.05 -21.47 35.14
N GLY C 360 -44.48 -20.66 36.10
CA GLY C 360 -44.35 -21.08 37.48
C GLY C 360 -42.91 -21.48 37.72
N VAL C 361 -42.67 -22.76 38.00
CA VAL C 361 -41.33 -23.26 38.30
C VAL C 361 -40.97 -24.24 37.20
N ARG C 362 -40.13 -23.79 36.27
CA ARG C 362 -39.58 -24.64 35.22
C ARG C 362 -38.20 -24.09 34.89
N ALA C 363 -37.18 -24.65 35.56
CA ALA C 363 -35.82 -24.14 35.42
C ALA C 363 -35.30 -24.43 34.02
N VAL C 364 -34.70 -23.42 33.40
CA VAL C 364 -34.09 -23.55 32.08
C VAL C 364 -32.78 -22.78 32.11
N GLN C 365 -31.67 -23.47 31.87
CA GLN C 365 -30.35 -22.86 32.00
C GLN C 365 -29.99 -22.07 30.74
N PHE C 366 -29.37 -20.92 30.94
CA PHE C 366 -28.86 -20.10 29.85
C PHE C 366 -27.57 -19.45 30.29
N GLU C 367 -26.62 -19.35 29.38
CA GLU C 367 -25.28 -18.84 29.69
C GLU C 367 -25.17 -17.39 29.25
N TYR C 368 -24.50 -16.58 30.09
CA TYR C 368 -24.35 -15.16 29.84
C TYR C 368 -22.93 -14.76 30.19
N TRP C 369 -22.33 -13.94 29.32
CA TRP C 369 -20.97 -13.49 29.50
C TRP C 369 -20.88 -12.53 30.69
N SER C 370 -19.66 -12.37 31.22
CA SER C 370 -19.44 -11.54 32.43
C SER C 370 -18.21 -10.64 32.24
N GLU C 371 -18.39 -9.52 31.53
CA GLU C 371 -17.34 -8.51 31.44
C GLU C 371 -17.88 -7.34 30.63
N GLN C 372 -17.16 -6.23 30.70
CA GLN C 372 -17.47 -5.08 29.87
C GLN C 372 -17.18 -5.41 28.41
N GLU C 373 -18.09 -5.01 27.51
CA GLU C 373 -17.96 -5.42 26.11
C GLU C 373 -18.69 -4.45 25.19
N GLU C 374 -17.93 -3.74 24.35
CA GLU C 374 -18.48 -2.83 23.36
C GLU C 374 -18.76 -3.59 22.07
N PHE C 375 -19.80 -3.16 21.35
CA PHE C 375 -20.27 -3.89 20.18
C PHE C 375 -20.88 -2.94 19.18
N TYR C 376 -20.34 -2.91 17.97
CA TYR C 376 -21.01 -2.26 16.86
C TYR C 376 -22.10 -3.19 16.34
N GLY C 377 -23.20 -2.60 15.89
CA GLY C 377 -24.29 -3.37 15.33
C GLY C 377 -24.83 -2.72 14.08
N GLU C 378 -25.50 -3.53 13.28
CA GLU C 378 -25.95 -3.10 11.96
C GLU C 378 -27.17 -3.92 11.54
N TYR C 379 -28.32 -3.28 11.60
CA TYR C 379 -29.55 -3.78 11.00
C TYR C 379 -29.88 -2.91 9.80
N LYS C 380 -30.85 -3.37 9.01
CA LYS C 380 -31.20 -2.65 7.79
C LYS C 380 -31.38 -1.16 8.05
N SER C 381 -30.64 -0.35 7.31
CA SER C 381 -30.73 1.12 7.38
C SER C 381 -30.63 1.64 8.81
N ALA C 382 -29.99 0.88 9.69
CA ALA C 382 -29.71 1.35 11.04
C ALA C 382 -28.40 0.76 11.53
N THR C 383 -27.79 1.46 12.48
CA THR C 383 -26.52 1.06 13.06
C THR C 383 -26.53 1.46 14.52
N ALA C 384 -25.62 0.86 15.28
CA ALA C 384 -25.53 1.16 16.71
C ALA C 384 -24.12 0.93 17.21
N LEU C 385 -23.87 1.43 18.41
CA LEU C 385 -22.63 1.18 19.15
C LEU C 385 -23.01 1.01 20.61
N PHE C 386 -23.43 -0.21 20.96
CA PHE C 386 -23.89 -0.50 22.31
C PHE C 386 -22.77 -1.09 23.15
N SER C 387 -23.05 -1.26 24.44
CA SER C 387 -22.12 -1.92 25.33
C SER C 387 -22.88 -2.70 26.39
N ARG C 388 -22.30 -3.83 26.80
CA ARG C 388 -22.86 -4.65 27.85
C ARG C 388 -21.88 -4.79 29.01
N LYS C 389 -22.41 -5.22 30.15
CA LYS C 389 -21.62 -5.39 31.36
C LYS C 389 -22.40 -6.33 32.28
N GLU C 390 -21.86 -7.52 32.51
CA GLU C 390 -22.38 -8.47 33.49
C GLU C 390 -23.90 -8.60 33.40
N ARG C 391 -24.36 -9.06 32.24
CA ARG C 391 -25.78 -9.31 32.03
C ARG C 391 -26.62 -8.04 32.15
N SER C 392 -26.10 -6.95 31.59
CA SER C 392 -26.87 -5.71 31.55
C SER C 392 -26.45 -4.90 30.34
N LEU C 393 -27.43 -4.30 29.66
CA LEU C 393 -27.17 -3.40 28.55
C LEU C 393 -26.83 -2.04 29.14
N GLU C 394 -25.55 -1.67 29.09
CA GLU C 394 -25.11 -0.45 29.75
C GLU C 394 -25.60 0.79 29.01
N TRP C 395 -25.41 0.83 27.70
CA TRP C 395 -25.87 1.95 26.90
C TRP C 395 -25.90 1.52 25.44
N ILE C 396 -26.59 2.31 24.65
CA ILE C 396 -26.69 2.10 23.21
C ILE C 396 -26.86 3.45 22.52
N THR C 397 -25.98 3.72 21.55
CA THR C 397 -26.05 4.94 20.75
C THR C 397 -26.38 4.54 19.31
N ILE C 398 -27.50 5.04 18.83
CA ILE C 398 -28.02 4.72 17.50
C ILE C 398 -27.84 5.93 16.59
N GLY C 399 -27.59 5.64 15.31
CA GLY C 399 -27.42 6.67 14.31
C GLY C 399 -28.14 6.36 13.02
N GLY C 400 -29.23 5.61 13.15
CA GLY C 400 -29.99 5.14 12.00
C GLY C 400 -30.86 6.24 11.44
N GLY C 401 -31.85 5.83 10.66
CA GLY C 401 -32.73 6.79 10.02
C GLY C 401 -34.15 6.31 9.83
N ILE C 402 -34.49 5.14 10.38
CA ILE C 402 -35.83 4.58 10.28
C ILE C 402 -36.32 4.19 11.67
N ASN C 403 -37.59 4.50 11.94
CA ASN C 403 -38.14 4.20 13.26
C ASN C 403 -38.19 2.70 13.51
N GLU C 404 -38.62 1.93 12.52
CA GLU C 404 -38.84 0.50 12.75
C GLU C 404 -37.50 -0.21 12.84
N ASP C 405 -36.56 0.15 11.97
CA ASP C 405 -35.27 -0.53 12.01
C ASP C 405 -34.59 -0.21 13.34
N ARG C 406 -34.75 1.03 13.80
CA ARG C 406 -34.21 1.43 15.10
C ARG C 406 -34.78 0.55 16.21
N LYS C 407 -36.10 0.36 16.22
CA LYS C 407 -36.70 -0.45 17.28
C LYS C 407 -36.23 -1.90 17.21
N ARG C 408 -36.20 -2.46 16.01
CA ARG C 408 -35.78 -3.85 15.86
C ARG C 408 -34.33 -4.04 16.30
N LEU C 409 -33.47 -3.10 15.91
CA LEU C 409 -32.08 -3.16 16.31
C LEU C 409 -31.95 -3.12 17.83
N LEU C 410 -32.66 -2.19 18.46
CA LEU C 410 -32.58 -2.08 19.91
C LEU C 410 -33.05 -3.36 20.57
N ALA C 411 -34.13 -3.96 20.06
CA ALA C 411 -34.66 -5.16 20.68
C ALA C 411 -33.69 -6.33 20.54
N MET C 412 -33.17 -6.54 19.33
CA MET C 412 -32.23 -7.64 19.14
C MET C 412 -30.95 -7.41 19.92
N CYS C 413 -30.56 -6.16 20.15
CA CYS C 413 -29.39 -5.89 20.97
C CYS C 413 -29.67 -6.26 22.42
N MET C 414 -30.81 -5.82 22.94
CA MET C 414 -31.21 -6.20 24.30
C MET C 414 -31.20 -7.71 24.47
N ILE C 415 -31.73 -8.44 23.48
CA ILE C 415 -31.72 -9.89 23.53
C ILE C 415 -30.29 -10.42 23.53
N PHE C 416 -29.41 -9.82 22.72
CA PHE C 416 -28.04 -10.30 22.64
C PHE C 416 -27.40 -10.36 24.02
N CYS C 417 -27.74 -9.40 24.86
CA CYS C 417 -27.12 -9.24 26.17
C CYS C 417 -27.97 -9.83 27.29
N ARG C 418 -29.10 -10.44 26.95
CA ARG C 418 -29.98 -11.08 27.92
C ARG C 418 -30.27 -10.15 29.10
N ASP C 419 -30.51 -8.88 28.78
CA ASP C 419 -30.97 -7.92 29.77
C ASP C 419 -32.48 -8.01 29.90
N GLY C 420 -32.99 -7.43 30.96
CA GLY C 420 -34.42 -7.34 31.18
C GLY C 420 -34.93 -8.42 32.13
N ASP C 421 -36.10 -8.14 32.71
CA ASP C 421 -36.69 -9.07 33.66
C ASP C 421 -37.11 -10.38 33.02
N TYR C 422 -37.56 -10.34 31.76
CA TYR C 422 -38.09 -11.55 31.14
C TYR C 422 -37.09 -12.69 31.21
N PHE C 423 -35.81 -12.39 31.05
CA PHE C 423 -34.79 -13.43 31.16
C PHE C 423 -34.76 -14.01 32.57
N LYS C 424 -35.01 -13.18 33.58
CA LYS C 424 -35.12 -13.68 34.94
C LYS C 424 -36.41 -14.48 35.11
N ASP C 425 -37.54 -13.91 34.69
CA ASP C 425 -38.86 -14.54 34.83
C ASP C 425 -39.57 -14.49 33.48
N ALA C 426 -39.46 -15.58 32.73
CA ALA C 426 -39.97 -15.65 31.36
C ALA C 426 -41.40 -15.15 31.25
N PRO C 427 -41.80 -14.65 30.09
CA PRO C 427 -43.19 -14.25 29.89
C PRO C 427 -44.13 -15.45 29.96
N ALA C 428 -45.35 -15.19 30.40
CA ALA C 428 -46.33 -16.25 30.56
C ALA C 428 -46.62 -16.95 29.23
N THR C 429 -46.64 -16.18 28.14
CA THR C 429 -47.07 -16.73 26.85
C THR C 429 -46.18 -17.88 26.40
N ILE C 430 -44.86 -17.71 26.50
CA ILE C 430 -43.95 -18.71 25.95
C ILE C 430 -44.12 -20.02 26.70
N THR C 431 -44.14 -21.12 25.94
CA THR C 431 -44.39 -22.44 26.49
C THR C 431 -43.19 -23.36 26.29
N MET C 432 -43.26 -24.51 26.96
CA MET C 432 -42.19 -25.51 26.89
C MET C 432 -42.15 -26.24 25.56
N ALA C 433 -43.28 -26.28 24.83
CA ALA C 433 -43.28 -26.94 23.53
C ALA C 433 -42.35 -26.25 22.55
N ASP C 434 -42.35 -24.92 22.54
CA ASP C 434 -41.52 -24.16 21.61
C ASP C 434 -40.13 -23.88 22.16
N LEU C 435 -39.93 -24.02 23.47
CA LEU C 435 -38.63 -23.72 24.06
C LEU C 435 -37.50 -24.46 23.38
N SER C 436 -37.69 -25.75 23.07
CA SER C 436 -36.56 -26.54 22.64
C SER C 436 -37.05 -27.78 21.90
N THR C 437 -36.09 -28.47 21.28
CA THR C 437 -36.32 -29.78 20.66
C THR C 437 -37.41 -29.72 19.61
N LYS C 438 -37.29 -28.77 18.70
CA LYS C 438 -38.15 -28.77 17.53
C LYS C 438 -37.93 -30.03 16.70
N LEU C 439 -36.66 -30.41 16.54
CA LEU C 439 -36.28 -31.64 15.85
C LEU C 439 -35.32 -32.44 16.71
N GLY C 440 -35.54 -32.44 18.01
CA GLY C 440 -34.67 -33.13 18.93
C GLY C 440 -33.42 -32.39 19.33
N ARG C 441 -33.35 -31.08 19.06
CA ARG C 441 -32.20 -30.27 19.43
C ARG C 441 -32.68 -29.09 20.26
N GLU C 442 -32.01 -28.86 21.39
CA GLU C 442 -32.40 -27.79 22.28
C GLU C 442 -32.16 -26.44 21.63
N ILE C 443 -33.09 -25.51 21.86
CA ILE C 443 -33.04 -24.15 21.34
C ILE C 443 -32.88 -23.21 22.53
N PRO C 444 -31.73 -22.56 22.70
CA PRO C 444 -31.53 -21.70 23.87
C PRO C 444 -32.61 -20.63 23.98
N TYR C 445 -32.63 -20.00 25.15
CA TYR C 445 -33.67 -19.04 25.47
C TYR C 445 -33.65 -17.84 24.53
N GLN C 446 -32.45 -17.36 24.20
CA GLN C 446 -32.34 -16.13 23.42
C GLN C 446 -33.00 -16.25 22.05
N TYR C 447 -32.81 -17.38 21.38
CA TYR C 447 -33.42 -17.54 20.07
C TYR C 447 -34.93 -17.72 20.19
N VAL C 448 -35.38 -18.26 21.33
CA VAL C 448 -36.81 -18.33 21.60
C VAL C 448 -37.39 -16.94 21.72
N MET C 449 -36.69 -16.06 22.42
CA MET C 449 -37.19 -14.69 22.58
C MET C 449 -37.17 -13.97 21.24
N MET C 450 -36.17 -14.27 20.41
CA MET C 450 -36.10 -13.67 19.08
C MET C 450 -37.31 -14.06 18.25
N ASN C 451 -37.65 -15.35 18.27
CA ASN C 451 -38.84 -15.80 17.57
C ASN C 451 -40.09 -15.16 18.16
N TRP C 452 -40.11 -15.00 19.48
CA TRP C 452 -41.25 -14.37 20.13
C TRP C 452 -41.47 -12.95 19.60
N ILE C 453 -40.40 -12.16 19.55
CA ILE C 453 -40.53 -10.78 19.11
C ILE C 453 -40.92 -10.72 17.64
N GLN C 454 -40.34 -11.59 16.81
CA GLN C 454 -40.72 -11.60 15.41
C GLN C 454 -42.18 -11.99 15.23
N LYS C 455 -42.68 -12.86 16.11
CA LYS C 455 -44.02 -13.40 15.94
C LYS C 455 -45.07 -12.30 15.93
N SER C 456 -44.95 -11.31 16.81
CA SER C 456 -45.97 -10.27 16.95
C SER C 456 -45.32 -9.00 17.46
N GLU C 457 -45.84 -7.86 16.99
CA GLU C 457 -45.33 -6.58 17.44
C GLU C 457 -45.58 -6.35 18.92
N ASP C 458 -46.73 -6.83 19.42
CA ASP C 458 -47.08 -6.59 20.82
C ASP C 458 -46.03 -7.13 21.78
N ASN C 459 -45.48 -8.31 21.49
CA ASN C 459 -44.40 -8.83 22.32
C ASN C 459 -43.20 -7.88 22.29
N LEU C 460 -42.91 -7.32 21.12
CA LEU C 460 -41.83 -6.35 21.02
C LEU C 460 -42.10 -5.14 21.90
N GLU C 461 -43.34 -4.66 21.88
CA GLU C 461 -43.70 -3.51 22.71
C GLU C 461 -43.54 -3.85 24.19
N ALA C 462 -43.93 -5.06 24.58
CA ALA C 462 -43.74 -5.48 25.97
C ALA C 462 -42.27 -5.50 26.34
N LEU C 463 -41.44 -6.01 25.44
CA LEU C 463 -40.01 -6.08 25.70
C LEU C 463 -39.43 -4.69 25.89
N LEU C 464 -39.77 -3.76 24.99
CA LEU C 464 -39.28 -2.40 25.12
C LEU C 464 -39.77 -1.77 26.41
N TYR C 465 -41.02 -2.05 26.80
CA TYR C 465 -41.53 -1.56 28.06
C TYR C 465 -40.72 -2.11 29.23
N SER C 466 -40.20 -3.33 29.08
CA SER C 466 -39.40 -3.94 30.14
C SER C 466 -38.22 -3.05 30.53
N ARG C 467 -37.52 -2.50 29.54
CA ARG C 467 -36.50 -1.50 29.82
C ARG C 467 -37.14 -0.26 30.43
N GLY C 468 -36.53 0.24 31.50
CA GLY C 468 -37.15 1.32 32.25
C GLY C 468 -37.40 2.53 31.37
N ILE C 469 -38.49 3.23 31.66
CA ILE C 469 -38.85 4.46 30.98
C ILE C 469 -38.74 5.61 31.97
N VAL C 470 -38.17 6.72 31.53
CA VAL C 470 -38.03 7.91 32.36
C VAL C 470 -38.63 9.10 31.60
N GLU C 471 -38.60 10.26 32.25
CA GLU C 471 -39.10 11.49 31.65
C GLU C 471 -37.97 12.16 30.88
N THR C 472 -38.28 12.61 29.67
CA THR C 472 -37.27 13.25 28.83
C THR C 472 -36.84 14.55 29.47
N ASN C 473 -35.63 14.57 30.03
CA ASN C 473 -35.12 15.78 30.65
C ASN C 473 -34.95 16.87 29.60
N PRO C 474 -34.79 18.13 30.03
CA PRO C 474 -34.62 19.21 29.06
C PRO C 474 -33.28 19.11 28.37
N GLY C 475 -33.25 19.53 27.12
CA GLY C 475 -32.01 19.44 26.34
C GLY C 475 -31.80 18.08 25.72
N LYS C 476 -31.95 17.02 26.51
CA LYS C 476 -31.82 15.66 26.01
C LYS C 476 -33.00 15.25 25.14
N MET C 477 -33.98 16.13 24.95
CA MET C 477 -35.13 15.81 24.11
C MET C 477 -34.69 15.30 22.75
N GLY C 478 -33.69 15.94 22.15
CA GLY C 478 -33.23 15.51 20.84
C GLY C 478 -32.56 14.16 20.88
N SER C 479 -31.79 13.90 21.93
CA SER C 479 -31.11 12.62 22.10
C SER C 479 -31.95 11.72 23.00
N SER C 480 -33.09 11.30 22.44
CA SER C 480 -34.03 10.45 23.16
C SER C 480 -34.86 9.67 22.15
N MET C 481 -35.36 8.52 22.59
CA MET C 481 -36.16 7.64 21.74
C MET C 481 -37.35 7.12 22.55
N GLY C 482 -38.55 7.34 22.03
CA GLY C 482 -39.75 6.81 22.63
C GLY C 482 -39.93 5.34 22.32
N ILE C 483 -41.18 4.89 22.45
CA ILE C 483 -41.48 3.49 22.15
C ILE C 483 -41.68 3.29 20.65
N ASP C 484 -42.19 4.32 19.96
CA ASP C 484 -42.36 4.28 18.51
C ASP C 484 -41.16 4.88 17.77
N GLY C 485 -40.00 4.87 18.40
CA GLY C 485 -38.79 5.41 17.77
C GLY C 485 -38.89 6.87 17.40
N SER C 486 -39.56 7.65 18.24
CA SER C 486 -39.65 9.09 18.00
C SER C 486 -38.30 9.75 18.25
N LYS C 487 -38.03 10.81 17.49
CA LYS C 487 -36.81 11.56 17.72
C LYS C 487 -36.82 12.23 19.08
N ARG C 488 -37.98 12.71 19.52
CA ARG C 488 -38.12 13.33 20.82
C ARG C 488 -39.52 13.06 21.36
N ALA C 489 -39.64 13.08 22.68
CA ALA C 489 -40.93 12.88 23.33
C ALA C 489 -40.82 13.43 24.75
N ILE C 490 -41.91 13.29 25.50
CA ILE C 490 -41.91 13.70 26.90
C ILE C 490 -41.37 12.59 27.81
N LYS C 491 -41.54 11.34 27.41
CA LYS C 491 -41.02 10.20 28.15
C LYS C 491 -40.32 9.27 27.18
N SER C 492 -39.19 8.72 27.61
CA SER C 492 -38.35 7.97 26.70
C SER C 492 -37.63 6.84 27.43
N LEU C 493 -37.14 5.90 26.64
CA LEU C 493 -36.48 4.72 27.15
C LEU C 493 -35.22 5.09 27.92
N ARG C 494 -34.97 4.35 28.99
CA ARG C 494 -33.83 4.63 29.85
C ARG C 494 -32.53 4.35 29.11
N ALA C 495 -31.58 5.28 29.21
CA ALA C 495 -30.24 5.12 28.66
C ALA C 495 -30.30 4.67 27.21
N VAL C 496 -31.05 5.39 26.39
CA VAL C 496 -31.12 5.16 24.96
C VAL C 496 -30.77 6.48 24.28
N THR C 497 -29.50 6.70 24.05
CA THR C 497 -29.06 7.90 23.35
C THR C 497 -29.43 7.78 21.87
N ILE C 498 -29.63 8.92 21.23
CA ILE C 498 -29.91 8.97 19.80
C ILE C 498 -29.11 10.11 19.19
N GLN C 499 -28.59 9.87 17.98
CA GLN C 499 -27.83 10.87 17.27
C GLN C 499 -28.18 10.75 15.79
N SER C 500 -27.62 11.65 14.99
CA SER C 500 -27.83 11.67 13.55
C SER C 500 -26.51 11.36 12.85
N GLY C 501 -26.56 10.49 11.86
CA GLY C 501 -25.36 10.06 11.17
C GLY C 501 -24.97 8.63 11.51
N LYS C 502 -24.79 7.82 10.47
CA LYS C 502 -24.52 6.41 10.65
C LYS C 502 -23.20 6.21 11.37
N ILE C 503 -23.17 5.24 12.28
CA ILE C 503 -21.94 4.93 13.01
C ILE C 503 -20.93 4.30 12.07
N ASP C 504 -19.73 4.86 12.05
CA ASP C 504 -18.71 4.37 11.13
C ASP C 504 -18.35 2.93 11.46
N MET C 505 -18.32 2.09 10.44
CA MET C 505 -18.04 0.67 10.64
C MET C 505 -16.57 0.49 10.96
N PRO C 506 -16.22 -0.29 11.99
CA PRO C 506 -14.80 -0.50 12.29
C PRO C 506 -14.11 -1.31 11.20
N GLU C 507 -12.83 -1.58 11.37
CA GLU C 507 -12.09 -2.32 10.37
C GLU C 507 -10.95 -3.07 11.04
N SER C 508 -10.66 -4.27 10.52
CA SER C 508 -9.56 -5.08 11.04
C SER C 508 -9.25 -6.15 10.00
N LYS C 509 -7.99 -6.25 9.62
CA LYS C 509 -7.56 -7.21 8.60
C LYS C 509 -7.06 -8.49 9.26
N GLU C 510 -7.98 -9.14 9.97
CA GLU C 510 -7.68 -10.33 10.74
C GLU C 510 -8.41 -11.53 10.16
N LYS C 511 -7.80 -12.71 10.33
CA LYS C 511 -8.36 -13.96 9.85
C LYS C 511 -8.31 -14.99 10.97
N ILE C 512 -9.49 -15.45 11.39
CA ILE C 512 -9.63 -16.38 12.50
C ILE C 512 -10.10 -17.73 11.97
N HIS C 513 -9.39 -18.79 12.35
CA HIS C 513 -9.87 -20.14 12.08
C HIS C 513 -11.01 -20.47 13.03
N LEU C 514 -12.06 -21.09 12.50
CA LEU C 514 -13.19 -21.49 13.33
C LEU C 514 -13.80 -22.79 12.83
N GLU C 515 -14.07 -23.69 13.77
CA GLU C 515 -14.65 -24.99 13.46
C GLU C 515 -16.17 -24.91 13.57
N LEU C 516 -16.83 -26.06 13.52
CA LEU C 516 -18.27 -26.13 13.78
C LEU C 516 -18.59 -27.46 14.44
N SER C 517 -19.61 -27.44 15.30
CA SER C 517 -20.00 -28.62 16.05
C SER C 517 -20.90 -29.50 15.20
N ASP C 518 -21.27 -30.66 15.77
CA ASP C 518 -22.22 -31.55 15.12
C ASP C 518 -23.56 -30.88 14.89
N ASN C 519 -23.91 -29.91 15.73
CA ASN C 519 -25.16 -29.18 15.60
C ASN C 519 -25.02 -27.91 14.79
N LEU C 520 -23.95 -27.79 14.00
CA LEU C 520 -23.70 -26.61 13.19
C LEU C 520 -23.56 -25.37 14.08
N GLU C 521 -22.72 -25.51 15.11
CA GLU C 521 -22.38 -24.42 16.01
C GLU C 521 -20.93 -24.03 15.75
N ALA C 522 -20.72 -22.87 15.15
CA ALA C 522 -19.40 -22.43 14.71
C ALA C 522 -18.66 -21.78 15.86
N PHE C 523 -17.77 -22.54 16.51
CA PHE C 523 -16.87 -21.97 17.49
C PHE C 523 -15.63 -21.38 16.82
N ASP C 524 -15.05 -20.40 17.49
CA ASP C 524 -13.96 -19.57 16.96
C ASP C 524 -12.85 -19.45 17.99
N SER C 525 -12.33 -20.60 18.44
CA SER C 525 -11.24 -20.67 19.38
C SER C 525 -11.66 -20.19 20.76
N SER C 526 -12.96 -20.12 21.01
CA SER C 526 -13.51 -19.69 22.29
C SER C 526 -15.01 -19.94 22.24
N GLY C 527 -15.65 -19.78 23.38
CA GLY C 527 -17.03 -20.21 23.52
C GLY C 527 -17.94 -19.62 22.46
N ARG C 528 -17.66 -18.39 22.02
CA ARG C 528 -18.57 -17.62 21.19
C ARG C 528 -19.17 -18.47 20.08
N ILE C 529 -20.46 -18.27 19.86
CA ILE C 529 -21.18 -18.87 18.75
C ILE C 529 -21.29 -17.82 17.65
N VAL C 530 -20.43 -17.94 16.64
CA VAL C 530 -20.44 -16.97 15.55
C VAL C 530 -21.72 -17.07 14.73
N ALA C 531 -22.19 -18.29 14.45
CA ALA C 531 -23.36 -18.45 13.61
C ALA C 531 -23.99 -19.81 13.88
N THR C 532 -25.24 -19.95 13.45
CA THR C 532 -26.01 -21.17 13.63
C THR C 532 -27.05 -21.29 12.54
N ILE C 533 -27.70 -22.45 12.50
CA ILE C 533 -28.80 -22.67 11.55
C ILE C 533 -30.11 -22.12 12.06
N LEU C 534 -30.15 -21.63 13.29
CA LEU C 534 -31.36 -21.09 13.89
C LEU C 534 -31.39 -19.57 13.81
N ASP C 535 -30.77 -19.01 12.77
CA ASP C 535 -30.73 -17.58 12.52
C ASP C 535 -30.87 -17.33 11.03
N LEU C 536 -31.65 -18.17 10.35
CA LEU C 536 -31.93 -18.17 8.93
C LEU C 536 -33.44 -18.15 8.71
N PRO C 537 -33.90 -17.57 7.60
CA PRO C 537 -35.32 -17.66 7.28
C PRO C 537 -35.81 -19.10 7.41
N SER C 538 -37.05 -19.24 7.85
CA SER C 538 -37.58 -20.58 8.14
C SER C 538 -37.44 -21.49 6.93
N ASP C 539 -38.00 -21.09 5.80
CA ASP C 539 -37.97 -21.90 4.59
C ASP C 539 -38.60 -21.09 3.48
N LYS C 540 -38.32 -21.47 2.24
CA LYS C 540 -38.89 -20.82 1.07
C LYS C 540 -38.58 -21.68 -0.15
N LYS C 541 -39.43 -21.57 -1.16
CA LYS C 541 -39.28 -22.32 -2.39
C LYS C 541 -38.71 -21.42 -3.47
N VAL C 542 -37.75 -21.93 -4.23
CA VAL C 542 -37.11 -21.16 -5.28
C VAL C 542 -36.77 -22.08 -6.44
N THR C 543 -36.80 -21.52 -7.64
CA THR C 543 -36.46 -22.22 -8.87
C THR C 543 -35.11 -21.68 -9.34
N PHE C 544 -34.06 -22.43 -9.07
CA PHE C 544 -32.71 -22.00 -9.40
C PHE C 544 -32.43 -22.23 -10.88
N GLN C 545 -31.81 -21.23 -11.51
CA GLN C 545 -31.49 -21.30 -12.93
C GLN C 545 -30.00 -21.56 -13.10
N ASP C 546 -29.67 -22.38 -14.10
CA ASP C 546 -28.28 -22.66 -14.46
C ASP C 546 -27.49 -23.12 -13.24
N VAL C 547 -27.99 -24.19 -12.61
CA VAL C 547 -27.36 -24.79 -11.45
C VAL C 547 -27.39 -26.31 -11.64
N SER C 548 -26.53 -27.00 -10.91
CA SER C 548 -26.35 -28.45 -11.08
C SER C 548 -26.28 -29.12 -9.71
N PHE C 549 -27.38 -29.75 -9.31
CA PHE C 549 -27.42 -30.52 -8.05
C PHE C 549 -27.24 -32.01 -8.35
N GLN C 550 -26.02 -32.36 -8.76
CA GLN C 550 -25.73 -33.74 -9.11
C GLN C 550 -25.62 -34.60 -7.85
N HIS C 551 -26.73 -34.78 -7.13
CA HIS C 551 -26.75 -35.64 -5.97
C HIS C 551 -28.13 -36.26 -5.90
N PRO C 552 -28.24 -37.54 -5.49
CA PRO C 552 -29.56 -38.19 -5.49
C PRO C 552 -30.58 -37.43 -4.66
N ASP C 553 -30.26 -37.19 -3.38
CA ASP C 553 -31.21 -36.54 -2.50
C ASP C 553 -31.65 -35.19 -3.05
N LEU C 554 -30.74 -34.46 -3.67
CA LEU C 554 -31.04 -33.15 -4.25
C LEU C 554 -31.34 -33.28 -5.74
N ALA C 555 -32.45 -33.96 -6.03
CA ALA C 555 -32.85 -34.19 -7.41
C ALA C 555 -34.37 -34.32 -7.46
N VAL C 556 -34.93 -33.87 -8.58
CA VAL C 556 -36.37 -33.93 -8.80
C VAL C 556 -36.75 -34.71 -10.05
N LEU C 557 -35.79 -35.08 -10.88
CA LEU C 557 -36.07 -35.81 -12.10
C LEU C 557 -36.44 -37.26 -11.81
N ARG C 558 -37.03 -37.90 -12.81
CA ARG C 558 -37.49 -39.27 -12.68
C ARG C 558 -36.36 -40.24 -13.01
N ASP C 559 -36.64 -41.53 -12.86
CA ASP C 559 -35.63 -42.55 -13.07
C ASP C 559 -35.16 -42.63 -14.52
N GLU C 560 -35.97 -42.17 -15.48
CA GLU C 560 -35.61 -42.35 -16.88
C GLU C 560 -34.45 -41.43 -17.28
N LYS C 561 -34.64 -40.12 -17.14
CA LYS C 561 -33.59 -39.20 -17.52
C LYS C 561 -32.37 -39.35 -16.62
N THR C 562 -32.60 -39.68 -15.36
CA THR C 562 -31.49 -39.96 -14.46
C THR C 562 -30.71 -41.18 -14.93
N ALA C 563 -31.40 -42.22 -15.38
CA ALA C 563 -30.73 -43.42 -15.88
C ALA C 563 -29.92 -43.11 -17.13
N ILE C 564 -30.49 -42.33 -18.04
CA ILE C 564 -29.76 -41.99 -19.26
C ILE C 564 -28.51 -41.18 -18.91
N THR C 565 -28.66 -40.22 -18.01
CA THR C 565 -27.52 -39.42 -17.59
C THR C 565 -26.46 -40.28 -16.92
N LYS C 566 -26.89 -41.26 -16.13
CA LYS C 566 -25.96 -42.17 -15.48
C LYS C 566 -25.22 -43.02 -16.49
N GLY C 567 -25.93 -43.48 -17.53
CA GLY C 567 -25.29 -44.24 -18.57
C GLY C 567 -24.25 -43.42 -19.32
N TYR C 568 -24.57 -42.16 -19.61
CA TYR C 568 -23.59 -41.31 -20.29
C TYR C 568 -22.39 -41.05 -19.38
N GLU C 569 -22.62 -40.89 -18.07
CA GLU C 569 -21.48 -40.78 -17.17
C GLU C 569 -20.62 -42.05 -17.23
N ALA C 570 -21.27 -43.20 -17.25
CA ALA C 570 -20.51 -44.45 -17.28
C ALA C 570 -19.69 -44.54 -18.56
N LEU C 571 -20.27 -44.11 -19.68
CA LEU C 571 -19.52 -44.11 -20.94
C LEU C 571 -18.34 -43.15 -20.87
N ILE C 572 -18.53 -42.00 -20.22
CA ILE C 572 -17.45 -41.06 -20.05
C ILE C 572 -16.43 -41.53 -19.03
N LYS C 573 -16.76 -42.56 -18.26
CA LYS C 573 -15.83 -43.11 -17.29
C LYS C 573 -14.83 -44.07 -17.92
N ARG C 574 -15.06 -44.49 -19.16
CA ARG C 574 -14.14 -45.33 -19.91
C ARG C 574 -13.21 -44.52 -20.78
N LEU C 575 -13.23 -43.19 -20.64
CA LEU C 575 -12.37 -42.30 -21.40
C LEU C 575 -10.98 -42.17 -20.81
N GLY C 576 -10.72 -42.80 -19.66
CA GLY C 576 -9.40 -42.78 -19.06
C GLY C 576 -8.38 -43.57 -19.85
N THR C 577 -7.13 -43.41 -19.45
CA THR C 577 -6.04 -44.09 -20.13
C THR C 577 -6.11 -45.59 -19.93
N GLY C 578 -5.26 -46.30 -20.66
CA GLY C 578 -5.14 -47.73 -20.56
C GLY C 578 -5.81 -48.44 -21.73
N ASP C 579 -5.35 -49.65 -21.99
CA ASP C 579 -5.87 -50.43 -23.09
C ASP C 579 -7.32 -50.82 -22.82
N ASN C 580 -8.02 -51.18 -23.90
CA ASN C 580 -9.43 -51.53 -23.84
C ASN C 580 -10.28 -50.31 -23.51
N ASP C 581 -9.84 -49.13 -23.95
CA ASP C 581 -10.56 -47.89 -23.71
C ASP C 581 -10.71 -47.14 -25.03
N ILE C 582 -11.64 -46.19 -25.03
CA ILE C 582 -12.05 -45.46 -26.23
C ILE C 582 -10.86 -44.79 -26.89
N PRO C 583 -10.09 -43.94 -26.19
CA PRO C 583 -8.96 -43.28 -26.86
C PRO C 583 -7.92 -44.25 -27.41
N SER C 584 -7.55 -45.27 -26.63
CA SER C 584 -6.55 -46.22 -27.12
C SER C 584 -7.07 -46.98 -28.32
N LEU C 585 -8.35 -47.37 -28.29
CA LEU C 585 -8.93 -48.06 -29.42
C LEU C 585 -8.94 -47.17 -30.66
N ILE C 586 -9.22 -45.88 -30.47
CA ILE C 586 -9.19 -44.94 -31.59
C ILE C 586 -7.79 -44.84 -32.17
N ALA C 587 -6.79 -44.85 -31.30
CA ALA C 587 -5.41 -44.80 -31.79
C ALA C 587 -5.10 -46.03 -32.63
N LYS C 588 -5.59 -47.19 -32.20
CA LYS C 588 -5.43 -48.43 -32.94
C LYS C 588 -6.50 -48.62 -34.01
N LYS C 589 -7.33 -47.61 -34.24
CA LYS C 589 -8.37 -47.62 -35.26
C LYS C 589 -9.33 -48.80 -35.13
N ASP C 590 -9.37 -49.43 -33.96
CA ASP C 590 -10.23 -50.59 -33.74
C ASP C 590 -11.62 -50.13 -33.30
N TYR C 591 -12.34 -49.55 -34.26
CA TYR C 591 -13.69 -49.09 -33.97
C TYR C 591 -14.61 -50.25 -33.63
N LEU C 592 -14.33 -51.43 -34.18
CA LEU C 592 -15.23 -52.57 -33.98
C LEU C 592 -15.36 -52.90 -32.51
N SER C 593 -14.26 -52.80 -31.76
CA SER C 593 -14.30 -53.13 -30.34
C SER C 593 -15.27 -52.21 -29.59
N LEU C 594 -15.39 -50.96 -30.03
CA LEU C 594 -16.24 -50.02 -29.32
C LEU C 594 -17.67 -50.53 -29.22
N TYR C 595 -18.10 -51.31 -30.21
CA TYR C 595 -19.47 -51.78 -30.26
C TYR C 595 -19.79 -52.84 -29.22
N ASN C 596 -18.79 -53.38 -28.52
CA ASN C 596 -19.01 -54.40 -27.52
C ASN C 596 -18.54 -53.97 -26.13
N LEU C 597 -18.33 -52.68 -25.93
CA LEU C 597 -17.91 -52.19 -24.63
C LEU C 597 -19.02 -52.46 -23.59
N PRO C 598 -18.67 -52.63 -22.32
CA PRO C 598 -19.71 -52.94 -21.33
C PRO C 598 -20.78 -51.87 -21.20
N GLU C 599 -20.40 -50.60 -21.33
CA GLU C 599 -21.34 -49.53 -21.05
C GLU C 599 -22.38 -49.42 -22.15
N VAL C 600 -22.03 -49.81 -23.37
CA VAL C 600 -23.03 -49.81 -24.43
C VAL C 600 -24.00 -50.96 -24.19
N LYS C 601 -23.51 -52.07 -23.66
CA LYS C 601 -24.40 -53.19 -23.34
C LYS C 601 -25.37 -52.78 -22.24
N LEU C 602 -24.89 -52.05 -21.24
CA LEU C 602 -25.78 -51.57 -20.19
C LEU C 602 -26.79 -50.56 -20.72
N MET C 603 -26.38 -49.72 -21.66
CA MET C 603 -27.25 -48.65 -22.16
C MET C 603 -28.18 -49.11 -23.28
N ALA C 604 -27.95 -50.30 -23.84
CA ALA C 604 -28.76 -50.74 -24.97
C ALA C 604 -30.24 -50.88 -24.63
N PRO C 605 -30.64 -51.38 -23.46
CA PRO C 605 -32.07 -51.57 -23.21
C PRO C 605 -32.87 -50.30 -23.38
N LEU C 606 -32.28 -49.16 -23.01
CA LEU C 606 -32.99 -47.89 -23.11
C LEU C 606 -33.33 -47.59 -24.56
N ILE C 607 -32.44 -47.92 -25.48
CA ILE C 607 -32.63 -47.56 -26.89
C ILE C 607 -33.98 -48.06 -27.36
N ARG C 608 -34.67 -47.23 -28.12
CA ARG C 608 -35.98 -47.55 -28.64
C ARG C 608 -35.86 -48.82 -29.49
N PRO C 609 -36.47 -49.93 -29.07
CA PRO C 609 -36.24 -51.20 -29.77
C PRO C 609 -36.82 -51.26 -31.17
N ASN C 610 -37.84 -50.48 -31.50
CA ASN C 610 -38.49 -50.62 -32.80
C ASN C 610 -37.51 -50.39 -33.94
N ARG C 611 -36.67 -49.36 -33.84
CA ARG C 611 -35.76 -49.01 -34.91
C ARG C 611 -34.32 -48.96 -34.41
N LYS C 612 -34.03 -49.73 -33.38
CA LYS C 612 -32.70 -49.74 -32.81
C LYS C 612 -31.67 -50.12 -33.87
N GLY C 613 -32.00 -51.10 -34.70
CA GLY C 613 -31.04 -51.55 -35.69
C GLY C 613 -30.71 -50.42 -36.65
N VAL C 614 -31.74 -49.71 -37.10
CA VAL C 614 -31.48 -48.66 -38.08
C VAL C 614 -30.58 -47.62 -37.44
N TYR C 615 -30.87 -47.25 -36.20
CA TYR C 615 -30.05 -46.24 -35.56
C TYR C 615 -28.62 -46.73 -35.47
N SER C 616 -28.45 -48.01 -35.13
CA SER C 616 -27.10 -48.53 -34.98
C SER C 616 -26.36 -48.43 -36.29
N ARG C 617 -27.05 -48.71 -37.39
CA ARG C 617 -26.37 -48.69 -38.67
C ARG C 617 -25.82 -47.30 -38.93
N VAL C 618 -26.65 -46.28 -38.72
CA VAL C 618 -26.17 -44.96 -39.07
C VAL C 618 -25.01 -44.60 -38.17
N ALA C 619 -25.11 -44.91 -36.89
CA ALA C 619 -24.04 -44.47 -36.02
C ALA C 619 -22.85 -45.37 -36.21
N ARG C 620 -23.09 -46.62 -36.57
CA ARG C 620 -21.98 -47.53 -36.76
C ARG C 620 -21.23 -47.10 -38.00
N LYS C 621 -21.92 -46.43 -38.92
CA LYS C 621 -21.24 -45.87 -40.07
C LYS C 621 -20.45 -44.63 -39.67
N LEU C 622 -21.09 -43.72 -38.93
CA LEU C 622 -20.45 -42.45 -38.64
C LEU C 622 -19.14 -42.65 -37.92
N VAL C 623 -19.13 -43.51 -36.91
CA VAL C 623 -17.91 -43.68 -36.13
C VAL C 623 -16.78 -44.10 -37.04
N SER C 624 -17.05 -45.03 -37.96
CA SER C 624 -15.99 -45.51 -38.83
C SER C 624 -15.42 -44.35 -39.61
N THR C 625 -16.29 -43.55 -40.21
CA THR C 625 -15.80 -42.42 -41.00
C THR C 625 -14.96 -41.51 -40.13
N GLN C 626 -15.43 -41.25 -38.91
CA GLN C 626 -14.66 -40.42 -37.99
C GLN C 626 -13.36 -41.11 -37.59
N VAL C 627 -13.42 -42.40 -37.30
CA VAL C 627 -12.27 -43.10 -36.77
C VAL C 627 -11.20 -43.26 -37.84
N THR C 628 -11.60 -43.71 -39.03
CA THR C 628 -10.61 -44.04 -40.06
C THR C 628 -9.91 -42.79 -40.58
N THR C 629 -10.69 -41.76 -40.86
CA THR C 629 -10.14 -40.56 -41.49
C THR C 629 -9.14 -39.86 -40.58
N GLY C 630 -9.41 -39.85 -39.28
CA GLY C 630 -8.60 -39.10 -38.34
C GLY C 630 -9.22 -37.77 -37.95
N HIS C 631 -10.36 -37.42 -38.53
CA HIS C 631 -11.12 -36.24 -38.14
C HIS C 631 -12.42 -36.72 -37.50
N TYR C 632 -12.55 -36.47 -36.20
CA TYR C 632 -13.65 -37.00 -35.43
C TYR C 632 -14.12 -35.96 -34.42
N SER C 633 -15.34 -36.15 -33.93
CA SER C 633 -15.91 -35.28 -32.91
C SER C 633 -16.17 -36.14 -31.68
N LEU C 634 -15.28 -36.02 -30.70
CA LEU C 634 -15.36 -36.85 -29.50
C LEU C 634 -16.75 -36.80 -28.90
N HIS C 635 -17.34 -35.61 -28.88
CA HIS C 635 -18.64 -35.44 -28.26
C HIS C 635 -19.71 -36.22 -29.02
N GLU C 636 -19.67 -36.14 -30.34
CA GLU C 636 -20.63 -36.90 -31.15
C GLU C 636 -20.41 -38.40 -30.98
N LEU C 637 -19.15 -38.84 -30.90
CA LEU C 637 -18.89 -40.26 -30.70
C LEU C 637 -19.52 -40.73 -29.40
N ILE C 638 -19.30 -40.00 -28.32
CA ILE C 638 -19.90 -40.40 -27.05
C ILE C 638 -21.40 -40.37 -27.15
N LYS C 639 -21.92 -39.40 -27.90
CA LYS C 639 -23.36 -39.26 -28.04
C LYS C 639 -23.99 -40.47 -28.72
N VAL C 640 -23.30 -41.03 -29.71
CA VAL C 640 -23.89 -42.05 -30.57
C VAL C 640 -23.35 -43.45 -30.32
N LEU C 641 -22.46 -43.64 -29.35
CA LEU C 641 -22.01 -45.00 -29.09
C LEU C 641 -23.09 -45.90 -28.50
N PRO C 642 -24.07 -45.35 -27.77
CA PRO C 642 -25.09 -46.23 -27.18
C PRO C 642 -25.90 -47.01 -28.20
N PHE C 643 -25.96 -46.57 -29.44
CA PHE C 643 -26.80 -47.21 -30.44
C PHE C 643 -26.08 -48.30 -31.22
N THR C 644 -24.77 -48.44 -31.03
CA THR C 644 -23.97 -49.38 -31.82
C THR C 644 -23.91 -50.77 -31.19
N TYR C 645 -24.80 -51.07 -30.26
CA TYR C 645 -24.81 -52.40 -29.65
C TYR C 645 -25.42 -53.44 -30.56
N PHE C 646 -26.51 -53.09 -31.24
CA PHE C 646 -27.32 -54.06 -31.94
C PHE C 646 -26.85 -54.25 -33.38
N ALA C 647 -27.31 -55.35 -33.97
CA ALA C 647 -26.97 -55.65 -35.34
C ALA C 647 -27.57 -54.59 -36.27
N PRO C 648 -26.82 -54.09 -37.25
CA PRO C 648 -27.39 -53.18 -38.23
C PRO C 648 -28.55 -53.83 -38.96
N LYS C 649 -29.43 -52.96 -39.47
CA LYS C 649 -30.58 -53.41 -40.26
C LYS C 649 -30.80 -52.40 -41.38
N GLN C 650 -31.95 -52.52 -42.04
CA GLN C 650 -32.32 -51.65 -43.13
C GLN C 650 -33.55 -50.85 -42.72
N GLY C 651 -33.63 -49.61 -43.17
CA GLY C 651 -34.74 -48.75 -42.81
C GLY C 651 -34.44 -47.32 -43.15
N MET C 652 -35.46 -46.48 -42.98
CA MET C 652 -35.36 -45.07 -43.31
C MET C 652 -34.94 -44.29 -42.07
N PHE C 653 -33.93 -43.44 -42.23
CA PHE C 653 -33.45 -42.60 -41.15
C PHE C 653 -34.07 -41.22 -41.29
N GLU C 654 -34.96 -40.87 -40.35
CA GLU C 654 -35.55 -39.53 -40.38
C GLU C 654 -34.51 -38.46 -40.07
N GLY C 655 -33.66 -38.70 -39.07
CA GLY C 655 -32.69 -37.71 -38.68
C GLY C 655 -32.40 -37.67 -37.19
N ARG C 656 -33.23 -38.34 -36.39
CA ARG C 656 -33.11 -38.28 -34.94
C ARG C 656 -33.02 -39.67 -34.35
N LEU C 657 -32.21 -39.81 -33.30
CA LEU C 657 -31.97 -41.08 -32.62
C LEU C 657 -32.70 -41.05 -31.28
N PHE C 658 -33.84 -41.70 -31.22
CA PHE C 658 -34.70 -41.68 -30.04
C PHE C 658 -34.26 -42.69 -28.99
N PHE C 659 -34.73 -42.45 -27.77
CA PHE C 659 -34.66 -43.40 -26.67
C PHE C 659 -36.05 -44.02 -26.45
N SER C 660 -36.20 -44.75 -25.36
CA SER C 660 -37.47 -45.35 -24.98
C SER C 660 -38.34 -44.39 -24.18
N ASN C 661 -37.91 -43.15 -23.99
CA ASN C 661 -38.61 -42.19 -23.14
C ASN C 661 -39.04 -40.95 -23.90
N ASP C 662 -39.14 -41.04 -25.22
CA ASP C 662 -39.62 -39.96 -26.08
C ASP C 662 -38.64 -38.80 -26.16
N SER C 663 -37.40 -39.02 -25.76
CA SER C 663 -36.34 -38.03 -25.85
C SER C 663 -35.32 -38.51 -26.87
N PHE C 664 -34.93 -37.63 -27.79
CA PHE C 664 -34.08 -38.00 -28.90
C PHE C 664 -32.79 -37.20 -28.87
N VAL C 665 -31.89 -37.56 -29.78
CA VAL C 665 -30.68 -36.78 -30.03
C VAL C 665 -30.44 -36.75 -31.53
N GLU C 666 -30.37 -35.58 -32.07
CA GLU C 666 -30.08 -35.39 -33.48
C GLU C 666 -28.57 -35.30 -33.68
N PRO C 667 -28.00 -36.03 -34.64
CA PRO C 667 -26.53 -36.07 -34.77
C PRO C 667 -25.93 -34.81 -35.35
N GLY C 668 -25.62 -33.85 -34.49
CA GLY C 668 -24.92 -32.65 -34.91
C GLY C 668 -25.38 -31.38 -34.24
N VAL C 669 -26.69 -31.23 -34.05
CA VAL C 669 -27.24 -30.00 -33.50
C VAL C 669 -27.58 -30.21 -32.04
N ASN C 670 -27.13 -29.29 -31.19
CA ASN C 670 -27.33 -29.41 -29.75
C ASN C 670 -28.80 -29.31 -29.38
N ASN C 671 -29.21 -30.10 -28.41
CA ASN C 671 -30.58 -30.09 -27.89
C ASN C 671 -30.50 -30.28 -26.38
N ASN C 672 -31.62 -30.03 -25.70
CA ASN C 672 -31.63 -30.09 -24.24
C ASN C 672 -31.14 -31.44 -23.74
N VAL C 673 -31.47 -32.52 -24.44
CA VAL C 673 -31.14 -33.85 -23.94
C VAL C 673 -29.64 -34.05 -23.93
N PHE C 674 -28.96 -33.52 -24.94
CA PHE C 674 -27.50 -33.58 -25.01
C PHE C 674 -27.02 -32.33 -25.71
N SER C 675 -26.25 -31.50 -25.01
CA SER C 675 -25.74 -30.24 -25.58
C SER C 675 -24.24 -30.18 -25.34
N TRP C 676 -23.53 -29.28 -25.99
CA TRP C 676 -22.07 -29.03 -25.78
C TRP C 676 -21.84 -27.65 -26.39
N SER C 677 -20.61 -27.14 -26.42
CA SER C 677 -20.28 -25.88 -27.12
C SER C 677 -18.80 -25.95 -27.44
N LYS C 678 -18.35 -25.42 -28.58
CA LYS C 678 -16.92 -25.37 -28.87
C LYS C 678 -16.19 -24.44 -27.92
N ALA C 679 -16.90 -23.49 -27.31
CA ALA C 679 -16.29 -22.62 -26.33
C ALA C 679 -15.84 -23.41 -25.11
N ASP C 680 -16.77 -24.08 -24.44
CA ASP C 680 -16.50 -24.93 -23.29
C ASP C 680 -16.67 -26.37 -23.75
N SER C 681 -15.61 -26.95 -24.29
CA SER C 681 -15.64 -28.32 -24.78
C SER C 681 -15.46 -29.34 -23.67
N SER C 682 -15.47 -28.92 -22.41
CA SER C 682 -15.24 -29.79 -21.28
C SER C 682 -16.50 -29.93 -20.42
N LYS C 683 -17.67 -29.80 -21.04
CA LYS C 683 -18.93 -29.94 -20.34
C LYS C 683 -19.93 -30.60 -21.27
N ILE C 684 -20.75 -31.49 -20.72
CA ILE C 684 -21.85 -32.10 -21.43
C ILE C 684 -23.11 -31.84 -20.63
N TYR C 685 -24.11 -31.24 -21.27
CA TYR C 685 -25.34 -30.85 -20.59
C TYR C 685 -26.42 -31.86 -20.94
N CYS C 686 -26.62 -32.83 -20.05
CA CYS C 686 -27.67 -33.83 -20.18
C CYS C 686 -28.83 -33.45 -19.26
N HIS C 687 -29.96 -33.06 -19.85
CA HIS C 687 -31.13 -32.63 -19.08
C HIS C 687 -30.73 -31.62 -18.02
N GLY C 688 -29.95 -30.63 -18.44
CA GLY C 688 -29.50 -29.60 -17.51
C GLY C 688 -28.62 -30.14 -16.40
N ILE C 689 -27.80 -31.13 -16.72
CA ILE C 689 -26.83 -31.68 -15.77
C ILE C 689 -25.44 -31.60 -16.39
N ALA C 690 -24.50 -31.03 -15.64
CA ALA C 690 -23.15 -30.82 -16.13
C ALA C 690 -22.32 -32.08 -15.88
N ILE C 691 -21.83 -32.68 -16.96
CA ILE C 691 -20.98 -33.87 -16.89
C ILE C 691 -19.59 -33.50 -17.36
N ARG C 692 -18.65 -33.46 -16.42
CA ARG C 692 -17.25 -33.22 -16.77
C ARG C 692 -16.68 -34.39 -17.56
N VAL C 693 -16.06 -34.09 -18.69
CA VAL C 693 -15.29 -35.06 -19.46
C VAL C 693 -13.82 -34.92 -19.09
N PRO C 694 -13.10 -36.01 -18.81
CA PRO C 694 -11.67 -35.89 -18.56
C PRO C 694 -10.91 -35.38 -19.77
N LEU C 695 -9.73 -34.80 -19.48
CA LEU C 695 -8.88 -34.22 -20.51
C LEU C 695 -7.71 -35.14 -20.82
N VAL C 696 -7.99 -36.21 -21.54
CA VAL C 696 -6.98 -37.21 -21.85
C VAL C 696 -6.58 -37.22 -23.32
N VAL C 697 -7.36 -36.61 -24.20
CA VAL C 697 -7.06 -36.66 -25.62
C VAL C 697 -7.73 -35.50 -26.33
N GLY C 698 -6.98 -34.81 -27.19
CA GLY C 698 -7.53 -33.69 -27.90
C GLY C 698 -8.43 -34.09 -29.05
N ASP C 699 -9.24 -33.12 -29.49
CA ASP C 699 -10.13 -33.25 -30.61
C ASP C 699 -9.93 -32.04 -31.52
N GLU C 700 -10.46 -32.12 -32.73
CA GLU C 700 -10.15 -31.11 -33.75
C GLU C 700 -10.42 -29.70 -33.24
N HIS C 701 -11.52 -29.49 -32.52
CA HIS C 701 -11.80 -28.17 -31.99
C HIS C 701 -10.95 -27.88 -30.75
N MET C 702 -11.07 -28.75 -29.74
CA MET C 702 -10.39 -28.57 -28.47
C MET C 702 -8.87 -28.76 -28.57
N ASP C 703 -8.35 -29.21 -29.70
CA ASP C 703 -6.95 -29.59 -29.76
C ASP C 703 -6.06 -28.44 -29.29
N THR C 704 -5.20 -28.73 -28.32
CA THR C 704 -4.22 -27.78 -27.80
C THR C 704 -3.36 -28.49 -26.77
N SER C 705 -2.40 -27.77 -26.17
CA SER C 705 -1.55 -28.38 -25.16
C SER C 705 -2.33 -28.78 -23.92
N LEU C 706 -3.45 -28.12 -23.64
CA LEU C 706 -4.15 -28.32 -22.38
C LEU C 706 -4.97 -29.61 -22.34
N ALA C 707 -5.53 -30.02 -23.48
CA ALA C 707 -6.50 -31.10 -23.49
C ALA C 707 -5.91 -32.45 -23.11
N LEU C 708 -4.60 -32.54 -22.87
CA LEU C 708 -3.95 -33.79 -22.54
C LEU C 708 -3.37 -33.81 -21.14
N LEU C 709 -3.39 -32.68 -20.43
CA LEU C 709 -2.62 -32.56 -19.19
C LEU C 709 -3.07 -33.58 -18.15
N GLU C 710 -4.38 -33.84 -18.07
CA GLU C 710 -4.88 -34.74 -17.05
C GLU C 710 -4.33 -36.15 -17.23
N GLY C 711 -4.16 -36.59 -18.47
CA GLY C 711 -3.69 -37.94 -18.70
C GLY C 711 -2.33 -38.21 -18.07
N PHE C 712 -1.42 -37.25 -18.21
CA PHE C 712 -0.06 -37.43 -17.71
C PHE C 712 0.01 -37.28 -16.20
N SER C 713 1.04 -37.88 -15.62
CA SER C 713 1.33 -37.77 -14.20
C SER C 713 2.82 -38.00 -14.00
N VAL C 714 3.29 -37.66 -12.82
CA VAL C 714 4.71 -37.78 -12.51
C VAL C 714 4.97 -39.18 -12.00
N CYS C 715 6.21 -39.64 -12.14
CA CYS C 715 6.60 -40.97 -11.72
C CYS C 715 8.07 -40.97 -11.33
N GLU C 716 8.55 -42.16 -10.94
CA GLU C 716 9.93 -42.32 -10.56
C GLU C 716 10.87 -41.93 -11.70
N ASN C 717 11.93 -41.20 -11.34
CA ASN C 717 12.85 -40.71 -12.34
C ASN C 717 13.53 -41.87 -13.05
N ASP C 718 13.54 -41.82 -14.38
CA ASP C 718 14.27 -42.79 -15.19
C ASP C 718 15.06 -42.00 -16.23
N PRO C 719 16.39 -42.04 -16.22
CA PRO C 719 17.16 -41.25 -17.17
C PRO C 719 17.24 -41.88 -18.56
N ARG C 720 16.71 -43.09 -18.72
CA ARG C 720 16.76 -43.76 -20.02
C ARG C 720 15.71 -43.20 -20.97
N ALA C 721 14.54 -42.86 -20.43
CA ALA C 721 13.45 -42.36 -21.26
C ALA C 721 13.90 -41.11 -22.01
N PRO C 722 13.27 -40.83 -23.14
CA PRO C 722 13.72 -39.72 -23.98
C PRO C 722 13.26 -38.38 -23.43
N MET C 723 13.86 -37.33 -23.96
CA MET C 723 13.51 -35.96 -23.64
C MET C 723 12.81 -35.35 -24.84
N VAL C 724 11.55 -34.98 -24.68
CA VAL C 724 10.71 -34.58 -25.81
C VAL C 724 10.24 -33.15 -25.63
N THR C 725 9.65 -32.62 -26.69
CA THR C 725 9.04 -31.30 -26.68
C THR C 725 7.64 -31.39 -26.10
N ARG C 726 7.12 -30.23 -25.71
CA ARG C 726 5.76 -30.18 -25.17
C ARG C 726 4.74 -30.62 -26.22
N GLN C 727 4.94 -30.22 -27.48
CA GLN C 727 3.98 -30.62 -28.50
C GLN C 727 4.03 -32.11 -28.75
N ASP C 728 5.22 -32.71 -28.64
CA ASP C 728 5.35 -34.13 -28.94
C ASP C 728 4.61 -34.97 -27.93
N LEU C 729 4.11 -34.35 -26.87
CA LEU C 729 3.30 -35.08 -25.90
C LEU C 729 2.12 -35.73 -26.60
N ILE C 730 1.61 -35.10 -27.66
CA ILE C 730 0.48 -35.67 -28.38
C ILE C 730 0.81 -37.04 -28.94
N ASP C 731 2.08 -37.26 -29.27
CA ASP C 731 2.49 -38.46 -29.98
C ASP C 731 2.89 -39.61 -29.05
N VAL C 732 2.99 -39.35 -27.75
CA VAL C 732 3.49 -40.36 -26.84
C VAL C 732 2.48 -41.48 -26.70
N GLY C 733 2.98 -42.69 -26.49
CA GLY C 733 2.13 -43.84 -26.29
C GLY C 733 1.54 -43.89 -24.90
N PHE C 734 0.37 -44.52 -24.80
CA PHE C 734 -0.22 -44.72 -23.49
C PHE C 734 0.65 -45.64 -22.65
N GLY C 735 0.81 -45.30 -21.38
CA GLY C 735 1.70 -46.06 -20.53
C GLY C 735 3.14 -46.03 -20.99
N GLN C 736 3.63 -44.86 -21.39
CA GLN C 736 5.02 -44.70 -21.80
C GLN C 736 5.64 -43.55 -21.02
N LYS C 737 6.83 -43.79 -20.49
CA LYS C 737 7.52 -42.80 -19.68
C LYS C 737 8.26 -41.81 -20.58
N VAL C 738 8.44 -40.59 -20.08
CA VAL C 738 9.18 -39.59 -20.83
C VAL C 738 9.63 -38.48 -19.89
N ARG C 739 10.86 -38.03 -20.09
CA ARG C 739 11.38 -36.90 -19.34
C ARG C 739 10.97 -35.60 -20.01
N LEU C 740 10.82 -34.55 -19.20
CA LEU C 740 10.29 -33.30 -19.70
C LEU C 740 10.67 -32.14 -18.78
N PHE C 741 11.13 -31.06 -19.41
CA PHE C 741 11.33 -29.80 -18.71
C PHE C 741 9.98 -29.21 -18.33
N VAL C 742 9.85 -28.77 -17.08
CA VAL C 742 8.63 -28.22 -16.56
C VAL C 742 8.94 -26.90 -15.88
N GLY C 743 8.12 -25.90 -16.15
CA GLY C 743 8.31 -24.62 -15.52
C GLY C 743 9.72 -24.11 -15.75
N GLN C 744 10.38 -23.73 -14.66
CA GLN C 744 11.73 -23.21 -14.71
C GLN C 744 12.63 -24.09 -13.84
N GLY C 745 13.79 -24.47 -14.39
CA GLY C 745 14.75 -25.24 -13.61
C GLY C 745 14.18 -26.45 -12.93
N SER C 746 13.31 -27.18 -13.63
CA SER C 746 12.78 -28.44 -13.13
C SER C 746 12.70 -29.42 -14.28
N VAL C 747 13.38 -30.56 -14.15
CA VAL C 747 13.30 -31.65 -15.11
C VAL C 747 12.64 -32.82 -14.41
N ARG C 748 11.50 -33.28 -14.93
CA ARG C 748 10.74 -34.33 -14.27
C ARG C 748 10.47 -35.46 -15.26
N THR C 749 9.74 -36.46 -14.78
CA THR C 749 9.42 -37.64 -15.57
C THR C 749 7.92 -37.89 -15.50
N PHE C 750 7.29 -38.01 -16.67
CA PHE C 750 5.85 -38.14 -16.80
C PHE C 750 5.49 -39.46 -17.46
N LYS C 751 4.44 -40.09 -16.93
CA LYS C 751 3.89 -41.32 -17.46
C LYS C 751 2.41 -41.11 -17.80
N ARG C 752 2.03 -41.46 -19.02
CA ARG C 752 0.72 -41.14 -19.56
C ARG C 752 -0.38 -42.07 -19.05
N THR C 753 -0.53 -42.12 -17.72
CA THR C 753 -1.59 -42.90 -17.10
C THR C 753 -2.28 -42.03 -16.04
N ALA C 754 -3.59 -41.90 -16.16
CA ALA C 754 -4.36 -41.01 -15.29
C ALA C 754 -4.51 -41.66 -13.93
N SER C 755 -3.87 -41.07 -12.91
CA SER C 755 -3.94 -41.56 -11.54
C SER C 755 -4.21 -40.37 -10.62
N GLN C 756 -5.49 -40.00 -10.49
CA GLN C 756 -5.92 -38.93 -9.59
C GLN C 756 -7.11 -39.44 -8.79
N ARG C 757 -6.83 -40.23 -7.78
CA ARG C 757 -7.87 -40.69 -6.88
C ARG C 757 -8.29 -39.55 -5.96
N ALA C 758 -9.45 -39.70 -5.34
CA ALA C 758 -9.92 -38.71 -4.38
C ALA C 758 -9.01 -38.72 -3.15
N ALA C 759 -8.42 -37.58 -2.81
CA ALA C 759 -7.58 -37.50 -1.63
C ALA C 759 -8.43 -37.25 -0.38
N SER C 760 -9.43 -36.38 -0.52
CA SER C 760 -10.28 -36.03 0.61
C SER C 760 -10.98 -37.26 1.16
N SER C 761 -11.57 -38.07 0.28
CA SER C 761 -12.34 -39.22 0.75
C SER C 761 -11.47 -40.18 1.54
N ASP C 762 -10.30 -40.51 1.00
CA ASP C 762 -9.43 -41.47 1.67
C ASP C 762 -8.94 -40.94 3.00
N VAL C 763 -8.52 -39.67 3.02
CA VAL C 763 -8.03 -39.10 4.27
C VAL C 763 -9.13 -39.09 5.32
N ASN C 764 -10.34 -38.70 4.92
CA ASN C 764 -11.46 -38.67 5.85
C ASN C 764 -11.72 -40.06 6.41
N LYS C 765 -11.73 -41.07 5.54
CA LYS C 765 -12.02 -42.42 5.99
C LYS C 765 -10.98 -42.87 7.02
N ASN C 766 -9.71 -42.62 6.72
CA ASN C 766 -8.66 -43.04 7.64
C ASN C 766 -8.80 -42.32 8.97
N VAL C 767 -9.16 -41.04 8.93
CA VAL C 767 -9.29 -40.28 10.16
C VAL C 767 -10.46 -40.81 10.98
N LYS C 768 -11.56 -41.18 10.32
CA LYS C 768 -12.68 -41.77 11.06
C LYS C 768 -12.26 -43.08 11.70
N LYS C 769 -11.49 -43.89 10.98
CA LYS C 769 -11.01 -45.14 11.55
C LYS C 769 -10.12 -44.89 12.77
N ILE C 770 -9.31 -43.84 12.72
CA ILE C 770 -8.42 -43.53 13.84
C ILE C 770 -9.17 -43.27 15.13
N LYS C 771 -10.46 -42.95 15.06
CA LYS C 771 -11.23 -42.64 16.26
C LYS C 771 -11.92 -43.86 16.88
N MET C 772 -11.71 -45.05 16.34
CA MET C 772 -12.24 -46.26 16.95
C MET C 772 -11.14 -46.97 17.74
#